data_8P4H
#
_entry.id   8P4H
#
_cell.length_a   67.898
_cell.length_b   106.742
_cell.length_c   114.996
_cell.angle_alpha   90.00
_cell.angle_beta   93.18
_cell.angle_gamma   90.00
#
_symmetry.space_group_name_H-M   'P 1 21 1'
#
loop_
_entity.id
_entity.type
_entity.pdbx_description
1 polymer 'S-adenosylmethionine synthase isoform type-2'
2 non-polymer 7-chloranyl-4-[(3R)-3-fluoranylpyrrolidin-1-yl]-1-phenyl-quinazolin-2-one
3 non-polymer GLYCEROL
4 non-polymer 'MAGNESIUM ION'
5 non-polymer S-ADENOSYLMETHIONINE
6 non-polymer 'CHLORIDE ION'
7 water water
#
_entity_poly.entity_id   1
_entity_poly.type   'polypeptide(L)'
_entity_poly.pdbx_seq_one_letter_code
;MAHHHHHHSSGENLYFQGNGQLNGFHEAFIEEGTFLFTSESVGEGHPDKICDQISDAVLDAHLQQDPDAKVACETVAKTG
MILLAGEITSRAAVDYQKVVREAVKHIGYDDSSKGFDYKTCNVLVALEQQSPDIAQGVHLDRNEEDIGAGDQGLMFGYAT
DETEECMPLTIVLAHKLNAKLAELRRNGTLPWLRPDSKTQVTVQYMQDRGAVLPIRVHTIVISVQHDEEV(CSO)LDEMR
DALKEKVIKAVVPAKYLDEDTIYHLQPSGRFVIGGPQGDAGLTGRKIIVDTYGGWGAHGGGAFSGKDYTKVDRSAAYAAR
WVAKSLVKGGLCRRVLVQVSYAIGVSHPLSISIFHYGTSQKSERELLEIVKKNFDLRPGVIVRDLDLKKPIYQRTAAYGH
FGRDSFPWEVPKKLKY
;
_entity_poly.pdbx_strand_id   A,B,C,D
#
loop_
_chem_comp.id
_chem_comp.type
_chem_comp.name
_chem_comp.formula
CL non-polymer 'CHLORIDE ION' 'Cl -1'
GOL non-polymer GLYCEROL 'C3 H8 O3'
MG non-polymer 'MAGNESIUM ION' 'Mg 2'
SAM non-polymer S-ADENOSYLMETHIONINE 'C15 H22 N6 O5 S'
UM6 non-polymer 7-chloranyl-4-[(3R)-3-fluoranylpyrrolidin-1-yl]-1-phenyl-quinazolin-2-one 'C18 H15 Cl F N3 O'
#
# COMPACT_ATOMS: atom_id res chain seq x y z
N PHE A 25 8.84 -59.86 -24.58
CA PHE A 25 8.81 -58.72 -25.57
C PHE A 25 7.87 -57.57 -25.15
N HIS A 26 6.92 -57.80 -24.24
CA HIS A 26 5.88 -56.81 -23.86
C HIS A 26 6.54 -55.51 -23.34
N GLU A 27 7.61 -55.60 -22.53
CA GLU A 27 8.26 -54.39 -21.93
C GLU A 27 8.79 -53.48 -23.06
N ALA A 28 9.43 -54.06 -24.08
CA ALA A 28 9.94 -53.34 -25.27
C ALA A 28 8.79 -52.61 -25.97
N PHE A 29 7.64 -53.27 -26.15
CA PHE A 29 6.47 -52.64 -26.84
C PHE A 29 5.96 -51.47 -25.99
N ILE A 30 5.90 -51.66 -24.67
CA ILE A 30 5.44 -50.59 -23.72
C ILE A 30 6.37 -49.36 -23.86
N GLU A 31 7.67 -49.56 -23.77
CA GLU A 31 8.67 -48.45 -23.79
C GLU A 31 8.52 -47.67 -25.10
N GLU A 32 8.42 -48.39 -26.20
CA GLU A 32 8.33 -47.79 -27.54
C GLU A 32 6.93 -47.20 -27.74
N GLY A 33 5.90 -47.87 -27.27
CA GLY A 33 4.52 -47.54 -27.67
C GLY A 33 3.85 -46.56 -26.73
N THR A 34 4.47 -46.20 -25.60
CA THR A 34 3.80 -45.32 -24.60
C THR A 34 4.64 -44.06 -24.31
N PHE A 35 4.00 -43.08 -23.67
CA PHE A 35 4.70 -41.86 -23.20
C PHE A 35 3.96 -41.31 -21.99
N LEU A 36 4.67 -40.51 -21.22
CA LEU A 36 4.13 -39.82 -20.03
C LEU A 36 3.79 -38.36 -20.39
N PHE A 37 2.77 -37.85 -19.72
CA PHE A 37 2.51 -36.40 -19.74
C PHE A 37 1.98 -36.00 -18.38
N THR A 38 2.40 -34.81 -17.95
CA THR A 38 2.13 -34.31 -16.59
C THR A 38 1.39 -32.97 -16.70
N SER A 39 0.33 -32.83 -15.90
CA SER A 39 -0.42 -31.56 -15.70
C SER A 39 -0.60 -31.30 -14.21
N GLU A 40 -0.70 -30.02 -13.85
CA GLU A 40 -0.96 -29.62 -12.44
C GLU A 40 -2.24 -28.80 -12.32
N SER A 41 -2.74 -28.77 -11.10
CA SER A 41 -3.82 -27.83 -10.70
C SER A 41 -3.53 -27.32 -9.29
N VAL A 42 -4.22 -26.24 -8.92
CA VAL A 42 -4.14 -25.69 -7.55
C VAL A 42 -5.54 -25.44 -7.02
N GLY A 43 -5.67 -25.43 -5.70
CA GLY A 43 -6.93 -25.19 -5.00
C GLY A 43 -7.24 -23.71 -4.85
N GLU A 44 -8.44 -23.43 -4.38
CA GLU A 44 -8.95 -22.03 -4.25
C GLU A 44 -8.06 -21.20 -3.32
N GLY A 45 -7.42 -21.82 -2.33
CA GLY A 45 -6.58 -21.13 -1.34
C GLY A 45 -5.15 -20.97 -1.77
N HIS A 46 -4.75 -21.53 -2.93
CA HIS A 46 -3.40 -21.20 -3.46
C HIS A 46 -3.37 -19.70 -3.71
N PRO A 47 -2.30 -18.97 -3.31
CA PRO A 47 -2.32 -17.51 -3.36
C PRO A 47 -2.53 -16.92 -4.75
N ASP A 48 -2.02 -17.58 -5.82
CA ASP A 48 -2.25 -17.06 -7.19
C ASP A 48 -3.72 -17.24 -7.53
N LYS A 49 -4.32 -18.37 -7.13
CA LYS A 49 -5.75 -18.60 -7.39
C LYS A 49 -6.66 -17.71 -6.56
N ILE A 50 -6.26 -17.38 -5.34
CA ILE A 50 -7.01 -16.38 -4.53
C ILE A 50 -7.19 -15.11 -5.37
N CYS A 51 -6.09 -14.64 -5.96
CA CYS A 51 -6.08 -13.41 -6.76
C CYS A 51 -7.02 -13.54 -7.96
N ASP A 52 -6.95 -14.68 -8.67
CA ASP A 52 -7.85 -14.89 -9.83
C ASP A 52 -9.31 -14.78 -9.35
N GLN A 53 -9.65 -15.46 -8.27
CA GLN A 53 -11.04 -15.50 -7.79
C GLN A 53 -11.51 -14.09 -7.37
N ILE A 54 -10.64 -13.34 -6.69
CA ILE A 54 -10.99 -11.96 -6.23
C ILE A 54 -11.17 -11.06 -7.46
N SER A 55 -10.25 -11.14 -8.42
CA SER A 55 -10.32 -10.36 -9.68
C SER A 55 -11.67 -10.65 -10.36
N ASP A 56 -12.09 -11.92 -10.43
CA ASP A 56 -13.38 -12.27 -11.07
C ASP A 56 -14.57 -11.94 -10.19
N ALA A 57 -14.45 -12.01 -8.86
CA ALA A 57 -15.51 -11.48 -7.95
C ALA A 57 -15.73 -9.98 -8.23
N VAL A 58 -14.67 -9.23 -8.44
CA VAL A 58 -14.77 -7.77 -8.76
C VAL A 58 -15.44 -7.57 -10.11
N LEU A 59 -15.02 -8.36 -11.13
CA LEU A 59 -15.61 -8.28 -12.47
C LEU A 59 -17.11 -8.56 -12.36
N ASP A 60 -17.49 -9.64 -11.67
CA ASP A 60 -18.91 -10.04 -11.58
C ASP A 60 -19.72 -8.94 -10.84
N ALA A 61 -19.16 -8.33 -9.79
CA ALA A 61 -19.83 -7.24 -9.04
C ALA A 61 -20.15 -6.09 -10.00
N HIS A 62 -19.21 -5.71 -10.87
CA HIS A 62 -19.43 -4.65 -11.87
C HIS A 62 -20.50 -5.08 -12.86
N LEU A 63 -20.37 -6.27 -13.45
CA LEU A 63 -21.29 -6.73 -14.52
C LEU A 63 -22.72 -6.89 -13.99
N GLN A 64 -22.89 -7.24 -12.71
CA GLN A 64 -24.26 -7.35 -12.10
C GLN A 64 -24.98 -6.00 -12.23
N GLN A 65 -24.27 -4.87 -12.09
CA GLN A 65 -24.88 -3.51 -12.16
C GLN A 65 -24.77 -2.89 -13.55
N ASP A 66 -23.67 -3.12 -14.26
CA ASP A 66 -23.36 -2.46 -15.55
C ASP A 66 -22.80 -3.55 -16.49
N PRO A 67 -23.66 -4.16 -17.33
CA PRO A 67 -23.22 -5.18 -18.28
C PRO A 67 -22.11 -4.69 -19.24
N ASP A 68 -21.94 -3.38 -19.41
CA ASP A 68 -20.91 -2.78 -20.31
C ASP A 68 -19.67 -2.32 -19.57
N ALA A 69 -19.51 -2.70 -18.30
CA ALA A 69 -18.34 -2.29 -17.48
C ALA A 69 -17.05 -2.71 -18.21
N LYS A 70 -16.07 -1.81 -18.27
CA LYS A 70 -14.69 -2.10 -18.74
C LYS A 70 -13.87 -2.38 -17.49
N VAL A 71 -13.38 -3.59 -17.36
CA VAL A 71 -12.72 -4.08 -16.14
C VAL A 71 -11.39 -4.70 -16.54
N ALA A 72 -10.31 -4.28 -15.87
CA ALA A 72 -8.96 -4.86 -15.90
C ALA A 72 -8.42 -4.84 -14.48
N CYS A 73 -8.88 -5.76 -13.65
CA CYS A 73 -8.65 -5.79 -12.19
C CYS A 73 -7.59 -6.84 -11.85
N GLU A 74 -6.39 -6.41 -11.50
CA GLU A 74 -5.30 -7.26 -10.98
C GLU A 74 -5.37 -7.27 -9.46
N THR A 75 -5.16 -8.42 -8.88
CA THR A 75 -5.14 -8.65 -7.41
C THR A 75 -3.74 -9.14 -7.05
N VAL A 76 -3.24 -8.68 -5.92
CA VAL A 76 -1.96 -9.10 -5.32
C VAL A 76 -2.31 -9.58 -3.91
N ALA A 77 -1.77 -10.70 -3.49
CA ALA A 77 -2.03 -11.27 -2.16
C ALA A 77 -0.70 -11.58 -1.49
N LYS A 78 -0.47 -11.08 -0.30
CA LYS A 78 0.72 -11.46 0.51
C LYS A 78 0.28 -11.46 1.98
N THR A 79 1.16 -11.77 2.91
CA THR A 79 0.81 -11.81 4.36
C THR A 79 -0.06 -10.59 4.73
N GLY A 80 -1.30 -10.84 5.12
CA GLY A 80 -2.18 -9.82 5.69
C GLY A 80 -2.75 -8.88 4.65
N MET A 81 -2.49 -9.04 3.35
CA MET A 81 -2.80 -7.98 2.35
C MET A 81 -3.47 -8.55 1.11
N ILE A 82 -4.57 -7.92 0.70
CA ILE A 82 -5.08 -7.96 -0.69
C ILE A 82 -4.95 -6.54 -1.27
N LEU A 83 -4.25 -6.38 -2.37
CA LEU A 83 -4.21 -5.12 -3.13
C LEU A 83 -4.94 -5.29 -4.47
N LEU A 84 -5.85 -4.37 -4.82
CA LEU A 84 -6.47 -4.31 -6.17
C LEU A 84 -5.79 -3.19 -6.95
N ALA A 85 -5.33 -3.46 -8.15
CA ALA A 85 -4.66 -2.48 -9.01
C ALA A 85 -5.18 -2.69 -10.43
N GLY A 86 -5.35 -1.62 -11.19
CA GLY A 86 -5.82 -1.74 -12.58
C GLY A 86 -6.79 -0.66 -12.91
N GLU A 87 -7.61 -0.95 -13.90
CA GLU A 87 -8.38 0.08 -14.64
C GLU A 87 -9.81 -0.43 -14.74
N ILE A 88 -10.75 0.36 -14.27
CA ILE A 88 -12.21 0.05 -14.35
C ILE A 88 -12.90 1.35 -14.77
N THR A 89 -13.70 1.27 -15.81
CA THR A 89 -14.71 2.29 -16.17
C THR A 89 -16.07 1.61 -16.15
N SER A 90 -16.94 2.08 -15.26
CA SER A 90 -18.21 1.38 -14.94
C SER A 90 -19.17 2.36 -14.28
N ARG A 91 -20.46 2.19 -14.58
CA ARG A 91 -21.56 2.90 -13.89
C ARG A 91 -21.89 2.18 -12.57
N ALA A 92 -21.29 1.04 -12.26
CA ALA A 92 -21.56 0.30 -11.01
C ALA A 92 -21.05 1.08 -9.80
N ALA A 93 -21.69 0.90 -8.65
CA ALA A 93 -21.20 1.33 -7.34
C ALA A 93 -20.80 0.05 -6.60
N VAL A 94 -19.51 -0.21 -6.51
CA VAL A 94 -19.03 -1.50 -5.97
C VAL A 94 -18.27 -1.20 -4.67
N ASP A 95 -18.56 -1.97 -3.64
CA ASP A 95 -17.91 -1.84 -2.31
C ASP A 95 -16.76 -2.84 -2.35
N TYR A 96 -15.54 -2.37 -2.67
CA TYR A 96 -14.41 -3.30 -2.93
C TYR A 96 -14.03 -4.02 -1.63
N GLN A 97 -14.10 -3.36 -0.48
CA GLN A 97 -13.82 -4.01 0.85
C GLN A 97 -14.74 -5.24 1.03
N LYS A 98 -16.01 -5.07 0.79
CA LYS A 98 -17.04 -6.13 0.96
C LYS A 98 -16.78 -7.24 -0.05
N VAL A 99 -16.59 -6.89 -1.33
CA VAL A 99 -16.42 -7.93 -2.39
C VAL A 99 -15.17 -8.78 -2.08
N VAL A 100 -14.05 -8.13 -1.77
CA VAL A 100 -12.78 -8.85 -1.48
C VAL A 100 -12.96 -9.74 -0.25
N ARG A 101 -13.47 -9.16 0.85
CA ARG A 101 -13.56 -9.89 2.13
C ARG A 101 -14.53 -11.07 1.97
N GLU A 102 -15.65 -10.89 1.24
CA GLU A 102 -16.63 -11.99 1.03
C GLU A 102 -15.96 -13.11 0.18
N ALA A 103 -15.12 -12.78 -0.78
CA ALA A 103 -14.42 -13.78 -1.62
C ALA A 103 -13.45 -14.57 -0.72
N VAL A 104 -12.69 -13.89 0.13
CA VAL A 104 -11.70 -14.55 1.04
C VAL A 104 -12.46 -15.42 2.04
N LYS A 105 -13.58 -14.96 2.57
CA LYS A 105 -14.43 -15.77 3.47
C LYS A 105 -14.85 -17.05 2.73
N HIS A 106 -15.37 -16.93 1.51
CA HIS A 106 -15.85 -18.10 0.70
C HIS A 106 -14.71 -19.12 0.53
N ILE A 107 -13.51 -18.64 0.24
CA ILE A 107 -12.32 -19.51 0.02
C ILE A 107 -12.02 -20.27 1.32
N GLY A 108 -12.23 -19.63 2.47
CA GLY A 108 -12.17 -20.31 3.80
C GLY A 108 -11.12 -19.72 4.74
N TYR A 109 -10.54 -18.54 4.45
CA TYR A 109 -9.53 -17.90 5.33
C TYR A 109 -10.27 -16.99 6.31
N ASP A 110 -10.59 -17.52 7.48
CA ASP A 110 -11.45 -16.83 8.48
C ASP A 110 -10.80 -16.84 9.85
N ASP A 111 -9.49 -17.01 9.97
CA ASP A 111 -8.86 -17.02 11.32
C ASP A 111 -7.36 -16.93 11.20
N SER A 112 -6.70 -16.23 12.15
CA SER A 112 -5.22 -16.10 12.12
C SER A 112 -4.55 -17.47 12.27
N SER A 113 -5.23 -18.49 12.80
CA SER A 113 -4.69 -19.87 12.90
C SER A 113 -4.46 -20.46 11.52
N LYS A 114 -5.19 -19.98 10.49
CA LYS A 114 -5.14 -20.50 9.11
C LYS A 114 -4.18 -19.64 8.29
N GLY A 115 -3.64 -18.56 8.87
CA GLY A 115 -2.61 -17.70 8.25
C GLY A 115 -3.20 -16.48 7.60
N PHE A 116 -4.52 -16.35 7.56
CA PHE A 116 -5.21 -15.27 6.83
C PHE A 116 -6.66 -15.22 7.28
N ASP A 117 -7.20 -14.02 7.43
CA ASP A 117 -8.57 -13.81 7.96
C ASP A 117 -9.23 -12.66 7.19
N TYR A 118 -10.33 -12.95 6.52
CA TYR A 118 -11.09 -11.92 5.77
C TYR A 118 -11.55 -10.77 6.68
N LYS A 119 -11.78 -11.03 7.96
CA LYS A 119 -12.30 -10.03 8.92
C LYS A 119 -11.26 -8.95 9.21
N THR A 120 -9.98 -9.31 9.24
CA THR A 120 -8.93 -8.46 9.84
C THR A 120 -7.78 -8.22 8.85
N CYS A 121 -7.82 -8.72 7.61
CA CYS A 121 -6.74 -8.49 6.63
C CYS A 121 -6.81 -7.04 6.13
N ASN A 122 -5.70 -6.54 5.62
CA ASN A 122 -5.59 -5.23 4.91
C ASN A 122 -6.10 -5.36 3.48
N VAL A 123 -7.01 -4.51 3.06
CA VAL A 123 -7.44 -4.41 1.64
C VAL A 123 -7.10 -3.00 1.18
N LEU A 124 -6.25 -2.91 0.18
CA LEU A 124 -5.80 -1.63 -0.43
C LEU A 124 -6.34 -1.57 -1.86
N VAL A 125 -6.80 -0.42 -2.31
CA VAL A 125 -7.42 -0.27 -3.65
C VAL A 125 -6.65 0.82 -4.43
N ALA A 126 -6.13 0.46 -5.60
CA ALA A 126 -5.44 1.40 -6.50
C ALA A 126 -6.05 1.28 -7.91
N LEU A 127 -7.37 1.48 -7.99
CA LEU A 127 -8.14 1.28 -9.24
C LEU A 127 -8.43 2.66 -9.84
N GLU A 128 -8.07 2.85 -11.10
CA GLU A 128 -8.35 4.10 -11.85
C GLU A 128 -9.26 3.81 -13.03
N GLN A 129 -9.58 4.80 -13.83
CA GLN A 129 -10.39 4.62 -15.04
C GLN A 129 -9.54 3.89 -16.10
N GLN A 130 -10.20 3.23 -17.04
CA GLN A 130 -9.55 2.81 -18.32
C GLN A 130 -8.87 4.02 -18.98
N SER A 131 -7.66 3.84 -19.53
CA SER A 131 -6.99 4.87 -20.37
C SER A 131 -8.00 5.40 -21.39
N PRO A 132 -8.22 6.72 -21.51
CA PRO A 132 -9.06 7.27 -22.58
C PRO A 132 -8.49 6.99 -23.98
N ASP A 133 -7.16 6.89 -24.11
CA ASP A 133 -6.48 6.52 -25.39
C ASP A 133 -6.91 5.13 -25.81
N ILE A 134 -6.97 4.18 -24.86
CA ILE A 134 -7.49 2.80 -25.14
C ILE A 134 -8.97 2.88 -25.48
N ALA A 135 -9.79 3.54 -24.65
CA ALA A 135 -11.26 3.60 -24.85
C ALA A 135 -11.55 4.15 -26.26
N GLN A 136 -10.86 5.21 -26.69
CA GLN A 136 -11.18 5.89 -27.99
C GLN A 136 -10.73 4.96 -29.14
N GLY A 137 -9.66 4.19 -28.93
CA GLY A 137 -9.09 3.30 -29.98
C GLY A 137 -9.81 1.96 -30.12
N VAL A 138 -10.62 1.56 -29.13
CA VAL A 138 -11.25 0.20 -29.05
C VAL A 138 -12.76 0.27 -29.21
N HIS A 139 -13.47 1.04 -28.39
CA HIS A 139 -14.93 0.86 -28.25
C HIS A 139 -15.75 2.16 -28.34
N LEU A 140 -15.18 3.34 -28.09
CA LEU A 140 -16.07 4.55 -27.98
C LEU A 140 -16.71 4.84 -29.35
N ASP A 141 -18.01 5.14 -29.35
CA ASP A 141 -18.79 5.64 -30.54
C ASP A 141 -18.80 4.57 -31.66
N ARG A 142 -18.74 3.30 -31.29
CA ARG A 142 -18.87 2.15 -32.22
C ARG A 142 -20.12 1.37 -31.84
N ASN A 143 -20.85 0.88 -32.84
CA ASN A 143 -21.75 -0.28 -32.66
C ASN A 143 -20.93 -1.41 -32.03
N GLU A 144 -21.51 -2.13 -31.07
CA GLU A 144 -20.83 -3.23 -30.31
C GLU A 144 -20.25 -4.24 -31.31
N GLU A 145 -20.95 -4.56 -32.41
CA GLU A 145 -20.47 -5.53 -33.45
C GLU A 145 -19.13 -5.10 -34.06
N ASP A 146 -18.85 -3.79 -34.12
CA ASP A 146 -17.62 -3.20 -34.71
C ASP A 146 -16.55 -2.86 -33.66
N ILE A 147 -16.73 -3.25 -32.40
N ILE A 147 -16.73 -3.25 -32.40
CA ILE A 147 -15.72 -2.95 -31.35
CA ILE A 147 -15.73 -3.01 -31.33
C ILE A 147 -14.40 -3.62 -31.75
C ILE A 147 -14.39 -3.64 -31.76
N GLY A 148 -13.29 -2.91 -31.57
CA GLY A 148 -11.94 -3.42 -31.86
C GLY A 148 -11.58 -4.43 -30.79
N ALA A 149 -10.64 -5.33 -31.08
CA ALA A 149 -9.94 -6.11 -30.03
C ALA A 149 -9.45 -5.10 -28.98
N GLY A 150 -9.54 -5.45 -27.70
CA GLY A 150 -9.13 -4.54 -26.58
C GLY A 150 -7.61 -4.48 -26.45
N ASP A 151 -6.91 -5.36 -27.16
CA ASP A 151 -5.44 -5.40 -27.24
C ASP A 151 -5.05 -6.23 -28.46
N GLN A 152 -3.77 -6.22 -28.83
CA GLN A 152 -3.19 -7.23 -29.76
C GLN A 152 -3.05 -8.52 -28.95
N GLY A 153 -2.74 -9.58 -29.64
CA GLY A 153 -2.29 -10.81 -28.97
C GLY A 153 -2.70 -12.02 -29.79
N LEU A 154 -2.31 -13.17 -29.27
CA LEU A 154 -2.59 -14.48 -29.86
C LEU A 154 -3.26 -15.29 -28.77
N MET A 155 -4.10 -16.23 -29.21
CA MET A 155 -4.93 -17.07 -28.32
C MET A 155 -5.06 -18.43 -28.97
N PHE A 156 -5.19 -19.47 -28.16
CA PHE A 156 -5.37 -20.81 -28.71
C PHE A 156 -6.55 -21.47 -28.04
N GLY A 157 -7.17 -22.38 -28.80
CA GLY A 157 -8.17 -23.31 -28.27
C GLY A 157 -7.77 -24.71 -28.59
N TYR A 158 -8.14 -25.66 -27.74
CA TYR A 158 -7.73 -27.06 -27.85
C TYR A 158 -8.91 -27.93 -27.41
N ALA A 159 -9.03 -29.07 -28.06
CA ALA A 159 -9.96 -30.13 -27.65
C ALA A 159 -9.36 -31.49 -28.02
N THR A 160 -9.72 -32.49 -27.22
CA THR A 160 -9.24 -33.87 -27.38
C THR A 160 -10.39 -34.81 -27.03
N ASP A 161 -10.58 -35.86 -27.83
CA ASP A 161 -11.69 -36.84 -27.65
C ASP A 161 -11.36 -37.85 -26.54
N GLU A 162 -10.24 -37.68 -25.83
CA GLU A 162 -9.81 -38.69 -24.84
C GLU A 162 -10.74 -38.71 -23.62
N THR A 163 -11.50 -37.64 -23.35
CA THR A 163 -12.54 -37.56 -22.28
C THR A 163 -13.83 -37.02 -22.87
N GLU A 164 -14.95 -37.28 -22.19
CA GLU A 164 -16.30 -36.76 -22.55
C GLU A 164 -16.27 -35.22 -22.54
N GLU A 165 -15.53 -34.61 -21.63
CA GLU A 165 -15.45 -33.12 -21.55
C GLU A 165 -14.48 -32.58 -22.59
N CYS A 166 -13.87 -33.44 -23.43
CA CYS A 166 -13.03 -32.97 -24.56
C CYS A 166 -11.78 -32.27 -24.05
N MET A 167 -11.26 -32.74 -22.91
CA MET A 167 -10.09 -32.19 -22.21
C MET A 167 -9.09 -33.30 -21.94
N PRO A 168 -7.80 -32.94 -21.79
CA PRO A 168 -6.79 -33.91 -21.36
C PRO A 168 -7.15 -34.53 -20.01
N LEU A 169 -6.95 -35.84 -19.89
CA LEU A 169 -7.24 -36.52 -18.61
C LEU A 169 -6.34 -35.96 -17.51
N THR A 170 -5.08 -35.64 -17.81
CA THR A 170 -4.10 -35.13 -16.81
C THR A 170 -4.69 -33.91 -16.08
N ILE A 171 -5.21 -32.93 -16.82
CA ILE A 171 -5.66 -31.64 -16.21
C ILE A 171 -7.03 -31.88 -15.59
N VAL A 172 -7.90 -32.68 -16.21
CA VAL A 172 -9.24 -32.99 -15.65
C VAL A 172 -9.03 -33.59 -14.24
N LEU A 173 -8.21 -34.63 -14.13
CA LEU A 173 -8.00 -35.31 -12.83
C LEU A 173 -7.34 -34.33 -11.84
N ALA A 174 -6.33 -33.57 -12.25
CA ALA A 174 -5.67 -32.59 -11.36
C ALA A 174 -6.69 -31.61 -10.79
N HIS A 175 -7.58 -31.06 -11.62
CA HIS A 175 -8.58 -30.10 -11.15
C HIS A 175 -9.53 -30.83 -10.21
N LYS A 176 -9.99 -32.02 -10.59
CA LYS A 176 -11.06 -32.72 -9.80
C LYS A 176 -10.52 -33.12 -8.41
N LEU A 177 -9.22 -33.39 -8.30
CA LEU A 177 -8.61 -33.68 -6.97
C LEU A 177 -8.68 -32.43 -6.08
N ASN A 178 -8.40 -31.24 -6.61
CA ASN A 178 -8.55 -29.99 -5.81
C ASN A 178 -10.01 -29.75 -5.46
N ALA A 179 -10.94 -29.96 -6.39
CA ALA A 179 -12.38 -29.79 -6.12
C ALA A 179 -12.83 -30.73 -5.00
N LYS A 180 -12.32 -31.98 -5.00
CA LYS A 180 -12.69 -33.00 -3.98
C LYS A 180 -12.17 -32.55 -2.62
N LEU A 181 -10.92 -32.05 -2.54
CA LEU A 181 -10.38 -31.53 -1.26
C LEU A 181 -11.30 -30.43 -0.70
N ALA A 182 -11.70 -29.45 -1.53
CA ALA A 182 -12.55 -28.34 -1.10
C ALA A 182 -13.91 -28.88 -0.64
N GLU A 183 -14.42 -29.89 -1.33
CA GLU A 183 -15.74 -30.47 -1.01
C GLU A 183 -15.70 -31.11 0.38
N LEU A 184 -14.67 -31.92 0.63
CA LEU A 184 -14.58 -32.66 1.92
C LEU A 184 -14.15 -31.71 3.07
N ARG A 185 -13.46 -30.62 2.74
CA ARG A 185 -13.16 -29.54 3.70
C ARG A 185 -14.48 -28.87 4.11
N ARG A 186 -15.24 -28.41 3.12
CA ARG A 186 -16.46 -27.64 3.36
C ARG A 186 -17.57 -28.50 3.98
N ASN A 187 -17.64 -29.81 3.78
CA ASN A 187 -18.76 -30.60 4.38
C ASN A 187 -18.27 -31.19 5.71
N GLY A 188 -17.05 -30.91 6.14
CA GLY A 188 -16.52 -31.31 7.45
C GLY A 188 -16.18 -32.78 7.57
N THR A 189 -16.12 -33.55 6.48
CA THR A 189 -15.69 -34.97 6.58
C THR A 189 -14.16 -35.01 6.79
N LEU A 190 -13.39 -34.07 6.25
CA LEU A 190 -11.93 -33.95 6.56
C LEU A 190 -11.65 -32.56 7.12
N PRO A 191 -12.02 -32.33 8.39
CA PRO A 191 -12.04 -30.98 8.94
C PRO A 191 -10.65 -30.39 9.22
N TRP A 192 -9.63 -31.21 9.14
CA TRP A 192 -8.21 -30.80 9.30
C TRP A 192 -7.71 -30.12 8.03
N LEU A 193 -8.44 -30.17 6.93
CA LEU A 193 -8.02 -29.57 5.65
C LEU A 193 -8.10 -28.04 5.75
N ARG A 194 -7.19 -27.36 5.04
N ARG A 194 -7.19 -27.36 5.06
CA ARG A 194 -7.17 -25.88 4.91
CA ARG A 194 -7.17 -25.88 4.90
C ARG A 194 -7.25 -25.58 3.41
C ARG A 194 -7.23 -25.57 3.42
N PRO A 195 -7.51 -24.31 3.02
CA PRO A 195 -7.81 -24.03 1.60
C PRO A 195 -6.70 -24.18 0.55
N ASP A 196 -5.42 -24.07 0.95
CA ASP A 196 -4.30 -24.07 -0.03
C ASP A 196 -3.97 -25.50 -0.43
N SER A 197 -4.01 -25.80 -1.72
CA SER A 197 -3.68 -27.15 -2.23
C SER A 197 -2.98 -27.06 -3.59
N LYS A 198 -2.17 -28.06 -3.88
CA LYS A 198 -1.62 -28.27 -5.23
C LYS A 198 -1.77 -29.75 -5.54
N THR A 199 -2.06 -30.03 -6.79
CA THR A 199 -2.12 -31.41 -7.30
C THR A 199 -1.32 -31.51 -8.60
N GLN A 200 -0.90 -32.72 -8.92
CA GLN A 200 -0.19 -32.96 -10.19
C GLN A 200 -0.40 -34.42 -10.59
N VAL A 201 -0.78 -34.62 -11.86
CA VAL A 201 -1.15 -35.98 -12.38
C VAL A 201 -0.32 -36.26 -13.63
N THR A 202 0.42 -37.35 -13.59
CA THR A 202 1.16 -37.92 -14.71
C THR A 202 0.39 -39.14 -15.23
N VAL A 203 -0.03 -39.08 -16.48
CA VAL A 203 -0.75 -40.19 -17.17
C VAL A 203 0.21 -40.82 -18.16
N GLN A 204 0.18 -42.14 -18.21
CA GLN A 204 0.88 -42.94 -19.24
C GLN A 204 -0.12 -43.16 -20.37
N TYR A 205 0.26 -42.70 -21.57
CA TYR A 205 -0.60 -42.70 -22.76
C TYR A 205 -0.03 -43.64 -23.81
N MET A 206 -0.89 -44.11 -24.69
CA MET A 206 -0.47 -44.63 -26.02
C MET A 206 -1.13 -43.75 -27.08
N GLN A 207 -0.69 -43.85 -28.33
N GLN A 207 -0.65 -43.84 -28.32
CA GLN A 207 -1.30 -43.05 -29.41
CA GLN A 207 -1.14 -43.08 -29.50
C GLN A 207 -1.99 -43.96 -30.41
C GLN A 207 -2.05 -43.99 -30.34
N ASP A 208 -3.03 -43.43 -31.06
CA ASP A 208 -3.72 -44.03 -32.21
C ASP A 208 -3.72 -42.94 -33.27
N ARG A 209 -2.67 -42.91 -34.11
CA ARG A 209 -2.59 -42.03 -35.29
C ARG A 209 -2.90 -40.59 -34.88
N GLY A 210 -2.14 -40.10 -33.90
CA GLY A 210 -2.17 -38.71 -33.45
C GLY A 210 -3.15 -38.45 -32.32
N ALA A 211 -4.18 -39.30 -32.15
CA ALA A 211 -5.08 -39.26 -30.99
C ALA A 211 -4.32 -39.87 -29.80
N VAL A 212 -4.64 -39.44 -28.60
CA VAL A 212 -3.92 -40.00 -27.42
C VAL A 212 -4.94 -40.79 -26.60
N LEU A 213 -4.51 -41.93 -26.10
CA LEU A 213 -5.37 -42.89 -25.34
C LEU A 213 -4.74 -43.06 -23.97
N PRO A 214 -5.38 -42.60 -22.91
CA PRO A 214 -4.85 -42.79 -21.58
C PRO A 214 -4.94 -44.25 -21.16
N ILE A 215 -3.85 -44.77 -20.63
CA ILE A 215 -3.77 -46.18 -20.16
C ILE A 215 -3.95 -46.22 -18.64
N ARG A 216 -3.15 -45.43 -17.92
CA ARG A 216 -3.08 -45.54 -16.45
C ARG A 216 -2.52 -44.24 -15.89
N VAL A 217 -2.85 -43.99 -14.62
CA VAL A 217 -2.17 -42.92 -13.89
C VAL A 217 -0.84 -43.47 -13.40
N HIS A 218 0.23 -42.77 -13.75
CA HIS A 218 1.61 -43.18 -13.42
C HIS A 218 2.00 -42.60 -12.03
N THR A 219 1.73 -41.31 -11.83
CA THR A 219 2.16 -40.55 -10.63
C THR A 219 1.09 -39.54 -10.28
N ILE A 220 0.75 -39.47 -8.99
CA ILE A 220 -0.12 -38.40 -8.43
C ILE A 220 0.66 -37.70 -7.31
N VAL A 221 0.65 -36.39 -7.34
CA VAL A 221 1.14 -35.54 -6.23
C VAL A 221 -0.07 -34.83 -5.64
N ILE A 222 -0.18 -34.84 -4.32
CA ILE A 222 -1.11 -33.92 -3.61
C ILE A 222 -0.36 -33.31 -2.44
N SER A 223 -0.37 -31.98 -2.38
CA SER A 223 0.11 -31.19 -1.24
C SER A 223 -1.07 -30.33 -0.76
N VAL A 224 -1.50 -30.45 0.48
CA VAL A 224 -2.65 -29.62 0.96
C VAL A 224 -2.39 -29.09 2.36
N GLN A 225 -2.68 -27.81 2.54
CA GLN A 225 -2.58 -27.12 3.85
C GLN A 225 -3.47 -27.83 4.87
N HIS A 226 -3.03 -27.91 6.11
CA HIS A 226 -3.75 -28.65 7.17
C HIS A 226 -3.56 -28.00 8.55
N ASP A 227 -4.33 -28.48 9.49
CA ASP A 227 -4.32 -27.98 10.88
C ASP A 227 -3.22 -28.69 11.64
N GLU A 228 -3.08 -28.31 12.90
CA GLU A 228 -1.98 -28.66 13.79
C GLU A 228 -2.16 -30.04 14.38
N GLU A 229 -3.34 -30.65 14.28
CA GLU A 229 -3.70 -31.83 15.10
C GLU A 229 -3.33 -33.11 14.34
N VAL A 230 -3.62 -33.18 13.05
CA VAL A 230 -3.62 -34.47 12.33
C VAL A 230 -2.17 -34.93 12.03
N CSO A 231 -1.93 -36.23 12.11
CA CSO A 231 -0.60 -36.86 11.85
CB CSO A 231 -0.46 -38.13 12.61
SG CSO A 231 -0.53 -37.92 14.42
C CSO A 231 -0.39 -37.07 10.34
O CSO A 231 -1.39 -37.15 9.56
OD CSO A 231 0.36 -36.60 14.87
N LEU A 232 0.86 -37.19 9.93
CA LEU A 232 1.24 -37.31 8.51
C LEU A 232 0.63 -38.59 7.92
N ASP A 233 0.71 -39.72 8.65
CA ASP A 233 0.19 -41.01 8.12
C ASP A 233 -1.33 -40.95 7.95
N GLU A 234 -2.06 -40.30 8.85
CA GLU A 234 -3.54 -40.16 8.77
C GLU A 234 -3.90 -39.32 7.54
N MET A 235 -3.17 -38.24 7.30
CA MET A 235 -3.45 -37.38 6.12
C MET A 235 -3.22 -38.20 4.84
N ARG A 236 -2.10 -38.88 4.76
CA ARG A 236 -1.72 -39.68 3.55
C ARG A 236 -2.79 -40.73 3.27
N ASP A 237 -3.25 -41.46 4.29
N ASP A 237 -3.25 -41.46 4.29
CA ASP A 237 -4.32 -42.47 4.15
CA ASP A 237 -4.32 -42.47 4.15
C ASP A 237 -5.61 -41.81 3.61
C ASP A 237 -5.61 -41.81 3.61
N ALA A 238 -6.02 -40.67 4.16
CA ALA A 238 -7.27 -40.00 3.74
C ALA A 238 -7.15 -39.47 2.30
N LEU A 239 -5.98 -38.98 1.91
CA LEU A 239 -5.79 -38.42 0.57
C LEU A 239 -5.91 -39.57 -0.46
N LYS A 240 -5.43 -40.76 -0.14
CA LYS A 240 -5.56 -41.93 -1.04
C LYS A 240 -7.01 -42.42 -1.03
N GLU A 241 -7.59 -42.69 0.13
CA GLU A 241 -8.89 -43.38 0.27
C GLU A 241 -10.05 -42.44 -0.03
N LYS A 242 -10.05 -41.19 0.46
CA LYS A 242 -11.27 -40.35 0.40
C LYS A 242 -11.20 -39.36 -0.77
N VAL A 243 -9.99 -39.07 -1.26
CA VAL A 243 -9.85 -38.06 -2.33
C VAL A 243 -9.52 -38.81 -3.63
N ILE A 244 -8.33 -39.39 -3.74
CA ILE A 244 -7.88 -40.04 -5.01
C ILE A 244 -8.89 -41.10 -5.45
N LYS A 245 -9.31 -42.00 -4.57
CA LYS A 245 -10.19 -43.13 -4.99
C LYS A 245 -11.60 -42.64 -5.27
N ALA A 246 -11.99 -41.44 -4.80
CA ALA A 246 -13.33 -40.87 -5.08
C ALA A 246 -13.31 -40.11 -6.41
N VAL A 247 -12.14 -39.79 -6.94
CA VAL A 247 -11.99 -38.93 -8.15
C VAL A 247 -11.54 -39.80 -9.33
N VAL A 248 -10.47 -40.59 -9.16
CA VAL A 248 -9.81 -41.28 -10.31
C VAL A 248 -10.55 -42.59 -10.54
N PRO A 249 -11.06 -42.86 -11.77
CA PRO A 249 -11.60 -44.18 -12.10
C PRO A 249 -10.58 -45.26 -11.75
N ALA A 250 -11.06 -46.29 -11.05
CA ALA A 250 -10.24 -47.38 -10.47
C ALA A 250 -9.38 -48.02 -11.58
N LYS A 251 -9.88 -48.09 -12.81
CA LYS A 251 -9.15 -48.78 -13.91
C LYS A 251 -7.81 -48.06 -14.18
N TYR A 252 -7.67 -46.77 -13.84
CA TYR A 252 -6.41 -46.01 -14.07
C TYR A 252 -5.41 -46.16 -12.92
N LEU A 253 -5.80 -46.78 -11.81
CA LEU A 253 -4.94 -46.90 -10.60
C LEU A 253 -4.54 -48.36 -10.47
N ASP A 254 -3.28 -48.65 -10.19
CA ASP A 254 -2.84 -50.06 -10.13
C ASP A 254 -1.71 -50.18 -9.12
N GLU A 255 -1.12 -51.35 -9.00
CA GLU A 255 -0.08 -51.68 -7.99
C GLU A 255 1.20 -50.87 -8.27
N ASP A 256 1.37 -50.25 -9.44
CA ASP A 256 2.60 -49.51 -9.79
C ASP A 256 2.40 -48.00 -9.70
N THR A 257 1.19 -47.48 -9.57
CA THR A 257 0.90 -46.04 -9.45
C THR A 257 1.74 -45.49 -8.27
N ILE A 258 2.46 -44.40 -8.52
CA ILE A 258 3.31 -43.69 -7.54
C ILE A 258 2.48 -42.56 -6.90
N TYR A 259 2.39 -42.54 -5.57
CA TYR A 259 1.64 -41.50 -4.82
C TYR A 259 2.63 -40.66 -4.03
N HIS A 260 2.74 -39.37 -4.34
CA HIS A 260 3.49 -38.37 -3.56
C HIS A 260 2.47 -37.52 -2.79
N LEU A 261 2.16 -37.93 -1.57
CA LEU A 261 1.09 -37.34 -0.75
C LEU A 261 1.74 -36.61 0.42
N GLN A 262 1.50 -35.30 0.54
CA GLN A 262 2.24 -34.43 1.50
C GLN A 262 3.73 -34.75 1.37
N PRO A 263 4.29 -34.75 0.14
CA PRO A 263 5.67 -35.18 -0.07
C PRO A 263 6.73 -34.36 0.67
N SER A 264 6.48 -33.09 0.94
CA SER A 264 7.45 -32.20 1.64
C SER A 264 7.07 -32.18 3.12
N GLY A 265 6.08 -32.98 3.53
CA GLY A 265 5.71 -33.23 4.95
C GLY A 265 4.74 -32.17 5.43
N ARG A 266 5.09 -31.47 6.48
CA ARG A 266 4.16 -30.50 7.14
C ARG A 266 3.83 -29.33 6.22
N PHE A 267 2.56 -28.92 6.17
CA PHE A 267 2.02 -27.77 5.40
C PHE A 267 0.95 -27.09 6.25
N VAL A 268 1.34 -26.50 7.36
CA VAL A 268 0.45 -25.68 8.23
C VAL A 268 0.46 -24.25 7.69
N ILE A 269 1.64 -23.72 7.36
CA ILE A 269 1.80 -22.35 6.78
C ILE A 269 1.39 -22.41 5.32
N GLY A 270 0.43 -21.59 4.92
CA GLY A 270 -0.10 -21.65 3.54
C GLY A 270 -0.78 -20.35 3.17
N GLY A 271 -1.50 -20.36 2.05
CA GLY A 271 -2.19 -19.16 1.56
C GLY A 271 -1.18 -18.04 1.32
N PRO A 272 -1.63 -16.77 1.37
CA PRO A 272 -0.74 -15.63 1.11
C PRO A 272 0.44 -15.52 2.09
N GLN A 273 0.30 -16.01 3.31
CA GLN A 273 1.45 -15.97 4.25
C GLN A 273 2.64 -16.80 3.71
N GLY A 274 2.35 -17.95 3.11
CA GLY A 274 3.34 -18.90 2.57
C GLY A 274 4.03 -18.38 1.31
N ASP A 275 3.30 -17.63 0.46
CA ASP A 275 3.86 -17.16 -0.82
C ASP A 275 2.99 -16.02 -1.38
N ALA A 276 3.61 -14.96 -1.88
CA ALA A 276 2.92 -13.90 -2.65
C ALA A 276 2.16 -14.49 -3.81
N GLY A 277 0.96 -13.98 -4.06
CA GLY A 277 0.14 -14.42 -5.17
C GLY A 277 -0.22 -13.24 -6.04
N LEU A 278 -0.40 -13.48 -7.32
CA LEU A 278 -0.88 -12.44 -8.28
C LEU A 278 -1.93 -13.01 -9.18
N THR A 279 -2.78 -12.16 -9.72
CA THR A 279 -3.68 -12.55 -10.80
C THR A 279 -2.89 -13.02 -12.03
N GLY A 280 -3.35 -14.07 -12.68
CA GLY A 280 -2.83 -14.48 -14.01
C GLY A 280 -1.49 -15.15 -13.94
N ARG A 281 -1.22 -15.89 -12.86
CA ARG A 281 0.04 -16.64 -12.68
C ARG A 281 -0.24 -18.15 -12.68
N LYS A 282 -1.41 -18.55 -13.10
CA LYS A 282 -1.82 -19.96 -13.25
C LYS A 282 -2.49 -20.17 -14.62
N ILE A 283 -1.92 -19.61 -15.67
CA ILE A 283 -2.66 -19.57 -16.97
C ILE A 283 -2.67 -20.98 -17.63
N ILE A 284 -1.74 -21.84 -17.27
CA ILE A 284 -1.66 -23.22 -17.82
C ILE A 284 -2.59 -24.13 -17.02
N VAL A 285 -2.67 -23.93 -15.72
CA VAL A 285 -3.72 -24.53 -14.87
C VAL A 285 -5.11 -24.14 -15.38
N ASP A 286 -5.28 -22.90 -15.79
CA ASP A 286 -6.59 -22.35 -16.23
C ASP A 286 -7.06 -22.94 -17.55
N THR A 287 -6.15 -23.53 -18.34
CA THR A 287 -6.43 -23.93 -19.73
C THR A 287 -6.31 -25.46 -19.88
N TYR A 288 -5.21 -25.95 -20.44
CA TYR A 288 -5.12 -27.35 -20.93
C TYR A 288 -4.03 -28.12 -20.19
N GLY A 289 -3.47 -27.59 -19.09
CA GLY A 289 -2.44 -28.35 -18.34
C GLY A 289 -1.17 -28.62 -19.15
N GLY A 290 -0.86 -27.76 -20.12
CA GLY A 290 0.38 -27.83 -20.91
C GLY A 290 0.16 -28.46 -22.27
N TRP A 291 -0.96 -29.12 -22.50
CA TRP A 291 -1.38 -29.64 -23.81
C TRP A 291 -1.83 -28.45 -24.67
N GLY A 292 -1.99 -28.67 -25.97
CA GLY A 292 -2.48 -27.58 -26.83
C GLY A 292 -1.44 -26.47 -26.87
N ALA A 293 -1.86 -25.22 -26.64
CA ALA A 293 -0.93 -24.06 -26.66
C ALA A 293 -1.57 -22.93 -25.88
N HIS A 294 -0.76 -21.92 -25.60
CA HIS A 294 -1.21 -20.73 -24.86
C HIS A 294 -0.54 -19.49 -25.46
N GLY A 295 -1.34 -18.44 -25.67
CA GLY A 295 -0.83 -17.15 -26.20
C GLY A 295 -0.29 -16.20 -25.13
N GLY A 296 -0.47 -16.51 -23.86
CA GLY A 296 0.18 -15.79 -22.75
C GLY A 296 -0.75 -14.90 -21.96
N GLY A 297 -1.96 -14.64 -22.46
CA GLY A 297 -2.87 -13.73 -21.76
C GLY A 297 -3.58 -14.37 -20.58
N ALA A 298 -3.73 -13.62 -19.50
CA ALA A 298 -4.50 -14.09 -18.32
C ALA A 298 -5.97 -13.88 -18.61
N PHE A 299 -6.85 -14.62 -17.92
CA PHE A 299 -8.31 -14.47 -18.08
C PHE A 299 -8.91 -13.59 -16.98
N SER A 300 -8.55 -13.83 -15.72
CA SER A 300 -9.33 -13.30 -14.56
C SER A 300 -9.21 -11.77 -14.47
N GLY A 301 -10.30 -11.11 -14.08
CA GLY A 301 -10.37 -9.66 -13.89
C GLY A 301 -10.60 -8.89 -15.18
N LYS A 302 -10.91 -9.56 -16.27
CA LYS A 302 -11.03 -8.90 -17.59
C LYS A 302 -12.46 -9.07 -18.12
N ASP A 303 -13.03 -8.01 -18.64
CA ASP A 303 -14.33 -8.09 -19.35
C ASP A 303 -14.11 -8.65 -20.76
N TYR A 304 -15.20 -8.87 -21.50
CA TYR A 304 -15.19 -9.60 -22.81
C TYR A 304 -14.43 -8.81 -23.89
N THR A 305 -14.23 -7.50 -23.74
CA THR A 305 -13.49 -6.69 -24.76
C THR A 305 -12.00 -7.03 -24.73
N LYS A 306 -11.54 -7.69 -23.66
CA LYS A 306 -10.15 -8.22 -23.59
C LYS A 306 -10.14 -9.58 -24.31
N VAL A 307 -9.64 -9.59 -25.54
CA VAL A 307 -9.59 -10.81 -26.39
C VAL A 307 -8.74 -11.90 -25.74
N ASP A 308 -7.82 -11.60 -24.84
CA ASP A 308 -7.08 -12.63 -24.07
C ASP A 308 -8.07 -13.63 -23.50
N ARG A 309 -9.24 -13.15 -23.06
CA ARG A 309 -10.27 -14.01 -22.45
C ARG A 309 -11.28 -14.43 -23.53
N SER A 310 -11.97 -13.48 -24.16
CA SER A 310 -13.12 -13.79 -25.03
C SER A 310 -12.67 -14.65 -26.25
N ALA A 311 -11.51 -14.37 -26.87
CA ALA A 311 -11.06 -15.13 -28.05
C ALA A 311 -10.50 -16.50 -27.64
N ALA A 312 -9.90 -16.66 -26.45
CA ALA A 312 -9.51 -17.98 -25.94
C ALA A 312 -10.77 -18.81 -25.71
N TYR A 313 -11.84 -18.21 -25.17
CA TYR A 313 -13.11 -18.98 -24.95
C TYR A 313 -13.69 -19.39 -26.32
N ALA A 314 -13.68 -18.45 -27.28
CA ALA A 314 -14.23 -18.72 -28.64
C ALA A 314 -13.39 -19.81 -29.30
N ALA A 315 -12.06 -19.78 -29.17
CA ALA A 315 -11.19 -20.76 -29.85
C ALA A 315 -11.43 -22.14 -29.22
N ARG A 316 -11.65 -22.21 -27.89
CA ARG A 316 -12.05 -23.46 -27.20
C ARG A 316 -13.35 -23.97 -27.84
N TRP A 317 -14.33 -23.09 -28.02
CA TRP A 317 -15.65 -23.42 -28.62
C TRP A 317 -15.42 -24.04 -30.02
N VAL A 318 -14.57 -23.40 -30.81
CA VAL A 318 -14.27 -23.90 -32.19
C VAL A 318 -13.67 -25.29 -32.10
N ALA A 319 -12.63 -25.46 -31.27
CA ALA A 319 -11.90 -26.73 -31.16
C ALA A 319 -12.87 -27.82 -30.71
N LYS A 320 -13.68 -27.54 -29.68
CA LYS A 320 -14.63 -28.55 -29.18
C LYS A 320 -15.68 -28.89 -30.26
N SER A 321 -16.13 -27.90 -31.03
CA SER A 321 -17.11 -28.09 -32.13
C SER A 321 -16.51 -29.02 -33.19
N LEU A 322 -15.24 -28.81 -33.56
CA LEU A 322 -14.55 -29.64 -34.57
C LEU A 322 -14.45 -31.09 -34.08
N VAL A 323 -14.15 -31.31 -32.81
CA VAL A 323 -13.96 -32.69 -32.30
C VAL A 323 -15.33 -33.38 -32.13
N LYS A 324 -16.30 -32.74 -31.51
CA LYS A 324 -17.63 -33.37 -31.26
C LYS A 324 -18.36 -33.54 -32.60
N GLY A 325 -18.02 -32.72 -33.61
CA GLY A 325 -18.60 -32.85 -34.96
C GLY A 325 -17.95 -33.98 -35.74
N GLY A 326 -16.91 -34.64 -35.18
CA GLY A 326 -16.27 -35.80 -35.80
C GLY A 326 -15.30 -35.41 -36.91
N LEU A 327 -14.86 -34.16 -36.99
CA LEU A 327 -13.88 -33.74 -38.01
C LEU A 327 -12.44 -34.08 -37.59
N CYS A 328 -12.19 -34.23 -36.31
N CYS A 328 -12.19 -34.13 -36.29
CA CYS A 328 -10.85 -34.58 -35.80
CA CYS A 328 -10.87 -34.34 -35.68
C CYS A 328 -11.00 -35.13 -34.41
C CYS A 328 -11.06 -35.22 -34.43
N ARG A 329 -10.01 -35.91 -34.01
CA ARG A 329 -9.96 -36.54 -32.68
C ARG A 329 -9.33 -35.56 -31.70
N ARG A 330 -8.41 -34.71 -32.17
CA ARG A 330 -7.76 -33.66 -31.35
C ARG A 330 -7.49 -32.48 -32.28
N VAL A 331 -7.53 -31.25 -31.76
CA VAL A 331 -7.28 -30.09 -32.64
C VAL A 331 -6.87 -28.88 -31.80
N LEU A 332 -6.03 -28.06 -32.41
CA LEU A 332 -5.55 -26.79 -31.85
C LEU A 332 -5.89 -25.70 -32.87
N VAL A 333 -6.38 -24.58 -32.38
CA VAL A 333 -6.77 -23.40 -33.17
C VAL A 333 -5.97 -22.22 -32.62
N GLN A 334 -5.32 -21.44 -33.47
CA GLN A 334 -4.72 -20.14 -33.11
C GLN A 334 -5.55 -19.06 -33.76
N VAL A 335 -5.76 -17.98 -33.02
CA VAL A 335 -6.36 -16.72 -33.55
CA VAL A 335 -6.37 -16.73 -33.55
C VAL A 335 -5.49 -15.56 -33.01
N SER A 336 -5.43 -14.45 -33.74
CA SER A 336 -4.65 -13.27 -33.31
C SER A 336 -5.36 -11.99 -33.73
N TYR A 337 -5.07 -10.90 -33.02
CA TYR A 337 -5.74 -9.60 -33.17
C TYR A 337 -4.71 -8.47 -33.12
N ALA A 338 -5.12 -7.32 -33.61
CA ALA A 338 -4.49 -6.02 -33.34
C ALA A 338 -5.47 -5.14 -32.53
N ILE A 339 -4.95 -4.35 -31.61
CA ILE A 339 -5.79 -3.40 -30.82
C ILE A 339 -6.56 -2.49 -31.76
N GLY A 340 -7.88 -2.38 -31.55
CA GLY A 340 -8.72 -1.44 -32.32
C GLY A 340 -9.22 -2.03 -33.61
N VAL A 341 -8.85 -3.27 -33.96
CA VAL A 341 -9.25 -3.95 -35.21
C VAL A 341 -10.17 -5.10 -34.83
N SER A 342 -11.36 -5.13 -35.43
CA SER A 342 -12.40 -6.14 -35.07
C SER A 342 -12.06 -7.53 -35.64
N HIS A 343 -11.69 -7.61 -36.91
CA HIS A 343 -11.48 -8.92 -37.58
C HIS A 343 -10.13 -9.49 -37.10
N PRO A 344 -10.03 -10.81 -36.82
CA PRO A 344 -8.75 -11.43 -36.52
C PRO A 344 -7.71 -11.23 -37.63
N LEU A 345 -6.45 -11.15 -37.25
CA LEU A 345 -5.31 -10.97 -38.17
C LEU A 345 -4.98 -12.32 -38.80
N SER A 346 -5.11 -13.40 -38.04
CA SER A 346 -4.74 -14.76 -38.50
C SER A 346 -5.61 -15.79 -37.80
N ILE A 347 -5.89 -16.90 -38.49
CA ILE A 347 -6.51 -18.10 -37.85
C ILE A 347 -5.70 -19.26 -38.38
N SER A 348 -5.38 -20.23 -37.52
CA SER A 348 -4.58 -21.40 -37.89
C SER A 348 -5.12 -22.65 -37.20
N ILE A 349 -4.90 -23.81 -37.82
CA ILE A 349 -5.44 -25.12 -37.34
C ILE A 349 -4.30 -26.13 -37.38
N PHE A 350 -4.17 -26.91 -36.31
CA PHE A 350 -3.26 -28.07 -36.22
C PHE A 350 -4.07 -29.28 -35.75
N HIS A 351 -4.19 -30.33 -36.58
CA HIS A 351 -5.12 -31.45 -36.27
C HIS A 351 -4.36 -32.66 -35.77
N TYR A 352 -3.05 -32.55 -35.58
CA TYR A 352 -2.20 -33.63 -34.98
C TYR A 352 -2.25 -34.93 -35.82
N GLY A 353 -2.62 -34.84 -37.10
CA GLY A 353 -2.82 -35.98 -38.02
C GLY A 353 -4.10 -36.76 -37.72
N THR A 354 -5.12 -36.17 -37.09
CA THR A 354 -6.33 -36.91 -36.61
C THR A 354 -7.58 -36.60 -37.45
N SER A 355 -7.40 -36.03 -38.63
CA SER A 355 -8.52 -35.69 -39.56
C SER A 355 -8.27 -36.34 -40.92
N GLN A 356 -9.35 -36.74 -41.60
CA GLN A 356 -9.35 -37.06 -43.05
C GLN A 356 -9.21 -35.77 -43.87
N LYS A 357 -9.54 -34.60 -43.28
CA LYS A 357 -9.41 -33.30 -43.99
C LYS A 357 -8.04 -32.71 -43.72
N SER A 358 -7.53 -31.95 -44.67
CA SER A 358 -6.31 -31.13 -44.50
C SER A 358 -6.60 -30.01 -43.50
N GLU A 359 -5.55 -29.47 -42.92
CA GLU A 359 -5.64 -28.26 -42.07
C GLU A 359 -6.24 -27.12 -42.90
N ARG A 360 -5.90 -27.02 -44.18
CA ARG A 360 -6.48 -25.96 -45.06
C ARG A 360 -8.00 -26.12 -45.12
N GLU A 361 -8.49 -27.35 -45.31
CA GLU A 361 -9.94 -27.66 -45.42
C GLU A 361 -10.61 -27.33 -44.09
N LEU A 362 -10.02 -27.74 -42.96
CA LEU A 362 -10.61 -27.47 -41.61
C LEU A 362 -10.69 -25.96 -41.40
N LEU A 363 -9.67 -25.21 -41.81
CA LEU A 363 -9.67 -23.73 -41.62
C LEU A 363 -10.83 -23.13 -42.44
N GLU A 364 -11.10 -23.63 -43.65
CA GLU A 364 -12.25 -23.16 -44.48
C GLU A 364 -13.56 -23.44 -43.74
N ILE A 365 -13.69 -24.61 -43.11
CA ILE A 365 -14.91 -24.99 -42.35
C ILE A 365 -15.10 -24.02 -41.17
N VAL A 366 -14.01 -23.71 -40.49
CA VAL A 366 -14.02 -22.71 -39.38
C VAL A 366 -14.50 -21.36 -39.91
N LYS A 367 -13.97 -20.89 -41.03
CA LYS A 367 -14.27 -19.51 -41.53
C LYS A 367 -15.70 -19.47 -42.08
N LYS A 368 -16.25 -20.62 -42.46
CA LYS A 368 -17.64 -20.72 -42.94
C LYS A 368 -18.61 -20.75 -41.75
N ASN A 369 -18.19 -21.22 -40.59
CA ASN A 369 -19.11 -21.47 -39.46
C ASN A 369 -18.99 -20.42 -38.34
N PHE A 370 -17.84 -19.77 -38.20
CA PHE A 370 -17.52 -18.92 -37.04
C PHE A 370 -17.06 -17.54 -37.50
N ASP A 371 -17.31 -16.56 -36.63
CA ASP A 371 -16.99 -15.13 -36.84
C ASP A 371 -16.38 -14.67 -35.51
N LEU A 372 -15.06 -14.55 -35.47
CA LEU A 372 -14.30 -14.39 -34.20
C LEU A 372 -14.01 -12.89 -33.96
N ARG A 373 -14.87 -12.01 -34.47
CA ARG A 373 -14.88 -10.58 -34.00
C ARG A 373 -15.33 -10.55 -32.55
N PRO A 374 -14.65 -9.78 -31.66
CA PRO A 374 -15.07 -9.73 -30.25
C PRO A 374 -16.51 -9.26 -30.06
N GLY A 375 -17.02 -8.35 -30.91
CA GLY A 375 -18.40 -7.88 -30.83
C GLY A 375 -19.43 -8.94 -31.18
N VAL A 376 -19.03 -10.01 -31.84
CA VAL A 376 -19.91 -11.14 -32.22
C VAL A 376 -19.74 -12.23 -31.19
N ILE A 377 -18.52 -12.50 -30.76
CA ILE A 377 -18.26 -13.54 -29.73
C ILE A 377 -19.12 -13.26 -28.48
N VAL A 378 -19.18 -11.99 -28.06
CA VAL A 378 -19.89 -11.58 -26.83
C VAL A 378 -21.36 -11.99 -26.96
N ARG A 379 -21.96 -11.86 -28.14
CA ARG A 379 -23.37 -12.29 -28.36
C ARG A 379 -23.43 -13.80 -28.38
N ASP A 380 -22.56 -14.48 -29.14
CA ASP A 380 -22.60 -15.96 -29.30
C ASP A 380 -22.39 -16.67 -27.95
N LEU A 381 -21.53 -16.16 -27.08
CA LEU A 381 -21.17 -16.82 -25.81
C LEU A 381 -21.76 -16.09 -24.59
N ASP A 382 -22.58 -15.04 -24.77
CA ASP A 382 -23.31 -14.34 -23.67
C ASP A 382 -22.31 -13.84 -22.62
N LEU A 383 -21.26 -13.12 -23.04
CA LEU A 383 -20.09 -12.86 -22.17
C LEU A 383 -20.30 -11.60 -21.28
N LYS A 384 -21.44 -10.92 -21.34
CA LYS A 384 -21.75 -9.85 -20.36
C LYS A 384 -22.30 -10.45 -19.07
N LYS A 385 -22.57 -11.75 -19.00
CA LYS A 385 -23.22 -12.35 -17.80
C LYS A 385 -22.19 -12.50 -16.69
N PRO A 386 -22.57 -12.20 -15.43
CA PRO A 386 -21.62 -12.29 -14.31
C PRO A 386 -21.42 -13.72 -13.82
N ILE A 387 -20.75 -14.55 -14.63
CA ILE A 387 -20.53 -15.98 -14.29
C ILE A 387 -19.04 -16.20 -14.08
N TYR A 388 -18.21 -15.15 -14.06
CA TYR A 388 -16.74 -15.32 -14.20
C TYR A 388 -16.10 -15.84 -12.91
N GLN A 389 -16.64 -15.55 -11.75
CA GLN A 389 -15.99 -16.08 -10.52
C GLN A 389 -15.98 -17.63 -10.54
N ARG A 390 -16.99 -18.25 -11.14
CA ARG A 390 -17.08 -19.73 -11.27
C ARG A 390 -15.90 -20.28 -12.07
N THR A 391 -15.37 -19.53 -13.03
CA THR A 391 -14.26 -19.96 -13.93
C THR A 391 -12.89 -19.88 -13.23
N ALA A 392 -12.77 -19.17 -12.09
CA ALA A 392 -11.46 -18.75 -11.57
C ALA A 392 -10.77 -19.83 -10.73
N ALA A 393 -11.43 -20.94 -10.47
CA ALA A 393 -10.80 -22.16 -9.92
C ALA A 393 -11.33 -23.36 -10.68
N TYR A 394 -10.49 -24.38 -10.80
CA TYR A 394 -10.84 -25.71 -11.37
C TYR A 394 -10.92 -25.66 -12.89
N GLY A 395 -10.39 -24.62 -13.55
CA GLY A 395 -10.20 -24.57 -14.99
C GLY A 395 -11.33 -23.83 -15.67
N HIS A 396 -11.01 -23.15 -16.75
CA HIS A 396 -12.02 -22.40 -17.54
C HIS A 396 -12.71 -23.33 -18.54
N PHE A 397 -12.13 -24.48 -18.82
CA PHE A 397 -12.57 -25.38 -19.91
C PHE A 397 -12.93 -26.75 -19.35
N GLY A 398 -13.86 -27.40 -20.03
CA GLY A 398 -14.27 -28.78 -19.76
C GLY A 398 -15.36 -28.86 -18.72
N ARG A 399 -16.00 -27.75 -18.35
CA ARG A 399 -17.05 -27.86 -17.31
C ARG A 399 -18.42 -27.58 -17.88
N ASP A 400 -19.43 -28.05 -17.13
CA ASP A 400 -20.87 -27.86 -17.38
C ASP A 400 -21.25 -26.38 -17.37
N SER A 401 -22.18 -26.06 -18.25
CA SER A 401 -23.05 -24.87 -18.15
C SER A 401 -22.27 -23.61 -18.49
N PHE A 402 -21.16 -23.70 -19.25
CA PHE A 402 -20.49 -22.52 -19.85
C PHE A 402 -20.83 -22.55 -21.33
N PRO A 403 -21.21 -21.41 -21.96
CA PRO A 403 -21.62 -21.41 -23.37
C PRO A 403 -20.55 -21.93 -24.34
N TRP A 404 -19.26 -21.71 -24.04
CA TRP A 404 -18.13 -22.13 -24.90
C TRP A 404 -17.93 -23.65 -24.86
N GLU A 405 -18.61 -24.35 -23.95
CA GLU A 405 -18.56 -25.82 -23.81
C GLU A 405 -19.74 -26.49 -24.51
N VAL A 406 -20.66 -25.73 -25.13
CA VAL A 406 -21.78 -26.32 -25.92
C VAL A 406 -21.33 -26.30 -27.37
N PRO A 407 -21.04 -27.49 -27.98
CA PRO A 407 -20.51 -27.50 -29.34
C PRO A 407 -21.53 -26.88 -30.30
N LYS A 408 -21.05 -26.14 -31.29
CA LYS A 408 -21.87 -25.66 -32.42
C LYS A 408 -22.04 -26.82 -33.40
N LYS A 409 -23.26 -27.07 -33.89
CA LYS A 409 -23.50 -27.99 -35.01
C LYS A 409 -22.91 -27.36 -36.29
N LEU A 410 -21.96 -28.02 -36.94
CA LEU A 410 -21.19 -27.45 -38.08
C LEU A 410 -21.82 -27.86 -39.40
N LYS A 411 -21.82 -26.95 -40.37
CA LYS A 411 -22.32 -27.22 -41.74
C LYS A 411 -21.18 -27.01 -42.72
N TYR A 412 -21.01 -27.90 -43.70
CA TYR A 412 -19.87 -27.86 -44.67
C TYR A 412 -20.12 -28.86 -45.80
N GLU B 32 -0.75 -24.26 -51.09
CA GLU B 32 -0.99 -25.69 -50.70
C GLU B 32 0.08 -26.10 -49.67
N GLY B 33 -0.34 -26.53 -48.47
CA GLY B 33 0.57 -26.91 -47.37
C GLY B 33 1.06 -25.70 -46.57
N THR B 34 0.65 -24.48 -46.95
CA THR B 34 1.07 -23.28 -46.19
C THR B 34 0.14 -23.06 -44.99
N PHE B 35 0.66 -22.35 -44.01
CA PHE B 35 -0.14 -21.95 -42.82
C PHE B 35 0.46 -20.68 -42.23
N LEU B 36 -0.32 -20.04 -41.37
CA LEU B 36 0.12 -18.81 -40.65
C LEU B 36 0.44 -19.20 -39.21
N PHE B 37 1.39 -18.48 -38.61
CA PHE B 37 1.54 -18.52 -37.13
C PHE B 37 1.92 -17.13 -36.66
N THR B 38 1.40 -16.78 -35.50
CA THR B 38 1.59 -15.41 -34.95
C THR B 38 2.30 -15.52 -33.59
N SER B 39 3.30 -14.64 -33.35
CA SER B 39 3.92 -14.43 -32.02
C SER B 39 3.97 -12.93 -31.72
N GLU B 40 4.07 -12.59 -30.44
CA GLU B 40 4.17 -11.16 -30.02
C GLU B 40 5.41 -10.97 -29.15
N SER B 41 5.83 -9.72 -29.02
CA SER B 41 6.89 -9.34 -28.04
C SER B 41 6.50 -7.98 -27.48
N VAL B 42 7.13 -7.58 -26.39
CA VAL B 42 6.88 -6.25 -25.79
C VAL B 42 8.24 -5.61 -25.46
N GLY B 43 8.25 -4.27 -25.34
CA GLY B 43 9.49 -3.55 -25.10
C GLY B 43 9.83 -3.45 -23.62
N GLU B 44 10.96 -2.82 -23.34
CA GLU B 44 11.48 -2.75 -21.96
C GLU B 44 10.54 -1.90 -21.08
N GLY B 45 9.76 -0.96 -21.64
CA GLY B 45 8.89 -0.10 -20.83
C GLY B 45 7.46 -0.59 -20.83
N HIS B 46 7.17 -1.74 -21.41
CA HIS B 46 5.86 -2.41 -21.20
C HIS B 46 5.74 -2.69 -19.70
N PRO B 47 4.60 -2.39 -19.06
CA PRO B 47 4.51 -2.44 -17.60
C PRO B 47 4.78 -3.83 -17.01
N ASP B 48 4.37 -4.93 -17.69
CA ASP B 48 4.66 -6.29 -17.19
C ASP B 48 6.16 -6.50 -17.29
N LYS B 49 6.78 -6.06 -18.38
CA LYS B 49 8.26 -6.23 -18.54
C LYS B 49 9.03 -5.38 -17.57
N ILE B 50 8.54 -4.17 -17.24
CA ILE B 50 9.18 -3.36 -16.15
C ILE B 50 9.29 -4.25 -14.89
N CYS B 51 8.21 -4.92 -14.54
CA CYS B 51 8.15 -5.80 -13.33
C CYS B 51 9.14 -6.94 -13.39
N ASP B 52 9.23 -7.61 -14.55
CA ASP B 52 10.20 -8.70 -14.75
C ASP B 52 11.62 -8.15 -14.53
N GLN B 53 11.92 -7.03 -15.15
CA GLN B 53 13.29 -6.46 -15.06
C GLN B 53 13.61 -6.08 -13.62
N ILE B 54 12.68 -5.44 -12.92
CA ILE B 54 12.90 -5.03 -11.50
C ILE B 54 13.08 -6.29 -10.62
N SER B 55 12.20 -7.29 -10.79
CA SER B 55 12.30 -8.56 -10.02
C SER B 55 13.69 -9.17 -10.25
N ASP B 56 14.21 -9.19 -11.49
CA ASP B 56 15.54 -9.80 -11.75
C ASP B 56 16.67 -8.85 -11.33
N ALA B 57 16.47 -7.54 -11.37
CA ALA B 57 17.46 -6.59 -10.78
C ALA B 57 17.63 -6.87 -9.28
N VAL B 58 16.52 -7.12 -8.59
CA VAL B 58 16.54 -7.50 -7.14
C VAL B 58 17.29 -8.82 -6.98
N LEU B 59 16.96 -9.84 -7.79
CA LEU B 59 17.62 -11.14 -7.71
C LEU B 59 19.13 -10.95 -7.89
N ASP B 60 19.53 -10.24 -8.92
CA ASP B 60 20.99 -10.04 -9.21
C ASP B 60 21.67 -9.29 -8.06
N ALA B 61 21.00 -8.30 -7.45
CA ALA B 61 21.56 -7.50 -6.35
C ALA B 61 21.89 -8.44 -5.19
N HIS B 62 20.98 -9.37 -4.88
CA HIS B 62 21.19 -10.39 -3.83
C HIS B 62 22.35 -11.29 -4.23
N LEU B 63 22.33 -11.87 -5.45
CA LEU B 63 23.36 -12.86 -5.85
C LEU B 63 24.76 -12.24 -5.89
N GLN B 64 24.87 -10.95 -6.21
CA GLN B 64 26.17 -10.22 -6.19
C GLN B 64 26.81 -10.34 -4.81
N GLN B 65 26.01 -10.26 -3.73
CA GLN B 65 26.53 -10.29 -2.33
C GLN B 65 26.47 -11.72 -1.76
N ASP B 66 25.40 -12.46 -2.04
CA ASP B 66 25.18 -13.81 -1.46
C ASP B 66 24.79 -14.74 -2.60
N PRO B 67 25.76 -15.47 -3.20
CA PRO B 67 25.47 -16.41 -4.28
C PRO B 67 24.45 -17.51 -3.90
N ASP B 68 24.23 -17.78 -2.59
CA ASP B 68 23.23 -18.77 -2.10
C ASP B 68 21.91 -18.11 -1.66
N ALA B 69 21.68 -16.84 -2.04
CA ALA B 69 20.41 -16.12 -1.74
C ALA B 69 19.24 -16.91 -2.33
N LYS B 70 18.18 -17.08 -1.54
CA LYS B 70 16.86 -17.55 -1.98
C LYS B 70 16.00 -16.32 -2.20
N VAL B 71 15.43 -16.19 -3.39
CA VAL B 71 14.69 -14.97 -3.82
C VAL B 71 13.41 -15.40 -4.55
N ALA B 72 12.29 -14.86 -4.11
CA ALA B 72 10.97 -14.94 -4.79
C ALA B 72 10.37 -13.56 -4.76
N CYS B 73 10.80 -12.70 -5.66
CA CYS B 73 10.48 -11.26 -5.66
C CYS B 73 9.48 -10.96 -6.78
N GLU B 74 8.26 -10.66 -6.40
CA GLU B 74 7.17 -10.25 -7.33
C GLU B 74 7.14 -8.73 -7.33
N THR B 75 6.96 -8.13 -8.48
CA THR B 75 6.89 -6.66 -8.65
C THR B 75 5.51 -6.32 -9.24
N VAL B 76 4.89 -5.28 -8.72
CA VAL B 76 3.61 -4.73 -9.23
C VAL B 76 3.84 -3.28 -9.58
N ALA B 77 3.41 -2.86 -10.77
CA ALA B 77 3.57 -1.47 -11.25
C ALA B 77 2.20 -0.92 -11.64
N LYS B 78 1.83 0.23 -11.07
CA LYS B 78 0.63 0.96 -11.53
C LYS B 78 0.99 2.45 -11.37
N THR B 79 0.14 3.37 -11.78
CA THR B 79 0.41 4.84 -11.72
C THR B 79 1.20 5.20 -10.46
N GLY B 80 2.45 5.61 -10.63
CA GLY B 80 3.27 6.19 -9.54
C GLY B 80 3.81 5.17 -8.57
N MET B 81 3.58 3.87 -8.79
CA MET B 81 3.85 2.84 -7.75
C MET B 81 4.67 1.68 -8.30
N ILE B 82 5.75 1.34 -7.61
CA ILE B 82 6.41 0.02 -7.68
C ILE B 82 6.26 -0.63 -6.32
N LEU B 83 5.63 -1.80 -6.27
CA LEU B 83 5.53 -2.61 -5.04
C LEU B 83 6.34 -3.88 -5.20
N LEU B 84 7.20 -4.20 -4.23
CA LEU B 84 7.92 -5.48 -4.16
C LEU B 84 7.27 -6.36 -3.10
N ALA B 85 6.95 -7.60 -3.46
CA ALA B 85 6.30 -8.54 -2.55
C ALA B 85 6.95 -9.89 -2.72
N GLY B 86 7.12 -10.60 -1.62
CA GLY B 86 7.60 -11.98 -1.69
C GLY B 86 8.55 -12.26 -0.55
N GLU B 87 9.40 -13.25 -0.75
CA GLU B 87 10.14 -13.93 0.33
C GLU B 87 11.60 -13.95 -0.11
N ILE B 88 12.50 -13.58 0.79
CA ILE B 88 13.97 -13.59 0.54
C ILE B 88 14.67 -14.14 1.77
N THR B 89 15.59 -15.09 1.55
CA THR B 89 16.57 -15.55 2.56
C THR B 89 17.96 -15.25 2.01
N SER B 90 18.65 -14.28 2.59
CA SER B 90 19.89 -13.70 2.01
C SER B 90 20.73 -13.06 3.09
N ARG B 91 22.05 -13.17 2.98
CA ARG B 91 23.03 -12.39 3.78
C ARG B 91 23.21 -11.01 3.15
N ALA B 92 22.68 -10.76 1.95
CA ALA B 92 22.86 -9.47 1.25
C ALA B 92 22.11 -8.35 2.00
N ALA B 93 22.67 -7.15 1.96
CA ALA B 93 21.96 -5.92 2.39
C ALA B 93 21.75 -5.10 1.12
N VAL B 94 20.52 -5.04 0.67
CA VAL B 94 20.20 -4.48 -0.67
C VAL B 94 19.43 -3.18 -0.48
N ASP B 95 19.79 -2.15 -1.23
CA ASP B 95 19.09 -0.85 -1.20
C ASP B 95 18.00 -0.92 -2.26
N TYR B 96 16.79 -1.33 -1.89
CA TYR B 96 15.67 -1.56 -2.83
C TYR B 96 15.28 -0.26 -3.52
N GLN B 97 15.28 0.87 -2.81
CA GLN B 97 14.99 2.20 -3.43
C GLN B 97 15.94 2.42 -4.63
N LYS B 98 17.24 2.22 -4.42
CA LYS B 98 18.29 2.44 -5.44
C LYS B 98 18.11 1.44 -6.58
N VAL B 99 17.92 0.16 -6.25
CA VAL B 99 17.82 -0.90 -7.32
C VAL B 99 16.61 -0.60 -8.21
N VAL B 100 15.47 -0.29 -7.62
CA VAL B 100 14.22 -0.06 -8.39
C VAL B 100 14.40 1.22 -9.22
N ARG B 101 14.87 2.29 -8.60
CA ARG B 101 14.91 3.60 -9.30
C ARG B 101 15.92 3.51 -10.46
N GLU B 102 17.05 2.86 -10.27
CA GLU B 102 18.06 2.73 -11.35
C GLU B 102 17.49 1.88 -12.51
N ALA B 103 16.71 0.85 -12.23
CA ALA B 103 16.08 0.02 -13.30
C ALA B 103 15.09 0.86 -14.10
N VAL B 104 14.28 1.68 -13.42
CA VAL B 104 13.23 2.50 -14.11
C VAL B 104 13.95 3.60 -14.92
N LYS B 105 15.01 4.17 -14.38
CA LYS B 105 15.80 5.18 -15.09
C LYS B 105 16.31 4.57 -16.40
N HIS B 106 16.94 3.41 -16.31
CA HIS B 106 17.55 2.76 -17.50
C HIS B 106 16.49 2.48 -18.58
N ILE B 107 15.30 2.05 -18.18
CA ILE B 107 14.18 1.77 -19.11
C ILE B 107 13.80 3.08 -19.83
N GLY B 108 13.86 4.22 -19.13
CA GLY B 108 13.67 5.56 -19.73
C GLY B 108 12.49 6.33 -19.12
N TYR B 109 11.88 5.88 -18.02
CA TYR B 109 10.79 6.63 -17.36
C TYR B 109 11.39 7.63 -16.36
N ASP B 110 11.63 8.85 -16.84
CA ASP B 110 12.39 9.90 -16.11
C ASP B 110 11.62 11.23 -16.11
N ASP B 111 10.30 11.24 -16.29
CA ASP B 111 9.56 12.51 -16.29
C ASP B 111 8.06 12.25 -16.26
N SER B 112 7.33 13.08 -15.53
CA SER B 112 5.85 12.94 -15.42
C SER B 112 5.18 13.10 -16.79
N SER B 113 5.82 13.77 -17.76
CA SER B 113 5.27 13.91 -19.13
C SER B 113 5.20 12.53 -19.83
N LYS B 114 6.00 11.57 -19.39
CA LYS B 114 6.06 10.19 -19.96
C LYS B 114 5.14 9.26 -19.17
N GLY B 115 4.54 9.72 -18.09
CA GLY B 115 3.57 8.97 -17.29
C GLY B 115 4.19 8.31 -16.09
N PHE B 116 5.51 8.38 -15.95
CA PHE B 116 6.23 7.66 -14.87
C PHE B 116 7.64 8.26 -14.75
N ASP B 117 8.12 8.42 -13.52
CA ASP B 117 9.42 9.02 -13.23
C ASP B 117 10.09 8.27 -12.08
N TYR B 118 11.26 7.69 -12.34
CA TYR B 118 12.06 7.00 -11.28
C TYR B 118 12.37 7.95 -10.11
N LYS B 119 12.50 9.25 -10.37
CA LYS B 119 12.89 10.25 -9.34
C LYS B 119 11.78 10.40 -8.28
N THR B 120 10.51 10.31 -8.68
CA THR B 120 9.40 10.79 -7.85
C THR B 120 8.41 9.66 -7.55
N CYS B 121 8.56 8.46 -8.11
CA CYS B 121 7.55 7.38 -7.92
C CYS B 121 7.65 6.83 -6.46
N ASN B 122 6.56 6.22 -6.03
CA ASN B 122 6.45 5.50 -4.74
C ASN B 122 7.09 4.12 -4.91
N VAL B 123 8.09 3.76 -4.11
CA VAL B 123 8.61 2.37 -4.02
C VAL B 123 8.20 1.80 -2.66
N LEU B 124 7.29 0.82 -2.62
CA LEU B 124 6.82 0.15 -1.39
C LEU B 124 7.47 -1.23 -1.35
N VAL B 125 8.02 -1.57 -0.20
CA VAL B 125 8.72 -2.87 -0.01
C VAL B 125 7.90 -3.69 0.99
N ALA B 126 7.36 -4.81 0.54
CA ALA B 126 6.65 -5.77 1.40
C ALA B 126 7.40 -7.11 1.47
N LEU B 127 8.70 -7.13 1.16
CA LEU B 127 9.54 -8.37 1.15
C LEU B 127 9.75 -8.86 2.58
N GLU B 128 9.46 -10.13 2.84
CA GLU B 128 9.78 -10.83 4.09
C GLU B 128 11.17 -11.45 3.89
N GLN B 129 12.16 -10.86 4.56
CA GLN B 129 13.56 -11.32 4.46
C GLN B 129 13.88 -12.10 5.73
N GLN B 130 14.60 -13.21 5.59
CA GLN B 130 15.18 -13.99 6.73
C GLN B 130 16.70 -14.12 6.55
N SER B 131 17.44 -14.07 7.66
CA SER B 131 18.82 -14.63 7.77
C SER B 131 18.78 -16.12 7.43
N PRO B 132 19.78 -16.70 6.71
CA PRO B 132 19.80 -18.15 6.47
C PRO B 132 19.95 -19.00 7.74
N ASN B 143 24.62 -33.62 -0.07
CA ASN B 143 25.27 -33.37 -1.39
C ASN B 143 24.30 -32.56 -2.24
N GLU B 144 24.82 -31.53 -2.93
CA GLU B 144 23.97 -30.58 -3.71
C GLU B 144 23.11 -31.34 -4.74
N GLU B 145 23.68 -32.38 -5.38
CA GLU B 145 23.03 -33.27 -6.39
C GLU B 145 21.71 -33.85 -5.88
N ASP B 146 21.56 -34.11 -4.57
CA ASP B 146 20.38 -34.80 -3.98
C ASP B 146 19.31 -33.83 -3.46
N ILE B 147 19.49 -32.52 -3.61
N ILE B 147 19.48 -32.52 -3.62
CA ILE B 147 18.51 -31.54 -3.04
CA ILE B 147 18.51 -31.53 -3.08
C ILE B 147 17.18 -31.74 -3.77
C ILE B 147 17.16 -31.76 -3.78
N GLY B 148 16.08 -31.71 -3.03
CA GLY B 148 14.72 -31.90 -3.58
C GLY B 148 14.34 -30.68 -4.38
N ALA B 149 13.48 -30.83 -5.38
CA ALA B 149 12.84 -29.70 -6.07
C ALA B 149 12.18 -28.86 -4.97
N GLY B 150 12.18 -27.53 -5.13
CA GLY B 150 11.56 -26.60 -4.17
C GLY B 150 10.06 -26.54 -4.35
N ASP B 151 9.54 -27.19 -5.38
CA ASP B 151 8.09 -27.11 -5.70
C ASP B 151 7.76 -28.25 -6.65
N GLN B 152 6.47 -28.54 -6.81
CA GLN B 152 6.02 -29.41 -7.91
C GLN B 152 6.01 -28.52 -9.15
N GLY B 153 5.82 -29.12 -10.32
CA GLY B 153 5.44 -28.38 -11.54
C GLY B 153 5.97 -29.08 -12.77
N LEU B 154 5.62 -28.52 -13.92
CA LEU B 154 6.02 -29.03 -15.24
C LEU B 154 6.66 -27.87 -15.99
N MET B 155 7.58 -28.24 -16.90
CA MET B 155 8.42 -27.29 -17.64
C MET B 155 8.67 -27.89 -19.01
N PHE B 156 8.78 -27.05 -20.01
CA PHE B 156 9.09 -27.53 -21.37
C PHE B 156 10.27 -26.75 -21.93
N GLY B 157 10.97 -27.41 -22.84
CA GLY B 157 11.96 -26.76 -23.71
C GLY B 157 11.66 -27.11 -25.15
N TYR B 158 12.01 -26.21 -26.04
CA TYR B 158 11.70 -26.30 -27.47
C TYR B 158 12.92 -25.78 -28.25
N ALA B 159 13.13 -26.35 -29.42
CA ALA B 159 14.08 -25.82 -30.39
C ALA B 159 13.59 -26.14 -31.79
N THR B 160 13.98 -25.30 -32.75
CA THR B 160 13.58 -25.42 -34.17
C THR B 160 14.75 -24.96 -35.03
N ASP B 161 15.07 -25.73 -36.07
CA ASP B 161 16.20 -25.42 -36.98
C ASP B 161 15.83 -24.29 -37.95
N GLU B 162 14.65 -23.67 -37.87
CA GLU B 162 14.25 -22.62 -38.85
C GLU B 162 15.12 -21.35 -38.75
N THR B 163 15.81 -21.12 -37.62
CA THR B 163 16.79 -20.02 -37.45
C THR B 163 18.08 -20.56 -36.84
N GLU B 164 19.19 -19.84 -37.01
CA GLU B 164 20.52 -20.16 -36.42
C GLU B 164 20.40 -20.20 -34.89
N GLU B 165 19.59 -19.34 -34.30
CA GLU B 165 19.42 -19.31 -32.83
C GLU B 165 18.46 -20.42 -32.38
N CYS B 166 17.92 -21.22 -33.30
CA CYS B 166 17.12 -22.41 -32.93
C CYS B 166 15.81 -22.00 -32.28
N MET B 167 15.28 -20.88 -32.74
CA MET B 167 14.03 -20.27 -32.24
C MET B 167 13.11 -19.99 -33.42
N PRO B 168 11.79 -19.96 -33.16
CA PRO B 168 10.81 -19.60 -34.18
C PRO B 168 11.09 -18.20 -34.73
N LEU B 169 10.97 -18.05 -36.03
CA LEU B 169 11.21 -16.74 -36.67
C LEU B 169 10.22 -15.69 -36.13
N THR B 170 8.96 -16.07 -35.89
CA THR B 170 7.89 -15.17 -35.42
C THR B 170 8.36 -14.44 -34.14
N ILE B 171 8.87 -15.15 -33.14
CA ILE B 171 9.22 -14.53 -31.83
C ILE B 171 10.56 -13.78 -31.99
N VAL B 172 11.51 -14.30 -32.75
CA VAL B 172 12.81 -13.61 -33.00
C VAL B 172 12.54 -12.24 -33.61
N LEU B 173 11.74 -12.18 -34.68
CA LEU B 173 11.46 -10.87 -35.36
C LEU B 173 10.67 -9.95 -34.40
N ALA B 174 9.69 -10.46 -33.66
CA ALA B 174 8.89 -9.65 -32.72
C ALA B 174 9.82 -9.00 -31.69
N HIS B 175 10.73 -9.77 -31.09
CA HIS B 175 11.70 -9.24 -30.10
C HIS B 175 12.58 -8.19 -30.76
N LYS B 176 13.12 -8.48 -31.94
CA LYS B 176 14.08 -7.56 -32.58
C LYS B 176 13.39 -6.24 -32.96
N LEU B 177 12.09 -6.26 -33.26
CA LEU B 177 11.37 -4.99 -33.54
C LEU B 177 11.33 -4.10 -32.27
N ASN B 178 11.08 -4.70 -31.09
CA ASN B 178 11.10 -3.93 -29.81
C ASN B 178 12.51 -3.42 -29.52
N ALA B 179 13.54 -4.21 -29.75
CA ALA B 179 14.95 -3.80 -29.51
C ALA B 179 15.28 -2.63 -30.43
N LYS B 180 14.81 -2.63 -31.67
CA LYS B 180 15.07 -1.53 -32.65
C LYS B 180 14.38 -0.25 -32.18
N LEU B 181 13.14 -0.34 -31.70
CA LEU B 181 12.46 0.81 -31.11
C LEU B 181 13.30 1.41 -29.98
N ALA B 182 13.80 0.60 -29.05
CA ALA B 182 14.60 1.07 -27.91
C ALA B 182 15.89 1.73 -28.41
N GLU B 183 16.46 1.16 -29.46
CA GLU B 183 17.71 1.65 -30.06
C GLU B 183 17.49 3.06 -30.62
N LEU B 184 16.42 3.23 -31.39
CA LEU B 184 16.20 4.52 -32.11
C LEU B 184 15.62 5.58 -31.16
N ARG B 185 14.95 5.13 -30.09
CA ARG B 185 14.58 6.04 -28.96
C ARG B 185 15.86 6.53 -28.29
N ARG B 186 16.74 5.60 -27.87
CA ARG B 186 17.93 6.00 -27.06
C ARG B 186 18.94 6.82 -27.86
N ASN B 187 19.07 6.63 -29.17
CA ASN B 187 20.11 7.39 -29.94
C ASN B 187 19.51 8.68 -30.50
N GLY B 188 18.24 8.97 -30.19
CA GLY B 188 17.59 10.25 -30.51
C GLY B 188 17.17 10.36 -31.97
N THR B 189 17.20 9.29 -32.78
CA THR B 189 16.82 9.40 -34.22
C THR B 189 15.29 9.46 -34.29
N LEU B 190 14.57 8.81 -33.36
CA LEU B 190 13.08 8.95 -33.26
C LEU B 190 12.76 9.41 -31.85
N PRO B 191 12.94 10.72 -31.55
CA PRO B 191 12.84 11.23 -30.17
C PRO B 191 11.40 11.27 -29.64
N TRP B 192 10.42 11.10 -30.51
CA TRP B 192 8.98 11.04 -30.12
C TRP B 192 8.61 9.69 -29.48
N LEU B 193 9.49 8.69 -29.60
CA LEU B 193 9.26 7.35 -29.02
C LEU B 193 9.33 7.42 -27.50
N ARG B 194 8.48 6.62 -26.85
CA ARG B 194 8.50 6.42 -25.39
C ARG B 194 8.74 4.93 -25.12
N PRO B 195 9.05 4.53 -23.86
CA PRO B 195 9.48 3.15 -23.58
C PRO B 195 8.50 2.00 -23.78
N ASP B 196 7.21 2.24 -23.70
CA ASP B 196 6.17 1.18 -23.73
C ASP B 196 5.89 0.80 -25.20
N SER B 197 6.11 -0.46 -25.56
CA SER B 197 5.87 -0.93 -26.95
C SER B 197 5.37 -2.37 -26.94
N LYS B 198 4.65 -2.72 -27.99
CA LYS B 198 4.25 -4.12 -28.32
C LYS B 198 4.44 -4.31 -29.80
N THR B 199 4.85 -5.52 -30.17
CA THR B 199 4.97 -5.92 -31.58
C THR B 199 4.30 -7.28 -31.75
N GLN B 200 3.89 -7.56 -32.97
CA GLN B 200 3.32 -8.89 -33.29
C GLN B 200 3.64 -9.21 -34.74
N VAL B 201 4.11 -10.43 -34.97
CA VAL B 201 4.59 -10.87 -36.30
C VAL B 201 3.84 -12.17 -36.66
N THR B 202 3.11 -12.13 -37.76
CA THR B 202 2.49 -13.32 -38.41
C THR B 202 3.35 -13.72 -39.60
N VAL B 203 3.86 -14.94 -39.56
CA VAL B 203 4.68 -15.52 -40.65
C VAL B 203 3.83 -16.56 -41.38
N GLN B 204 3.97 -16.58 -42.69
CA GLN B 204 3.44 -17.64 -43.56
C GLN B 204 4.54 -18.68 -43.71
N TYR B 205 4.20 -19.92 -43.37
CA TYR B 205 5.16 -21.04 -43.38
C TYR B 205 4.71 -22.10 -44.37
N MET B 206 5.68 -22.89 -44.83
CA MET B 206 5.51 -24.20 -45.48
C MET B 206 6.04 -25.26 -44.51
N GLN B 207 5.82 -26.54 -44.82
N GLN B 207 5.81 -26.53 -44.83
CA GLN B 207 6.35 -27.64 -43.98
CA GLN B 207 6.24 -27.71 -44.05
C GLN B 207 7.13 -28.60 -44.88
C GLN B 207 7.19 -28.54 -44.92
N ASP B 208 8.16 -29.22 -44.29
CA ASP B 208 8.94 -30.33 -44.86
C ASP B 208 8.92 -31.46 -43.82
N ARG B 209 7.92 -32.35 -43.85
CA ARG B 209 7.87 -33.55 -42.95
C ARG B 209 8.08 -33.10 -41.51
N GLY B 210 7.24 -32.14 -41.07
CA GLY B 210 7.20 -31.67 -39.71
C GLY B 210 8.07 -30.47 -39.43
N ALA B 211 9.16 -30.26 -40.18
CA ALA B 211 10.04 -29.07 -40.05
C ALA B 211 9.29 -27.88 -40.65
N VAL B 212 9.42 -26.69 -40.07
CA VAL B 212 8.66 -25.50 -40.56
C VAL B 212 9.61 -24.58 -41.31
N LEU B 213 9.17 -24.06 -42.45
CA LEU B 213 10.03 -23.29 -43.38
C LEU B 213 9.36 -21.92 -43.59
N PRO B 214 9.96 -20.84 -43.09
CA PRO B 214 9.35 -19.52 -43.28
C PRO B 214 9.42 -19.07 -44.73
N ILE B 215 8.29 -18.59 -45.24
CA ILE B 215 8.15 -18.05 -46.62
C ILE B 215 8.20 -16.53 -46.60
N ARG B 216 7.34 -15.89 -45.80
CA ARG B 216 7.12 -14.43 -45.92
C ARG B 216 6.47 -13.94 -44.62
N VAL B 217 6.64 -12.67 -44.33
CA VAL B 217 5.89 -12.01 -43.23
C VAL B 217 4.54 -11.58 -43.80
N HIS B 218 3.48 -12.10 -43.18
CA HIS B 218 2.07 -11.91 -43.61
C HIS B 218 1.53 -10.60 -43.00
N THR B 219 1.71 -10.41 -41.71
CA THR B 219 1.16 -9.29 -40.93
C THR B 219 2.19 -8.84 -39.90
N ILE B 220 2.32 -7.53 -39.69
CA ILE B 220 3.12 -6.95 -38.58
C ILE B 220 2.25 -5.90 -37.87
N VAL B 221 2.17 -6.02 -36.56
CA VAL B 221 1.59 -4.98 -35.67
C VAL B 221 2.75 -4.32 -34.94
N ILE B 222 2.73 -2.98 -34.83
CA ILE B 222 3.56 -2.23 -33.86
C ILE B 222 2.69 -1.18 -33.20
N SER B 223 2.67 -1.20 -31.88
CA SER B 223 2.03 -0.17 -31.03
C SER B 223 3.10 0.37 -30.11
N VAL B 224 3.40 1.67 -30.19
CA VAL B 224 4.46 2.21 -29.31
C VAL B 224 4.01 3.56 -28.73
N GLN B 225 4.24 3.72 -27.44
CA GLN B 225 3.95 4.99 -26.73
C GLN B 225 4.72 6.14 -27.40
N HIS B 226 4.09 7.30 -27.49
CA HIS B 226 4.66 8.44 -28.25
C HIS B 226 4.31 9.76 -27.59
N ASP B 227 5.04 10.80 -28.00
CA ASP B 227 4.82 12.16 -27.49
C ASP B 227 3.58 12.78 -28.17
N GLU B 228 3.17 13.95 -27.71
CA GLU B 228 1.91 14.59 -28.15
C GLU B 228 2.15 15.41 -29.42
N GLU B 229 3.40 15.61 -29.85
CA GLU B 229 3.75 16.54 -30.97
C GLU B 229 3.71 15.79 -32.31
N VAL B 230 4.18 14.54 -32.36
CA VAL B 230 4.35 13.84 -33.68
C VAL B 230 2.97 13.42 -34.24
N CSO B 231 2.80 13.52 -35.56
CA CSO B 231 1.57 13.12 -36.29
CB CSO B 231 1.42 13.87 -37.59
SG CSO B 231 1.12 15.65 -37.31
C CSO B 231 1.59 11.61 -36.54
O CSO B 231 2.67 10.97 -36.64
OD CSO B 231 0.08 15.88 -36.05
N LEU B 232 0.40 11.06 -36.66
CA LEU B 232 0.16 9.63 -36.94
C LEU B 232 0.83 9.23 -38.27
N ASP B 233 0.72 10.05 -39.32
CA ASP B 233 1.33 9.74 -40.65
C ASP B 233 2.86 9.64 -40.52
N GLU B 234 3.49 10.54 -39.76
CA GLU B 234 4.97 10.54 -39.58
C GLU B 234 5.36 9.28 -38.79
N MET B 235 4.61 8.93 -37.74
CA MET B 235 4.99 7.76 -36.92
C MET B 235 4.87 6.48 -37.77
N ARG B 236 3.76 6.30 -38.49
CA ARG B 236 3.51 5.10 -39.32
C ARG B 236 4.58 4.97 -40.40
N ASP B 237 4.97 6.07 -41.05
CA ASP B 237 6.05 6.07 -42.07
C ASP B 237 7.38 5.63 -41.43
N ALA B 238 7.72 6.17 -40.28
CA ALA B 238 8.99 5.85 -39.58
C ALA B 238 9.00 4.38 -39.12
N LEU B 239 7.86 3.88 -38.65
CA LEU B 239 7.78 2.50 -38.13
C LEU B 239 8.02 1.51 -39.29
N LYS B 240 7.52 1.84 -40.48
CA LYS B 240 7.71 0.96 -41.67
C LYS B 240 9.17 1.09 -42.11
N GLU B 241 9.63 2.31 -42.38
CA GLU B 241 10.92 2.56 -43.08
C GLU B 241 12.11 2.37 -42.11
N LYS B 242 12.05 2.87 -40.87
CA LYS B 242 13.26 2.92 -40.00
C LYS B 242 13.31 1.74 -39.03
N VAL B 243 12.19 1.10 -38.77
CA VAL B 243 12.12 0.02 -37.75
C VAL B 243 11.97 -1.31 -38.52
N ILE B 244 10.82 -1.51 -39.14
CA ILE B 244 10.52 -2.82 -39.80
C ILE B 244 11.58 -3.13 -40.87
N LYS B 245 11.88 -2.20 -41.77
CA LYS B 245 12.80 -2.50 -42.90
C LYS B 245 14.25 -2.62 -42.38
N ALA B 246 14.57 -2.15 -41.17
CA ALA B 246 15.92 -2.31 -40.58
C ALA B 246 16.04 -3.65 -39.87
N VAL B 247 14.92 -4.33 -39.58
CA VAL B 247 14.92 -5.57 -38.76
C VAL B 247 14.59 -6.78 -39.63
N VAL B 248 13.53 -6.73 -40.43
CA VAL B 248 13.02 -7.89 -41.19
C VAL B 248 13.80 -8.02 -42.50
N PRO B 249 14.49 -9.15 -42.78
CA PRO B 249 15.09 -9.38 -44.10
C PRO B 249 14.09 -9.05 -45.23
N ALA B 250 14.52 -8.28 -46.21
CA ALA B 250 13.71 -7.79 -47.35
C ALA B 250 13.03 -8.98 -48.06
N LYS B 251 13.68 -10.13 -48.10
CA LYS B 251 13.12 -11.32 -48.80
C LYS B 251 11.77 -11.74 -48.17
N TYR B 252 11.52 -11.42 -46.91
CA TYR B 252 10.26 -11.80 -46.21
C TYR B 252 9.19 -10.74 -46.34
N LEU B 253 9.49 -9.54 -46.87
CA LEU B 253 8.51 -8.43 -47.01
C LEU B 253 8.12 -8.33 -48.48
N ASP B 254 6.85 -8.12 -48.79
CA ASP B 254 6.39 -7.93 -50.18
C ASP B 254 5.19 -7.00 -50.18
N GLU B 255 4.61 -6.76 -51.34
CA GLU B 255 3.56 -5.72 -51.49
C GLU B 255 2.26 -6.21 -50.85
N ASP B 256 2.13 -7.48 -50.45
CA ASP B 256 0.90 -7.98 -49.78
C ASP B 256 1.04 -7.99 -48.27
N THR B 257 2.25 -7.83 -47.70
CA THR B 257 2.49 -7.78 -46.26
C THR B 257 1.53 -6.73 -45.64
N ILE B 258 0.81 -7.10 -44.61
CA ILE B 258 -0.20 -6.24 -43.94
C ILE B 258 0.48 -5.55 -42.77
N TYR B 259 0.34 -4.23 -42.67
CA TYR B 259 0.91 -3.40 -41.60
C TYR B 259 -0.20 -2.83 -40.72
N HIS B 260 -0.16 -3.12 -39.42
CA HIS B 260 -0.98 -2.45 -38.38
C HIS B 260 -0.03 -1.68 -37.49
N LEU B 261 0.18 -0.40 -37.84
CA LEU B 261 1.13 0.48 -37.14
C LEU B 261 0.33 1.57 -36.44
N GLN B 262 0.52 1.66 -35.13
CA GLN B 262 -0.30 2.55 -34.26
C GLN B 262 -1.78 2.31 -34.56
N PRO B 263 -2.25 1.04 -34.61
CA PRO B 263 -3.65 0.75 -34.96
C PRO B 263 -4.71 1.32 -33.98
N SER B 264 -4.36 1.62 -32.73
CA SER B 264 -5.29 2.30 -31.76
C SER B 264 -5.50 3.77 -32.15
N GLY B 265 -4.56 4.34 -32.91
CA GLY B 265 -4.55 5.74 -33.37
C GLY B 265 -4.00 6.72 -32.34
N ARG B 266 -3.88 6.37 -31.07
CA ARG B 266 -3.33 7.30 -30.04
C ARG B 266 -2.81 6.47 -28.88
N PHE B 267 -1.55 6.70 -28.53
CA PHE B 267 -0.83 5.94 -27.46
C PHE B 267 0.12 6.92 -26.76
N VAL B 268 -0.45 7.94 -26.13
CA VAL B 268 0.30 8.98 -25.36
C VAL B 268 0.38 8.48 -23.91
N ILE B 269 -0.78 8.07 -23.36
CA ILE B 269 -0.84 7.41 -22.02
C ILE B 269 -0.27 6.01 -22.17
N GLY B 270 0.74 5.67 -21.39
CA GLY B 270 1.33 4.32 -21.45
C GLY B 270 2.08 4.00 -20.18
N GLY B 271 2.92 2.98 -20.24
CA GLY B 271 3.64 2.47 -19.05
C GLY B 271 2.62 2.07 -17.99
N PRO B 272 3.02 1.99 -16.70
CA PRO B 272 2.10 1.57 -15.64
C PRO B 272 0.86 2.46 -15.46
N GLN B 273 0.91 3.71 -15.87
CA GLN B 273 -0.26 4.60 -15.87
C GLN B 273 -1.37 4.04 -16.77
N GLY B 274 -1.01 3.53 -17.94
CA GLY B 274 -1.96 2.99 -18.92
C GLY B 274 -2.51 1.64 -18.52
N ASP B 275 -1.74 0.81 -17.82
CA ASP B 275 -2.04 -0.61 -17.62
C ASP B 275 -1.15 -1.11 -16.48
N ALA B 276 -1.73 -1.69 -15.46
CA ALA B 276 -0.99 -2.33 -14.35
C ALA B 276 -0.03 -3.37 -14.91
N GLY B 277 1.19 -3.41 -14.40
CA GLY B 277 2.14 -4.47 -14.73
C GLY B 277 2.33 -5.39 -13.54
N LEU B 278 2.61 -6.64 -13.80
CA LEU B 278 2.96 -7.63 -12.76
C LEU B 278 4.12 -8.48 -13.27
N THR B 279 4.96 -8.98 -12.37
CA THR B 279 5.98 -9.97 -12.75
C THR B 279 5.30 -11.24 -13.28
N GLY B 280 5.88 -11.85 -14.31
CA GLY B 280 5.45 -13.20 -14.74
C GLY B 280 4.13 -13.21 -15.50
N ARG B 281 3.85 -12.14 -16.22
CA ARG B 281 2.61 -12.01 -17.04
C ARG B 281 2.97 -11.91 -18.53
N LYS B 282 4.19 -12.21 -18.90
CA LYS B 282 4.65 -12.30 -20.30
C LYS B 282 5.41 -13.61 -20.52
N ILE B 283 4.92 -14.73 -20.00
CA ILE B 283 5.69 -15.99 -19.96
C ILE B 283 5.85 -16.58 -21.37
N ILE B 284 4.94 -16.26 -22.30
CA ILE B 284 4.98 -16.75 -23.70
C ILE B 284 5.91 -15.86 -24.53
N VAL B 285 5.92 -14.54 -24.27
CA VAL B 285 6.94 -13.64 -24.84
C VAL B 285 8.33 -14.06 -24.35
N ASP B 286 8.42 -14.51 -23.09
CA ASP B 286 9.70 -14.92 -22.49
C ASP B 286 10.28 -16.18 -23.11
N THR B 287 9.45 -16.99 -23.76
CA THR B 287 9.83 -18.34 -24.20
C THR B 287 9.76 -18.40 -25.73
N TYR B 288 8.71 -18.99 -26.31
CA TYR B 288 8.73 -19.44 -27.72
C TYR B 288 7.66 -18.77 -28.54
N GLY B 289 7.00 -17.73 -28.03
CA GLY B 289 5.95 -17.03 -28.80
C GLY B 289 4.77 -17.89 -29.14
N GLY B 290 4.44 -18.91 -28.33
CA GLY B 290 3.27 -19.77 -28.53
C GLY B 290 3.61 -21.12 -29.16
N TRP B 291 4.79 -21.23 -29.76
CA TRP B 291 5.33 -22.50 -30.27
C TRP B 291 5.76 -23.37 -29.08
N GLY B 292 6.07 -24.64 -29.31
CA GLY B 292 6.53 -25.52 -28.23
C GLY B 292 5.43 -25.69 -27.20
N ALA B 293 5.71 -25.41 -25.94
CA ALA B 293 4.74 -25.55 -24.83
C ALA B 293 5.28 -24.81 -23.61
N HIS B 294 4.42 -24.61 -22.64
CA HIS B 294 4.74 -23.87 -21.41
C HIS B 294 4.06 -24.57 -20.24
N GLY B 295 4.78 -24.75 -19.15
CA GLY B 295 4.30 -25.36 -17.90
C GLY B 295 3.59 -24.39 -16.97
N GLY B 296 3.69 -23.11 -17.25
CA GLY B 296 2.97 -22.03 -16.51
C GLY B 296 3.81 -21.24 -15.54
N GLY B 297 5.00 -21.71 -15.17
CA GLY B 297 5.86 -21.04 -14.19
C GLY B 297 6.52 -19.79 -14.78
N ALA B 298 6.49 -18.69 -14.05
CA ALA B 298 7.18 -17.43 -14.45
C ALA B 298 8.67 -17.60 -14.14
N PHE B 299 9.55 -16.85 -14.79
CA PHE B 299 11.01 -16.92 -14.54
C PHE B 299 11.51 -15.82 -13.63
N SER B 300 11.13 -14.57 -13.90
CA SER B 300 11.74 -13.38 -13.26
C SER B 300 11.47 -13.33 -11.75
N GLY B 301 12.48 -12.92 -10.98
CA GLY B 301 12.43 -12.75 -9.53
C GLY B 301 12.65 -14.07 -8.78
N LYS B 302 12.93 -15.17 -9.48
CA LYS B 302 13.14 -16.51 -8.88
C LYS B 302 14.63 -16.88 -9.00
N ASP B 303 15.22 -17.28 -7.89
CA ASP B 303 16.60 -17.78 -7.92
C ASP B 303 16.62 -19.17 -8.56
N TYR B 304 17.82 -19.64 -8.76
CA TYR B 304 18.12 -20.86 -9.55
C TYR B 304 17.60 -22.12 -8.82
N THR B 305 17.22 -22.09 -7.53
CA THR B 305 16.61 -23.24 -6.84
C THR B 305 15.16 -23.42 -7.26
N LYS B 306 14.52 -22.45 -7.94
CA LYS B 306 13.13 -22.60 -8.44
C LYS B 306 13.14 -23.37 -9.77
N VAL B 307 12.60 -24.61 -9.80
CA VAL B 307 12.56 -25.45 -11.04
C VAL B 307 11.74 -24.76 -12.13
N ASP B 308 10.81 -23.88 -11.81
CA ASP B 308 10.05 -23.13 -12.85
C ASP B 308 11.05 -22.46 -13.79
N ARG B 309 12.19 -22.03 -13.25
CA ARG B 309 13.24 -21.33 -14.01
C ARG B 309 14.32 -22.32 -14.43
N SER B 310 14.97 -22.98 -13.49
CA SER B 310 16.16 -23.80 -13.76
C SER B 310 15.82 -24.97 -14.70
N ALA B 311 14.67 -25.63 -14.53
CA ALA B 311 14.32 -26.82 -15.34
C ALA B 311 13.84 -26.36 -16.74
N ALA B 312 13.21 -25.19 -16.88
CA ALA B 312 12.87 -24.63 -18.20
C ALA B 312 14.15 -24.32 -18.94
N TYR B 313 15.13 -23.73 -18.29
CA TYR B 313 16.44 -23.43 -18.92
C TYR B 313 17.12 -24.76 -19.33
N ALA B 314 17.11 -25.75 -18.44
CA ALA B 314 17.73 -27.06 -18.75
C ALA B 314 16.99 -27.73 -19.91
N ALA B 315 15.66 -27.63 -19.95
CA ALA B 315 14.86 -28.27 -21.01
C ALA B 315 15.17 -27.59 -22.36
N ARG B 316 15.31 -26.28 -22.37
CA ARG B 316 15.80 -25.54 -23.56
C ARG B 316 17.17 -26.09 -23.99
N TRP B 317 18.07 -26.26 -23.04
CA TRP B 317 19.44 -26.74 -23.32
C TRP B 317 19.36 -28.12 -23.97
N VAL B 318 18.52 -29.00 -23.43
CA VAL B 318 18.29 -30.35 -24.01
C VAL B 318 17.77 -30.21 -25.44
N ALA B 319 16.70 -29.46 -25.65
CA ALA B 319 16.04 -29.39 -26.97
C ALA B 319 17.03 -28.84 -27.99
N LYS B 320 17.72 -27.77 -27.63
CA LYS B 320 18.73 -27.15 -28.53
C LYS B 320 19.86 -28.14 -28.85
N SER B 321 20.32 -28.91 -27.87
CA SER B 321 21.41 -29.90 -28.04
C SER B 321 20.95 -30.97 -29.05
N LEU B 322 19.69 -31.43 -28.94
CA LEU B 322 19.13 -32.46 -29.85
C LEU B 322 19.08 -31.92 -31.29
N VAL B 323 18.62 -30.70 -31.48
CA VAL B 323 18.50 -30.09 -32.84
C VAL B 323 19.90 -29.82 -33.41
N LYS B 324 20.77 -29.19 -32.65
CA LYS B 324 22.14 -28.85 -33.16
C LYS B 324 22.95 -30.13 -33.33
N GLY B 325 22.62 -31.19 -32.60
CA GLY B 325 23.25 -32.50 -32.73
C GLY B 325 22.75 -33.26 -33.94
N GLY B 326 21.78 -32.73 -34.69
CA GLY B 326 21.30 -33.35 -35.95
C GLY B 326 20.31 -34.48 -35.69
N LEU B 327 19.77 -34.64 -34.48
CA LEU B 327 18.87 -35.78 -34.16
C LEU B 327 17.44 -35.48 -34.60
N CYS B 328 17.09 -34.20 -34.73
N CYS B 328 17.08 -34.19 -34.60
CA CYS B 328 15.73 -33.78 -35.12
CA CYS B 328 15.72 -33.67 -34.90
C CYS B 328 15.77 -32.32 -35.55
C CYS B 328 15.86 -32.37 -35.70
N ARG B 329 14.80 -31.93 -36.37
CA ARG B 329 14.72 -30.58 -36.92
C ARG B 329 13.99 -29.66 -35.94
N ARG B 330 13.06 -30.22 -35.16
CA ARG B 330 12.29 -29.52 -34.11
C ARG B 330 12.02 -30.53 -33.02
N VAL B 331 12.02 -30.08 -31.78
CA VAL B 331 11.74 -31.02 -30.66
C VAL B 331 11.19 -30.24 -29.45
N LEU B 332 10.36 -30.92 -28.67
CA LEU B 332 9.75 -30.42 -27.43
C LEU B 332 10.07 -31.46 -26.36
N VAL B 333 10.49 -30.98 -25.21
CA VAL B 333 10.89 -31.78 -24.03
C VAL B 333 9.99 -31.33 -22.88
N GLN B 334 9.32 -32.26 -22.21
CA GLN B 334 8.63 -31.99 -20.94
C GLN B 334 9.45 -32.63 -19.80
N VAL B 335 9.53 -31.91 -18.68
CA VAL B 335 10.04 -32.46 -17.39
CA VAL B 335 10.02 -32.48 -17.40
C VAL B 335 9.03 -32.03 -16.30
N SER B 336 8.92 -32.82 -15.25
CA SER B 336 8.06 -32.49 -14.10
C SER B 336 8.73 -32.94 -12.81
N TYR B 337 8.34 -32.32 -11.69
CA TYR B 337 8.94 -32.52 -10.35
C TYR B 337 7.83 -32.60 -9.30
N ALA B 338 8.17 -33.17 -8.19
CA ALA B 338 7.42 -33.06 -6.92
C ALA B 338 8.29 -32.34 -5.90
N ILE B 339 7.67 -31.53 -5.07
CA ILE B 339 8.38 -30.81 -3.97
C ILE B 339 9.05 -31.86 -3.09
N GLY B 340 10.34 -31.66 -2.79
CA GLY B 340 11.11 -32.53 -1.89
C GLY B 340 11.67 -33.77 -2.56
N VAL B 341 11.50 -33.93 -3.87
CA VAL B 341 12.02 -35.09 -4.65
C VAL B 341 13.06 -34.54 -5.62
N SER B 342 14.23 -35.18 -5.70
CA SER B 342 15.33 -34.72 -6.59
C SER B 342 15.08 -35.16 -8.03
N HIS B 343 14.82 -36.44 -8.27
CA HIS B 343 14.68 -36.96 -9.65
C HIS B 343 13.35 -36.45 -10.24
N PRO B 344 13.32 -36.00 -11.50
CA PRO B 344 12.08 -35.69 -12.18
C PRO B 344 11.06 -36.85 -12.08
N LEU B 345 9.79 -36.49 -12.01
CA LEU B 345 8.67 -37.49 -11.98
C LEU B 345 8.47 -38.06 -13.39
N SER B 346 8.70 -37.24 -14.41
CA SER B 346 8.50 -37.62 -15.82
C SER B 346 9.42 -36.80 -16.71
N ILE B 347 9.81 -37.40 -17.84
CA ILE B 347 10.51 -36.71 -18.94
C ILE B 347 9.86 -37.26 -20.21
N SER B 348 9.54 -36.38 -21.15
CA SER B 348 8.82 -36.73 -22.39
C SER B 348 9.36 -35.93 -23.56
N ILE B 349 9.32 -36.53 -24.74
CA ILE B 349 9.86 -35.97 -25.99
C ILE B 349 8.75 -36.01 -27.04
N PHE B 350 8.64 -34.93 -27.81
CA PHE B 350 7.79 -34.85 -29.02
C PHE B 350 8.65 -34.30 -30.14
N HIS B 351 8.85 -35.05 -31.23
CA HIS B 351 9.80 -34.63 -32.28
C HIS B 351 9.06 -34.10 -33.51
N TYR B 352 7.74 -33.97 -33.44
CA TYR B 352 6.93 -33.33 -34.54
C TYR B 352 7.06 -34.10 -35.87
N GLY B 353 7.48 -35.36 -35.82
CA GLY B 353 7.75 -36.20 -37.02
C GLY B 353 9.02 -35.77 -37.76
N THR B 354 9.99 -35.15 -37.07
CA THR B 354 11.19 -34.57 -37.73
C THR B 354 12.45 -35.38 -37.43
N SER B 355 12.35 -36.54 -36.78
CA SER B 355 13.48 -37.42 -36.48
C SER B 355 13.31 -38.77 -37.21
N GLN B 356 14.41 -39.39 -37.56
CA GLN B 356 14.43 -40.80 -38.02
C GLN B 356 14.39 -41.71 -36.77
N LYS B 357 14.72 -41.19 -35.60
CA LYS B 357 14.65 -41.92 -34.31
C LYS B 357 13.27 -41.77 -33.69
N SER B 358 12.83 -42.78 -32.94
CA SER B 358 11.59 -42.72 -32.17
C SER B 358 11.77 -41.74 -31.00
N GLU B 359 10.66 -41.26 -30.49
CA GLU B 359 10.63 -40.45 -29.26
C GLU B 359 11.24 -41.25 -28.11
N ARG B 360 11.02 -42.56 -28.04
CA ARG B 360 11.60 -43.41 -26.98
C ARG B 360 13.13 -43.35 -27.11
N GLU B 361 13.70 -43.51 -28.32
CA GLU B 361 15.18 -43.50 -28.50
C GLU B 361 15.71 -42.10 -28.13
N LEU B 362 15.05 -41.02 -28.54
CA LEU B 362 15.48 -39.65 -28.15
C LEU B 362 15.46 -39.50 -26.64
N LEU B 363 14.43 -40.03 -25.97
CA LEU B 363 14.30 -39.95 -24.49
C LEU B 363 15.51 -40.66 -23.85
N GLU B 364 15.93 -41.81 -24.38
CA GLU B 364 17.09 -42.58 -23.82
C GLU B 364 18.37 -41.76 -23.99
N ILE B 365 18.51 -41.08 -25.12
CA ILE B 365 19.71 -40.24 -25.42
C ILE B 365 19.73 -39.06 -24.42
N VAL B 366 18.59 -38.46 -24.18
CA VAL B 366 18.45 -37.39 -23.16
C VAL B 366 18.89 -37.93 -21.80
N LYS B 367 18.37 -39.09 -21.40
CA LYS B 367 18.61 -39.62 -20.03
C LYS B 367 20.08 -40.02 -19.90
N LYS B 368 20.73 -40.44 -20.99
CA LYS B 368 22.16 -40.83 -20.99
C LYS B 368 23.03 -39.56 -20.93
N ASN B 369 22.59 -38.43 -21.46
CA ASN B 369 23.45 -37.22 -21.61
C ASN B 369 23.13 -36.13 -20.58
N PHE B 370 21.99 -36.18 -19.91
CA PHE B 370 21.56 -35.07 -19.01
C PHE B 370 21.09 -35.62 -17.66
N ASP B 371 21.38 -34.87 -16.61
CA ASP B 371 20.94 -35.14 -15.22
C ASP B 371 20.07 -33.94 -14.83
N LEU B 372 18.75 -34.08 -14.85
CA LEU B 372 17.79 -32.97 -14.66
C LEU B 372 17.34 -32.91 -13.20
N ARG B 373 18.16 -33.41 -12.26
CA ARG B 373 18.01 -33.08 -10.84
C ARG B 373 18.33 -31.59 -10.64
N PRO B 374 17.52 -30.85 -9.85
CA PRO B 374 17.69 -29.41 -9.74
C PRO B 374 19.08 -29.00 -9.26
N GLY B 375 19.68 -29.76 -8.34
CA GLY B 375 21.03 -29.46 -7.83
C GLY B 375 22.09 -29.62 -8.90
N VAL B 376 21.84 -30.50 -9.85
CA VAL B 376 22.82 -30.82 -10.92
C VAL B 376 22.66 -29.78 -12.02
N ILE B 377 21.44 -29.42 -12.37
CA ILE B 377 21.20 -28.33 -13.36
C ILE B 377 21.96 -27.07 -12.94
N VAL B 378 21.88 -26.71 -11.66
CA VAL B 378 22.51 -25.46 -11.15
C VAL B 378 24.01 -25.50 -11.39
N ARG B 379 24.63 -26.65 -11.14
CA ARG B 379 26.09 -26.83 -11.32
C ARG B 379 26.41 -26.79 -12.82
N ASP B 380 25.67 -27.53 -13.64
CA ASP B 380 26.00 -27.71 -15.08
C ASP B 380 25.78 -26.39 -15.84
N LEU B 381 24.80 -25.56 -15.45
CA LEU B 381 24.53 -24.28 -16.16
C LEU B 381 25.09 -23.05 -15.42
N ASP B 382 25.85 -23.26 -14.34
CA ASP B 382 26.55 -22.18 -13.59
C ASP B 382 25.54 -21.09 -13.16
N LEU B 383 24.45 -21.48 -12.52
CA LEU B 383 23.28 -20.60 -12.34
C LEU B 383 23.39 -19.74 -11.07
N LYS B 384 24.48 -19.81 -10.28
CA LYS B 384 24.58 -18.93 -9.07
C LYS B 384 25.00 -17.50 -9.45
N LYS B 385 25.33 -17.24 -10.70
CA LYS B 385 25.88 -15.95 -11.17
C LYS B 385 24.74 -14.94 -11.30
N PRO B 386 24.97 -13.63 -11.01
CA PRO B 386 23.96 -12.60 -11.22
C PRO B 386 23.80 -12.21 -12.71
N ILE B 387 23.23 -13.06 -13.51
CA ILE B 387 23.12 -12.86 -14.99
C ILE B 387 21.65 -12.66 -15.36
N TYR B 388 20.75 -12.51 -14.39
CA TYR B 388 19.31 -12.73 -14.66
C TYR B 388 18.64 -11.47 -15.22
N GLN B 389 19.04 -10.28 -14.82
CA GLN B 389 18.38 -9.05 -15.35
C GLN B 389 18.50 -9.01 -16.88
N ARG B 390 19.59 -9.53 -17.44
CA ARG B 390 19.77 -9.59 -18.94
C ARG B 390 18.67 -10.42 -19.62
N THR B 391 18.11 -11.43 -18.95
CA THR B 391 17.07 -12.31 -19.48
C THR B 391 15.69 -11.67 -19.53
N ALA B 392 15.44 -10.58 -18.78
CA ALA B 392 14.08 -10.16 -18.41
C ALA B 392 13.43 -9.30 -19.50
N ALA B 393 14.11 -8.92 -20.55
CA ALA B 393 13.50 -8.36 -21.78
C ALA B 393 14.11 -9.04 -23.02
N TYR B 394 13.34 -9.15 -24.11
CA TYR B 394 13.79 -9.71 -25.43
C TYR B 394 13.99 -11.22 -25.40
N GLY B 395 13.44 -11.92 -24.41
CA GLY B 395 13.31 -13.39 -24.36
C GLY B 395 14.46 -14.04 -23.60
N HIS B 396 14.18 -15.17 -22.97
CA HIS B 396 15.19 -15.91 -22.18
C HIS B 396 16.02 -16.82 -23.10
N PHE B 397 15.54 -17.09 -24.30
CA PHE B 397 16.12 -18.11 -25.20
C PHE B 397 16.55 -17.49 -26.53
N GLY B 398 17.51 -18.13 -27.22
CA GLY B 398 17.93 -17.73 -28.57
C GLY B 398 19.00 -16.67 -28.58
N ARG B 399 19.57 -16.31 -27.42
CA ARG B 399 20.51 -15.17 -27.37
C ARG B 399 21.87 -15.66 -26.93
N ASP B 400 22.87 -14.83 -27.25
CA ASP B 400 24.30 -15.10 -27.04
C ASP B 400 24.62 -15.15 -25.54
N SER B 401 25.54 -16.02 -25.18
CA SER B 401 26.32 -15.96 -23.92
C SER B 401 25.48 -16.38 -22.73
N PHE B 402 24.38 -17.12 -22.90
CA PHE B 402 23.70 -17.81 -21.79
C PHE B 402 24.11 -19.28 -21.83
N PRO B 403 24.47 -19.91 -20.69
CA PRO B 403 24.94 -21.30 -20.70
C PRO B 403 23.94 -22.33 -21.27
N TRP B 404 22.64 -22.07 -21.15
CA TRP B 404 21.58 -22.97 -21.68
C TRP B 404 21.49 -22.89 -23.21
N GLU B 405 22.19 -21.95 -23.82
CA GLU B 405 22.21 -21.75 -25.30
C GLU B 405 23.45 -22.38 -25.93
N VAL B 406 24.36 -22.95 -25.12
CA VAL B 406 25.56 -23.65 -25.63
C VAL B 406 25.21 -25.13 -25.75
N PRO B 407 25.05 -25.68 -26.97
CA PRO B 407 24.62 -27.08 -27.10
C PRO B 407 25.66 -28.01 -26.45
N LYS B 408 25.17 -29.06 -25.78
CA LYS B 408 26.01 -30.13 -25.25
C LYS B 408 26.31 -31.09 -26.41
N LYS B 409 27.56 -31.43 -26.58
CA LYS B 409 27.98 -32.53 -27.50
C LYS B 409 27.45 -33.85 -26.94
N LEU B 410 26.62 -34.58 -27.69
CA LEU B 410 25.89 -35.77 -27.20
C LEU B 410 26.71 -37.03 -27.49
N LYS B 411 26.75 -37.95 -26.52
CA LYS B 411 27.42 -39.28 -26.66
C LYS B 411 26.29 -40.31 -26.67
N TYR B 412 26.18 -41.13 -27.72
CA TYR B 412 25.07 -42.12 -27.88
C TYR B 412 25.46 -43.15 -28.96
N GLU C 31 10.08 49.13 28.72
CA GLU C 31 10.85 47.84 28.82
C GLU C 31 10.43 47.00 30.02
N GLU C 32 9.89 47.61 31.09
CA GLU C 32 9.31 46.88 32.25
C GLU C 32 8.16 45.96 31.75
N GLY C 33 8.32 44.66 32.01
CA GLY C 33 7.27 43.66 31.75
C GLY C 33 7.27 43.15 30.33
N THR C 34 8.32 43.39 29.51
CA THR C 34 8.29 42.88 28.10
C THR C 34 8.68 41.40 28.05
N PHE C 35 8.13 40.72 27.06
CA PHE C 35 8.44 39.28 26.81
C PHE C 35 8.26 38.97 25.34
N LEU C 36 8.83 37.83 24.95
CA LEU C 36 8.74 37.30 23.57
C LEU C 36 7.72 36.15 23.54
N PHE C 37 7.03 36.04 22.44
CA PHE C 37 6.30 34.78 22.13
C PHE C 37 6.45 34.47 20.67
N THR C 38 6.52 33.17 20.36
CA THR C 38 6.75 32.68 19.00
C THR C 38 5.61 31.73 18.55
N SER C 39 5.13 31.90 17.32
CA SER C 39 4.15 30.98 16.65
C SER C 39 4.65 30.65 15.27
N GLU C 40 4.23 29.49 14.75
CA GLU C 40 4.61 29.10 13.37
C GLU C 40 3.36 28.84 12.53
N SER C 41 3.54 28.87 11.23
CA SER C 41 2.51 28.43 10.27
C SER C 41 3.20 27.66 9.16
N VAL C 42 2.41 26.92 8.36
CA VAL C 42 2.96 26.24 7.16
C VAL C 42 1.99 26.48 6.00
N GLY C 43 2.51 26.36 4.79
CA GLY C 43 1.77 26.59 3.54
C GLY C 43 1.05 25.31 3.10
N GLU C 44 0.26 25.45 2.06
CA GLU C 44 -0.58 24.37 1.52
C GLU C 44 0.25 23.20 1.03
N GLY C 45 1.51 23.42 0.59
CA GLY C 45 2.38 22.38 0.05
C GLY C 45 3.20 21.67 1.12
N HIS C 46 3.14 22.13 2.38
CA HIS C 46 3.80 21.40 3.48
C HIS C 46 3.14 20.03 3.54
N PRO C 47 3.89 18.92 3.59
CA PRO C 47 3.29 17.59 3.44
C PRO C 47 2.24 17.26 4.51
N ASP C 48 2.38 17.76 5.74
CA ASP C 48 1.31 17.55 6.77
C ASP C 48 0.06 18.32 6.35
N LYS C 49 0.22 19.53 5.83
CA LYS C 49 -0.94 20.32 5.39
C LYS C 49 -1.57 19.78 4.14
N ILE C 50 -0.80 19.19 3.23
CA ILE C 50 -1.39 18.47 2.07
C ILE C 50 -2.40 17.44 2.60
N CYS C 51 -2.00 16.65 3.59
CA CYS C 51 -2.86 15.59 4.17
C CYS C 51 -4.13 16.19 4.78
N ASP C 52 -4.01 17.29 5.54
CA ASP C 52 -5.20 17.96 6.12
C ASP C 52 -6.15 18.37 5.00
N GLN C 53 -5.63 19.01 3.97
CA GLN C 53 -6.46 19.51 2.86
C GLN C 53 -7.13 18.34 2.10
N ILE C 54 -6.41 17.26 1.84
CA ILE C 54 -7.00 16.08 1.14
C ILE C 54 -8.09 15.45 2.05
N SER C 55 -7.79 15.23 3.33
CA SER C 55 -8.76 14.71 4.32
C SER C 55 -10.05 15.55 4.30
N ASP C 56 -9.95 16.88 4.26
CA ASP C 56 -11.15 17.74 4.25
C ASP C 56 -11.80 17.81 2.86
N ALA C 57 -11.05 17.67 1.79
CA ALA C 57 -11.61 17.51 0.42
C ALA C 57 -12.47 16.24 0.39
N VAL C 58 -12.00 15.17 1.01
CA VAL C 58 -12.79 13.91 1.10
C VAL C 58 -14.06 14.13 1.91
N LEU C 59 -13.94 14.75 3.09
CA LEU C 59 -15.09 15.05 3.95
C LEU C 59 -16.11 15.88 3.16
N ASP C 60 -15.65 16.94 2.50
CA ASP C 60 -16.57 17.83 1.74
C ASP C 60 -17.28 17.06 0.61
N ALA C 61 -16.55 16.19 -0.08
CA ALA C 61 -17.11 15.40 -1.19
C ALA C 61 -18.27 14.53 -0.67
N HIS C 62 -18.10 13.91 0.49
CA HIS C 62 -19.19 13.13 1.13
C HIS C 62 -20.36 14.06 1.52
N LEU C 63 -20.10 15.14 2.23
CA LEU C 63 -21.15 16.03 2.76
C LEU C 63 -21.97 16.68 1.64
N GLN C 64 -21.36 16.98 0.48
CA GLN C 64 -22.05 17.49 -0.72
C GLN C 64 -23.21 16.57 -1.09
N GLN C 65 -23.03 15.24 -0.97
CA GLN C 65 -24.06 14.24 -1.40
C GLN C 65 -24.86 13.71 -0.20
N ASP C 66 -24.25 13.55 0.98
CA ASP C 66 -24.89 12.98 2.19
C ASP C 66 -24.53 13.84 3.38
N PRO C 67 -25.38 14.82 3.75
CA PRO C 67 -25.13 15.69 4.89
C PRO C 67 -24.93 14.96 6.22
N ASP C 68 -25.39 13.71 6.35
CA ASP C 68 -25.25 12.89 7.59
C ASP C 68 -24.07 11.90 7.47
N ALA C 69 -23.19 12.03 6.47
CA ALA C 69 -22.03 11.13 6.29
C ALA C 69 -21.17 11.15 7.56
N LYS C 70 -20.77 9.98 8.05
CA LYS C 70 -19.77 9.79 9.12
C LYS C 70 -18.42 9.59 8.44
N VAL C 71 -17.48 10.49 8.70
CA VAL C 71 -16.17 10.49 8.00
C VAL C 71 -15.06 10.59 9.05
N ALA C 72 -14.10 9.70 8.96
CA ALA C 72 -12.83 9.70 9.74
C ALA C 72 -11.72 9.33 8.78
N CYS C 73 -11.34 10.28 7.92
CA CYS C 73 -10.42 10.05 6.80
C CYS C 73 -9.04 10.59 7.14
N GLU C 74 -8.08 9.70 7.39
CA GLU C 74 -6.66 10.07 7.58
C GLU C 74 -5.94 9.96 6.22
N THR C 75 -5.04 10.89 5.93
CA THR C 75 -4.24 10.92 4.69
C THR C 75 -2.77 10.81 5.09
N VAL C 76 -2.02 10.02 4.32
CA VAL C 76 -0.57 9.90 4.47
C VAL C 76 0.06 10.30 3.15
N ALA C 77 1.10 11.13 3.17
CA ALA C 77 1.78 11.58 1.93
C ALA C 77 3.27 11.30 2.05
N LYS C 78 3.87 10.69 1.04
CA LYS C 78 5.33 10.49 0.98
C LYS C 78 5.68 10.52 -0.51
N THR C 79 6.95 10.39 -0.88
CA THR C 79 7.39 10.40 -2.30
C THR C 79 6.43 9.57 -3.15
N GLY C 80 5.74 10.24 -4.07
CA GLY C 80 4.92 9.61 -5.10
C GLY C 80 3.64 8.97 -4.58
N MET C 81 3.24 9.20 -3.32
CA MET C 81 2.10 8.43 -2.72
C MET C 81 1.18 9.33 -1.90
N ILE C 82 -0.13 9.24 -2.15
CA ILE C 82 -1.20 9.63 -1.23
C ILE C 82 -1.93 8.34 -0.80
N LEU C 83 -2.02 8.07 0.49
CA LEU C 83 -2.81 6.94 1.03
C LEU C 83 -3.97 7.52 1.83
N LEU C 84 -5.19 7.02 1.62
CA LEU C 84 -6.36 7.34 2.47
C LEU C 84 -6.61 6.12 3.35
N ALA C 85 -6.73 6.33 4.66
CA ALA C 85 -7.06 5.24 5.60
C ALA C 85 -8.08 5.76 6.61
N GLY C 86 -8.99 4.91 7.05
CA GLY C 86 -9.99 5.31 8.02
C GLY C 86 -11.33 4.71 7.71
N GLU C 87 -12.37 5.38 8.20
CA GLU C 87 -13.72 4.79 8.33
C GLU C 87 -14.67 5.82 7.76
N ILE C 88 -15.56 5.41 6.86
CA ILE C 88 -16.65 6.26 6.31
C ILE C 88 -17.94 5.44 6.28
N THR C 89 -19.03 6.02 6.76
CA THR C 89 -20.41 5.54 6.54
C THR C 89 -21.17 6.65 5.85
N SER C 90 -21.52 6.42 4.60
CA SER C 90 -22.03 7.47 3.71
C SER C 90 -22.89 6.84 2.62
N ARG C 91 -23.94 7.53 2.22
CA ARG C 91 -24.72 7.22 1.00
C ARG C 91 -24.04 7.87 -0.22
N ALA C 92 -22.99 8.67 -0.05
CA ALA C 92 -22.32 9.36 -1.18
C ALA C 92 -21.59 8.34 -2.08
N ALA C 93 -21.47 8.67 -3.36
CA ALA C 93 -20.65 7.93 -4.34
C ALA C 93 -19.47 8.85 -4.65
N VAL C 94 -18.31 8.59 -4.04
CA VAL C 94 -17.16 9.52 -4.13
C VAL C 94 -16.06 8.87 -4.95
N ASP C 95 -15.51 9.59 -5.90
CA ASP C 95 -14.40 9.14 -6.76
C ASP C 95 -13.11 9.58 -6.06
N TYR C 96 -12.51 8.71 -5.24
CA TYR C 96 -11.33 9.08 -4.43
C TYR C 96 -10.14 9.48 -5.31
N GLN C 97 -9.92 8.79 -6.43
CA GLN C 97 -8.81 9.17 -7.35
C GLN C 97 -8.98 10.63 -7.80
N LYS C 98 -10.18 11.02 -8.22
CA LYS C 98 -10.47 12.38 -8.73
C LYS C 98 -10.35 13.38 -7.58
N VAL C 99 -10.93 13.07 -6.41
CA VAL C 99 -10.94 14.06 -5.30
C VAL C 99 -9.48 14.31 -4.85
N VAL C 100 -8.68 13.27 -4.68
CA VAL C 100 -7.28 13.41 -4.21
C VAL C 100 -6.49 14.18 -5.28
N ARG C 101 -6.58 13.76 -6.54
CA ARG C 101 -5.71 14.33 -7.59
C ARG C 101 -6.10 15.80 -7.82
N GLU C 102 -7.37 16.14 -7.77
CA GLU C 102 -7.83 17.56 -7.89
C GLU C 102 -7.29 18.41 -6.71
N ALA C 103 -7.23 17.86 -5.51
CA ALA C 103 -6.71 18.61 -4.33
C ALA C 103 -5.21 18.87 -4.56
N VAL C 104 -4.46 17.87 -5.04
CA VAL C 104 -3.00 17.99 -5.27
C VAL C 104 -2.77 19.00 -6.41
N LYS C 105 -3.57 18.97 -7.46
CA LYS C 105 -3.49 19.95 -8.56
C LYS C 105 -3.69 21.35 -7.96
N HIS C 106 -4.73 21.56 -7.17
CA HIS C 106 -5.04 22.90 -6.57
C HIS C 106 -3.84 23.43 -5.78
N ILE C 107 -3.23 22.56 -4.97
CA ILE C 107 -2.05 22.91 -4.13
C ILE C 107 -0.92 23.37 -5.05
N GLY C 108 -0.75 22.75 -6.23
CA GLY C 108 0.19 23.19 -7.27
C GLY C 108 1.23 22.14 -7.63
N TYR C 109 1.11 20.88 -7.20
CA TYR C 109 2.10 19.81 -7.53
C TYR C 109 1.66 19.15 -8.84
N ASP C 110 2.19 19.63 -9.97
CA ASP C 110 1.72 19.25 -11.32
C ASP C 110 2.88 18.83 -12.22
N ASP C 111 4.01 18.44 -11.65
CA ASP C 111 5.18 18.12 -12.50
C ASP C 111 6.26 17.47 -11.64
N SER C 112 6.95 16.48 -12.21
CA SER C 112 8.06 15.78 -11.51
C SER C 112 9.17 16.79 -11.15
N SER C 113 9.31 17.92 -11.86
CA SER C 113 10.34 18.95 -11.55
C SER C 113 10.05 19.58 -10.18
N LYS C 114 8.79 19.52 -9.69
CA LYS C 114 8.33 20.11 -8.39
C LYS C 114 8.37 19.02 -7.31
N GLY C 115 8.72 17.76 -7.69
CA GLY C 115 8.88 16.65 -6.73
C GLY C 115 7.62 15.82 -6.56
N PHE C 116 6.51 16.23 -7.18
CA PHE C 116 5.19 15.56 -6.98
C PHE C 116 4.26 16.04 -8.09
N ASP C 117 3.45 15.15 -8.61
CA ASP C 117 2.56 15.42 -9.76
C ASP C 117 1.23 14.70 -9.52
N TYR C 118 0.13 15.44 -9.44
CA TYR C 118 -1.23 14.86 -9.29
C TYR C 118 -1.55 13.91 -10.43
N LYS C 119 -0.99 14.12 -11.63
CA LYS C 119 -1.34 13.30 -12.82
C LYS C 119 -0.82 11.86 -12.68
N THR C 120 0.32 11.67 -12.02
CA THR C 120 1.12 10.42 -12.15
C THR C 120 1.45 9.86 -10.77
N CYS C 121 1.02 10.48 -9.67
CA CYS C 121 1.31 9.95 -8.30
C CYS C 121 0.45 8.70 -8.05
N ASN C 122 0.88 7.89 -7.11
CA ASN C 122 0.12 6.70 -6.61
C ASN C 122 -0.93 7.17 -5.60
N VAL C 123 -2.20 6.80 -5.78
CA VAL C 123 -3.27 7.04 -4.78
C VAL C 123 -3.79 5.68 -4.33
N LEU C 124 -3.61 5.36 -3.07
CA LEU C 124 -4.04 4.09 -2.46
C LEU C 124 -5.19 4.38 -1.53
N VAL C 125 -6.22 3.55 -1.50
CA VAL C 125 -7.43 3.78 -0.67
C VAL C 125 -7.65 2.55 0.23
N ALA C 126 -7.68 2.78 1.55
CA ALA C 126 -7.94 1.77 2.60
C ALA C 126 -9.02 2.34 3.53
N LEU C 127 -10.13 2.73 2.94
CA LEU C 127 -11.32 3.26 3.66
C LEU C 127 -12.37 2.16 3.80
N GLU C 128 -12.80 1.91 5.04
CA GLU C 128 -13.80 0.88 5.44
C GLU C 128 -15.04 1.56 6.07
N GLN C 129 -16.00 0.81 6.62
N GLN C 129 -15.99 0.79 6.62
CA GLN C 129 -17.15 1.42 7.36
CA GLN C 129 -17.15 1.31 7.42
C GLN C 129 -16.75 1.77 8.80
C GLN C 129 -16.69 1.80 8.81
N GLN C 130 -17.42 2.75 9.41
CA GLN C 130 -17.29 3.07 10.85
C GLN C 130 -17.62 1.78 11.63
N SER C 131 -16.86 1.48 12.69
CA SER C 131 -17.12 0.38 13.65
C SER C 131 -18.60 0.41 14.06
N PRO C 132 -19.36 -0.71 13.94
CA PRO C 132 -20.74 -0.74 14.45
C PRO C 132 -20.85 -0.53 15.97
N ASP C 133 -19.82 -0.93 16.73
CA ASP C 133 -19.75 -0.75 18.21
C ASP C 133 -19.74 0.77 18.51
N ILE C 134 -18.97 1.56 17.73
CA ILE C 134 -18.95 3.05 17.88
C ILE C 134 -20.31 3.59 17.40
N ALA C 135 -20.76 3.20 16.22
CA ALA C 135 -22.06 3.65 15.65
C ALA C 135 -23.21 3.20 16.54
N ARG C 142 -31.01 7.76 17.83
CA ARG C 142 -31.10 8.92 18.77
C ARG C 142 -31.67 10.15 18.07
N ASN C 143 -32.57 10.92 18.72
CA ASN C 143 -32.92 12.32 18.30
C ASN C 143 -31.64 13.18 18.30
N GLU C 144 -31.52 14.10 17.34
CA GLU C 144 -30.28 14.90 17.07
C GLU C 144 -29.82 15.58 18.37
N GLU C 145 -30.73 16.21 19.10
CA GLU C 145 -30.41 17.11 20.24
C GLU C 145 -29.68 16.35 21.35
N ASP C 146 -30.01 15.08 21.56
CA ASP C 146 -29.44 14.24 22.64
C ASP C 146 -28.52 13.16 22.07
N ILE C 147 -27.94 13.38 20.90
CA ILE C 147 -26.85 12.50 20.40
C ILE C 147 -25.68 12.56 21.40
N GLY C 148 -25.07 11.42 21.68
CA GLY C 148 -23.88 11.35 22.56
C GLY C 148 -22.70 11.93 21.82
N ALA C 149 -21.71 12.43 22.55
CA ALA C 149 -20.37 12.68 21.98
C ALA C 149 -19.93 11.37 21.28
N GLY C 150 -19.28 11.46 20.13
CA GLY C 150 -18.77 10.29 19.39
C GLY C 150 -17.49 9.75 20.00
N ASP C 151 -16.88 10.46 20.94
CA ASP C 151 -15.66 10.01 21.66
C ASP C 151 -15.57 10.76 23.00
N GLN C 152 -14.67 10.32 23.89
CA GLN C 152 -14.20 11.19 25.00
C GLN C 152 -13.28 12.25 24.42
N GLY C 153 -12.89 13.20 25.23
CA GLY C 153 -11.83 14.14 24.90
C GLY C 153 -12.04 15.47 25.61
N LEU C 154 -11.01 16.27 25.54
CA LEU C 154 -11.01 17.67 26.06
C LEU C 154 -10.73 18.54 24.85
N MET C 155 -11.28 19.75 24.88
CA MET C 155 -11.13 20.74 23.79
C MET C 155 -11.04 22.11 24.44
N PHE C 156 -10.33 23.03 23.83
CA PHE C 156 -10.24 24.39 24.37
C PHE C 156 -10.56 25.39 23.26
N GLY C 157 -11.03 26.57 23.70
CA GLY C 157 -11.23 27.74 22.84
C GLY C 157 -10.55 28.94 23.47
N TYR C 158 -10.04 29.82 22.63
CA TYR C 158 -9.25 30.99 23.09
C TYR C 158 -9.60 32.20 22.23
N ALA C 159 -9.58 33.36 22.87
CA ALA C 159 -9.70 34.65 22.18
C ALA C 159 -8.91 35.71 22.94
N THR C 160 -8.41 36.69 22.18
CA THR C 160 -7.54 37.79 22.68
C THR C 160 -7.90 39.04 21.90
N ASP C 161 -8.04 40.16 22.62
CA ASP C 161 -8.43 41.48 22.01
C ASP C 161 -7.23 42.12 21.32
N GLU C 162 -6.07 41.46 21.23
CA GLU C 162 -4.87 42.10 20.64
C GLU C 162 -5.00 42.32 19.12
N THR C 163 -5.91 41.61 18.44
CA THR C 163 -6.23 41.82 17.01
C THR C 163 -7.73 41.92 16.84
N GLU C 164 -8.17 42.53 15.73
CA GLU C 164 -9.61 42.62 15.35
C GLU C 164 -10.18 41.20 15.20
N GLU C 165 -9.39 40.23 14.71
CA GLU C 165 -9.90 38.85 14.51
C GLU C 165 -9.84 38.09 15.85
N CYS C 166 -9.43 38.73 16.96
CA CYS C 166 -9.50 38.12 18.30
C CYS C 166 -8.54 36.92 18.40
N MET C 167 -7.42 36.97 17.67
CA MET C 167 -6.39 35.96 17.59
C MET C 167 -5.03 36.57 17.94
N PRO C 168 -4.09 35.73 18.43
CA PRO C 168 -2.73 36.21 18.70
C PRO C 168 -2.08 36.79 17.43
N LEU C 169 -1.37 37.90 17.57
CA LEU C 169 -0.69 38.51 16.40
C LEU C 169 0.32 37.53 15.79
N THR C 170 1.03 36.76 16.62
CA THR C 170 2.11 35.85 16.18
C THR C 170 1.53 34.87 15.14
N ILE C 171 0.40 34.22 15.42
CA ILE C 171 -0.15 33.19 14.51
C ILE C 171 -0.82 33.88 13.31
N VAL C 172 -1.51 34.99 13.52
CA VAL C 172 -2.16 35.73 12.39
C VAL C 172 -1.06 36.09 11.37
N LEU C 173 0.04 36.67 11.81
CA LEU C 173 1.11 37.07 10.87
C LEU C 173 1.74 35.81 10.23
N ALA C 174 2.01 34.76 10.99
CA ALA C 174 2.60 33.53 10.42
C ALA C 174 1.70 32.98 9.30
N HIS C 175 0.38 32.90 9.53
CA HIS C 175 -0.55 32.38 8.52
C HIS C 175 -0.55 33.32 7.30
N LYS C 176 -0.65 34.61 7.53
CA LYS C 176 -0.80 35.57 6.40
C LYS C 176 0.47 35.56 5.53
N LEU C 177 1.63 35.29 6.11
CA LEU C 177 2.91 35.18 5.34
C LEU C 177 2.80 33.99 4.37
N ASN C 178 2.31 32.83 4.83
CA ASN C 178 2.10 31.66 3.94
C ASN C 178 1.04 31.98 2.89
N ALA C 179 -0.05 32.68 3.24
CA ALA C 179 -1.12 33.03 2.28
C ALA C 179 -0.54 33.92 1.19
N LYS C 180 0.34 34.85 1.56
CA LYS C 180 0.91 35.84 0.62
C LYS C 180 1.83 35.10 -0.36
N LEU C 181 2.67 34.18 0.14
CA LEU C 181 3.50 33.32 -0.72
C LEU C 181 2.61 32.59 -1.74
N ALA C 182 1.51 31.97 -1.33
CA ALA C 182 0.62 31.23 -2.24
C ALA C 182 0.03 32.20 -3.28
N GLU C 183 -0.33 33.39 -2.83
CA GLU C 183 -0.96 34.41 -3.71
C GLU C 183 0.01 34.81 -4.81
N LEU C 184 1.26 35.09 -4.45
CA LEU C 184 2.28 35.58 -5.38
C LEU C 184 2.79 34.44 -6.27
N ARG C 185 2.75 33.21 -5.78
CA ARG C 185 3.02 32.00 -6.60
C ARG C 185 1.92 31.88 -7.66
N ARG C 186 0.67 31.88 -7.24
CA ARG C 186 -0.48 31.59 -8.13
C ARG C 186 -0.69 32.73 -9.14
N ASN C 187 -0.37 34.00 -8.84
CA ASN C 187 -0.66 35.09 -9.80
C ASN C 187 0.58 35.32 -10.66
N GLY C 188 1.66 34.53 -10.48
CA GLY C 188 2.84 34.57 -11.34
C GLY C 188 3.76 35.75 -11.06
N THR C 189 3.58 36.55 -10.01
CA THR C 189 4.52 37.67 -9.72
C THR C 189 5.86 37.11 -9.19
N LEU C 190 5.86 35.99 -8.49
CA LEU C 190 7.12 35.29 -8.06
C LEU C 190 7.04 33.84 -8.53
N PRO C 191 7.31 33.60 -9.83
CA PRO C 191 7.04 32.29 -10.43
C PRO C 191 8.04 31.21 -10.04
N TRP C 192 9.11 31.58 -9.35
CA TRP C 192 10.13 30.64 -8.83
C TRP C 192 9.61 29.94 -7.56
N LEU C 193 8.54 30.46 -6.93
CA LEU C 193 7.97 29.84 -5.71
C LEU C 193 7.34 28.48 -6.02
N ARG C 194 7.43 27.56 -5.06
CA ARG C 194 6.78 26.24 -5.11
C ARG C 194 5.88 26.14 -3.87
N PRO C 195 5.00 25.11 -3.78
CA PRO C 195 3.93 25.13 -2.77
C PRO C 195 4.31 24.96 -1.29
N ASP C 196 5.45 24.34 -1.01
CA ASP C 196 5.87 23.96 0.38
C ASP C 196 6.50 25.19 1.05
N SER C 197 5.95 25.63 2.17
CA SER C 197 6.49 26.79 2.92
C SER C 197 6.31 26.57 4.42
N LYS C 198 7.17 27.22 5.20
CA LYS C 198 7.01 27.37 6.66
C LYS C 198 7.39 28.79 7.07
N THR C 199 6.67 29.32 8.06
CA THR C 199 6.92 30.67 8.59
C THR C 199 6.94 30.58 10.10
N GLN C 200 7.61 31.54 10.73
CA GLN C 200 7.60 31.63 12.20
C GLN C 200 7.80 33.09 12.60
N VAL C 201 6.97 33.55 13.52
CA VAL C 201 6.95 34.98 13.91
C VAL C 201 7.12 35.04 15.42
N THR C 202 8.15 35.75 15.86
CA THR C 202 8.38 36.09 17.28
C THR C 202 7.99 37.56 17.47
N VAL C 203 7.03 37.81 18.35
CA VAL C 203 6.57 39.18 18.71
C VAL C 203 7.08 39.50 20.11
N GLN C 204 7.53 40.73 20.26
CA GLN C 204 7.81 41.33 21.57
C GLN C 204 6.54 42.00 22.06
N TYR C 205 6.11 41.60 23.25
CA TYR C 205 4.86 42.08 23.86
C TYR C 205 5.14 42.79 25.16
N MET C 206 4.23 43.69 25.53
N MET C 206 4.22 43.68 25.52
CA MET C 206 4.09 44.16 26.92
CA MET C 206 4.05 44.19 26.90
C MET C 206 2.71 43.70 27.43
C MET C 206 2.71 43.67 27.44
N GLN C 207 2.46 43.89 28.72
CA GLN C 207 1.27 43.39 29.44
C GLN C 207 0.54 44.60 30.05
N ASP C 208 -0.80 44.51 30.13
CA ASP C 208 -1.67 45.46 30.89
C ASP C 208 -2.64 44.59 31.71
N ARG C 209 -2.23 44.18 32.90
CA ARG C 209 -3.06 43.40 33.84
C ARG C 209 -3.61 42.19 33.10
N GLY C 210 -2.70 41.39 32.51
CA GLY C 210 -2.99 40.11 31.89
C GLY C 210 -3.33 40.22 30.42
N ALA C 211 -3.75 41.40 29.91
CA ALA C 211 -3.92 41.61 28.46
C ALA C 211 -2.54 41.72 27.80
N VAL C 212 -2.39 41.27 26.57
CA VAL C 212 -1.05 41.33 25.91
C VAL C 212 -1.11 42.41 24.82
N LEU C 213 -0.08 43.24 24.75
CA LEU C 213 -0.01 44.39 23.84
C LEU C 213 1.21 44.19 22.93
N PRO C 214 1.01 43.93 21.62
CA PRO C 214 2.12 43.77 20.70
C PRO C 214 2.89 45.09 20.53
N ILE C 215 4.21 45.04 20.67
N ILE C 215 4.21 45.03 20.67
CA ILE C 215 5.12 46.20 20.50
CA ILE C 215 5.11 46.20 20.49
C ILE C 215 5.75 46.16 19.09
C ILE C 215 5.75 46.16 19.09
N ARG C 216 6.38 45.04 18.75
CA ARG C 216 7.20 44.94 17.53
C ARG C 216 7.37 43.47 17.17
N VAL C 217 7.59 43.21 15.89
CA VAL C 217 8.07 41.88 15.42
C VAL C 217 9.58 41.79 15.71
N HIS C 218 9.95 40.83 16.52
CA HIS C 218 11.35 40.60 16.99
C HIS C 218 12.12 39.77 15.93
N THR C 219 11.52 38.66 15.48
CA THR C 219 12.17 37.68 14.56
C THR C 219 11.13 37.13 13.58
N ILE C 220 11.50 37.00 12.30
CA ILE C 220 10.68 36.33 11.26
C ILE C 220 11.54 35.27 10.59
N VAL C 221 10.99 34.07 10.50
CA VAL C 221 11.57 32.97 9.66
C VAL C 221 10.63 32.82 8.47
N ILE C 222 11.20 32.68 7.27
CA ILE C 222 10.45 32.12 6.11
C ILE C 222 11.36 31.13 5.42
N SER C 223 10.85 29.92 5.22
CA SER C 223 11.46 28.89 4.35
C SER C 223 10.44 28.59 3.23
N VAL C 224 10.78 28.74 1.96
CA VAL C 224 9.81 28.37 0.90
C VAL C 224 10.52 27.60 -0.21
N GLN C 225 9.89 26.53 -0.66
CA GLN C 225 10.38 25.70 -1.77
C GLN C 225 10.48 26.58 -3.02
N HIS C 226 11.47 26.34 -3.85
CA HIS C 226 11.76 27.20 -5.01
C HIS C 226 12.35 26.39 -6.15
N ASP C 227 12.35 27.01 -7.33
CA ASP C 227 12.89 26.40 -8.57
C ASP C 227 14.41 26.43 -8.53
N GLU C 228 15.05 25.73 -9.45
CA GLU C 228 16.53 25.55 -9.46
C GLU C 228 17.22 26.75 -10.08
N GLU C 229 16.48 27.68 -10.70
CA GLU C 229 17.05 28.80 -11.52
C GLU C 229 17.30 30.03 -10.62
N VAL C 230 16.44 30.32 -9.67
CA VAL C 230 16.49 31.61 -8.92
C VAL C 230 17.67 31.61 -7.94
N CSO C 231 18.31 32.77 -7.77
CA CSO C 231 19.45 32.98 -6.85
CB CSO C 231 20.34 34.13 -7.34
SG CSO C 231 20.89 34.01 -9.06
C CSO C 231 18.94 33.24 -5.43
O CSO C 231 17.83 33.83 -5.24
OD CSO C 231 21.69 32.56 -9.07
N LEU C 232 19.71 32.80 -4.45
CA LEU C 232 19.41 32.93 -3.03
C LEU C 232 19.22 34.41 -2.65
N ASP C 233 20.10 35.30 -3.09
CA ASP C 233 19.99 36.74 -2.70
C ASP C 233 18.69 37.35 -3.27
N GLU C 234 18.31 36.98 -4.49
CA GLU C 234 17.04 37.46 -5.12
C GLU C 234 15.85 36.94 -4.29
N MET C 235 15.86 35.68 -3.86
CA MET C 235 14.76 35.12 -3.06
C MET C 235 14.64 35.90 -1.74
N ARG C 236 15.75 36.10 -1.04
CA ARG C 236 15.73 36.76 0.30
C ARG C 236 15.22 38.19 0.16
N ASP C 237 15.66 38.92 -0.87
N ASP C 237 15.65 38.92 -0.88
CA ASP C 237 15.19 40.30 -1.16
CA ASP C 237 15.18 40.32 -1.15
C ASP C 237 13.66 40.28 -1.39
C ASP C 237 13.66 40.28 -1.39
N ALA C 238 13.15 39.36 -2.21
CA ALA C 238 11.70 39.27 -2.53
C ALA C 238 10.91 38.91 -1.28
N LEU C 239 11.45 38.02 -0.43
CA LEU C 239 10.73 37.58 0.76
C LEU C 239 10.58 38.77 1.73
N LYS C 240 11.57 39.64 1.80
CA LYS C 240 11.49 40.83 2.67
C LYS C 240 10.53 41.84 2.03
N GLU C 241 10.76 42.20 0.78
CA GLU C 241 10.13 43.39 0.12
C GLU C 241 8.71 43.05 -0.31
N LYS C 242 8.44 41.91 -0.92
CA LYS C 242 7.14 41.61 -1.57
C LYS C 242 6.22 40.79 -0.66
N VAL C 243 6.78 40.09 0.33
CA VAL C 243 5.99 39.24 1.22
C VAL C 243 5.89 39.94 2.58
N ILE C 244 6.97 40.02 3.33
CA ILE C 244 6.93 40.55 4.73
C ILE C 244 6.35 41.96 4.74
N LYS C 245 6.86 42.86 3.89
CA LYS C 245 6.42 44.26 3.89
C LYS C 245 5.00 44.39 3.34
N ALA C 246 4.46 43.43 2.64
CA ALA C 246 3.04 43.45 2.18
C ALA C 246 2.11 42.94 3.27
N VAL C 247 2.63 42.21 4.26
CA VAL C 247 1.81 41.49 5.26
C VAL C 247 1.91 42.17 6.63
N VAL C 248 3.12 42.44 7.12
CA VAL C 248 3.33 42.97 8.50
C VAL C 248 3.15 44.48 8.49
N PRO C 249 2.25 45.08 9.32
CA PRO C 249 2.19 46.54 9.45
C PRO C 249 3.58 47.12 9.73
N ALA C 250 3.98 48.14 8.97
CA ALA C 250 5.26 48.87 9.07
C ALA C 250 5.57 49.24 10.54
N LYS C 251 4.55 49.58 11.34
CA LYS C 251 4.78 50.03 12.74
C LYS C 251 5.44 48.89 13.56
N TYR C 252 5.28 47.62 13.17
CA TYR C 252 5.82 46.48 13.94
C TYR C 252 7.22 46.08 13.45
N LEU C 253 7.70 46.66 12.35
CA LEU C 253 9.04 46.33 11.78
C LEU C 253 10.00 47.47 12.07
N ASP C 254 11.23 47.17 12.48
CA ASP C 254 12.23 48.23 12.68
C ASP C 254 13.60 47.69 12.30
N GLU C 255 14.64 48.52 12.48
CA GLU C 255 16.01 48.20 12.02
C GLU C 255 16.60 47.04 12.83
N ASP C 256 16.03 46.69 13.99
CA ASP C 256 16.53 45.58 14.85
C ASP C 256 15.81 44.25 14.53
N THR C 257 14.68 44.25 13.80
CA THR C 257 13.93 43.02 13.47
C THR C 257 14.91 42.01 12.81
N ILE C 258 14.93 40.78 13.29
CA ILE C 258 15.84 39.69 12.84
C ILE C 258 15.12 38.91 11.74
N TYR C 259 15.77 38.74 10.60
CA TYR C 259 15.21 38.02 9.44
C TYR C 259 16.00 36.73 9.23
N HIS C 260 15.34 35.58 9.28
CA HIS C 260 15.90 34.26 8.85
C HIS C 260 15.14 33.79 7.61
N LEU C 261 15.63 34.17 6.43
CA LEU C 261 14.93 33.97 5.14
C LEU C 261 15.74 32.97 4.32
N GLN C 262 15.07 31.92 3.87
CA GLN C 262 15.71 30.74 3.26
C GLN C 262 16.88 30.33 4.14
N PRO C 263 16.68 30.16 5.47
CA PRO C 263 17.80 29.87 6.36
C PRO C 263 18.58 28.56 6.05
N SER C 264 17.96 27.58 5.40
CA SER C 264 18.64 26.34 4.99
C SER C 264 19.59 26.59 3.80
N GLY C 265 19.37 27.66 3.01
CA GLY C 265 20.19 28.02 1.83
C GLY C 265 19.80 27.32 0.54
N ARG C 266 19.06 26.25 0.59
CA ARG C 266 18.54 25.60 -0.63
C ARG C 266 17.34 24.78 -0.24
N PHE C 267 16.21 25.04 -0.88
CA PHE C 267 14.94 24.31 -0.66
C PHE C 267 14.29 24.00 -2.01
N VAL C 268 14.96 23.18 -2.80
CA VAL C 268 14.42 22.69 -4.11
C VAL C 268 13.54 21.46 -3.84
N ILE C 269 14.07 20.53 -3.04
CA ILE C 269 13.34 19.30 -2.65
C ILE C 269 12.35 19.68 -1.56
N GLY C 270 11.07 19.37 -1.78
CA GLY C 270 10.03 19.70 -0.79
C GLY C 270 8.78 18.91 -1.07
N GLY C 271 7.67 19.32 -0.48
CA GLY C 271 6.43 18.55 -0.55
C GLY C 271 6.66 17.17 0.05
N PRO C 272 5.86 16.17 -0.35
CA PRO C 272 6.00 14.81 0.17
C PRO C 272 7.37 14.15 -0.11
N GLN C 273 8.06 14.55 -1.16
CA GLN C 273 9.40 13.98 -1.44
C GLN C 273 10.38 14.34 -0.32
N GLY C 274 10.29 15.56 0.22
CA GLY C 274 11.18 16.06 1.30
C GLY C 274 10.90 15.44 2.65
N ASP C 275 9.62 15.15 2.94
CA ASP C 275 9.22 14.77 4.32
C ASP C 275 7.88 14.05 4.26
N ALA C 276 7.74 12.89 4.90
CA ALA C 276 6.44 12.21 5.04
C ALA C 276 5.47 13.14 5.75
N GLY C 277 4.20 13.18 5.32
CA GLY C 277 3.15 13.99 5.92
C GLY C 277 2.01 13.14 6.38
N LEU C 278 1.35 13.57 7.43
CA LEU C 278 0.15 12.89 7.97
C LEU C 278 -0.90 13.93 8.30
N THR C 279 -2.18 13.53 8.21
CA THR C 279 -3.28 14.37 8.71
C THR C 279 -3.10 14.61 10.22
N GLY C 280 -3.38 15.83 10.70
CA GLY C 280 -3.46 16.14 12.14
C GLY C 280 -2.11 16.21 12.81
N ARG C 281 -1.07 16.63 12.13
CA ARG C 281 0.29 16.84 12.70
C ARG C 281 0.63 18.33 12.72
N LYS C 282 -0.34 19.21 12.47
CA LYS C 282 -0.17 20.69 12.56
C LYS C 282 -1.29 21.29 13.43
N ILE C 283 -1.62 20.66 14.57
CA ILE C 283 -2.83 21.03 15.35
C ILE C 283 -2.65 22.38 16.03
N ILE C 284 -1.41 22.78 16.30
CA ILE C 284 -1.11 24.06 16.97
C ILE C 284 -1.10 25.19 15.91
N VAL C 285 -0.58 24.93 14.71
CA VAL C 285 -0.73 25.83 13.53
C VAL C 285 -2.22 26.03 13.27
N ASP C 286 -3.03 24.97 13.38
CA ASP C 286 -4.47 25.03 13.06
C ASP C 286 -5.26 25.88 14.06
N THR C 287 -4.69 26.14 15.24
CA THR C 287 -5.44 26.77 16.37
C THR C 287 -4.80 28.11 16.71
N TYR C 288 -4.00 28.18 17.79
CA TYR C 288 -3.65 29.48 18.40
C TYR C 288 -2.14 29.70 18.40
N GLY C 289 -1.36 28.87 17.69
CA GLY C 289 0.09 29.10 17.64
C GLY C 289 0.78 28.93 18.96
N GLY C 290 0.22 28.11 19.86
CA GLY C 290 0.83 27.79 21.18
C GLY C 290 0.24 28.63 22.32
N TRP C 291 -0.51 29.69 21.99
CA TRP C 291 -1.34 30.47 22.95
C TRP C 291 -2.56 29.63 23.34
N GLY C 292 -3.28 30.03 24.38
CA GLY C 292 -4.47 29.27 24.81
C GLY C 292 -4.06 27.88 25.25
N ALA C 293 -4.70 26.85 24.70
CA ALA C 293 -4.44 25.45 25.06
C ALA C 293 -5.03 24.57 23.96
N HIS C 294 -4.70 23.29 24.02
CA HIS C 294 -5.10 22.30 23.01
C HIS C 294 -5.42 20.99 23.71
N GLY C 295 -6.53 20.37 23.36
CA GLY C 295 -6.93 19.07 23.91
C GLY C 295 -6.32 17.85 23.20
N GLY C 296 -5.65 18.05 22.07
CA GLY C 296 -4.87 17.02 21.35
C GLY C 296 -5.56 16.49 20.12
N GLY C 297 -6.85 16.76 19.92
CA GLY C 297 -7.59 16.20 18.78
C GLY C 297 -7.31 16.98 17.49
N ALA C 298 -7.10 16.27 16.39
CA ALA C 298 -6.95 16.90 15.06
C ALA C 298 -8.35 17.25 14.54
N PHE C 299 -8.46 18.20 13.62
CA PHE C 299 -9.77 18.57 13.01
C PHE C 299 -10.01 17.88 11.66
N SER C 300 -9.01 17.85 10.77
CA SER C 300 -9.25 17.52 9.34
C SER C 300 -9.64 16.05 9.15
N GLY C 301 -10.58 15.82 8.24
CA GLY C 301 -11.06 14.47 7.88
C GLY C 301 -12.15 13.97 8.79
N LYS C 302 -12.64 14.79 9.70
CA LYS C 302 -13.65 14.40 10.75
C LYS C 302 -14.94 15.18 10.51
N ASP C 303 -16.06 14.45 10.47
CA ASP C 303 -17.38 15.13 10.40
C ASP C 303 -17.69 15.77 11.77
N TYR C 304 -18.78 16.50 11.78
CA TYR C 304 -19.25 17.33 12.92
C TYR C 304 -19.63 16.48 14.13
N THR C 305 -19.83 15.18 14.03
CA THR C 305 -20.09 14.32 15.22
C THR C 305 -18.80 14.04 16.00
N LYS C 306 -17.65 14.36 15.44
CA LYS C 306 -16.38 14.24 16.19
C LYS C 306 -16.23 15.54 17.01
N VAL C 307 -16.44 15.43 18.33
CA VAL C 307 -16.29 16.59 19.22
C VAL C 307 -14.88 17.17 19.20
N ASP C 308 -13.85 16.40 18.80
CA ASP C 308 -12.50 17.01 18.69
C ASP C 308 -12.59 18.25 17.78
N ARG C 309 -13.47 18.22 16.78
CA ARG C 309 -13.67 19.32 15.83
C ARG C 309 -14.80 20.25 16.30
N SER C 310 -16.00 19.72 16.45
CA SER C 310 -17.20 20.55 16.67
C SER C 310 -17.09 21.31 18.01
N ALA C 311 -16.58 20.69 19.08
CA ALA C 311 -16.52 21.31 20.41
C ALA C 311 -15.37 22.32 20.47
N ALA C 312 -14.27 22.11 19.73
CA ALA C 312 -13.19 23.10 19.62
C ALA C 312 -13.74 24.33 18.88
N TYR C 313 -14.55 24.13 17.86
CA TYR C 313 -15.16 25.27 17.13
C TYR C 313 -16.12 26.00 18.08
N ALA C 314 -16.96 25.25 18.80
CA ALA C 314 -17.92 25.86 19.76
C ALA C 314 -17.15 26.62 20.86
N ALA C 315 -16.04 26.06 21.36
CA ALA C 315 -15.26 26.69 22.45
C ALA C 315 -14.65 27.99 21.90
N ARG C 316 -14.19 27.99 20.65
CA ARG C 316 -13.73 29.25 20.01
C ARG C 316 -14.87 30.29 20.00
N TRP C 317 -16.06 29.85 19.57
CA TRP C 317 -17.25 30.71 19.49
C TRP C 317 -17.56 31.33 20.87
N VAL C 318 -17.49 30.52 21.92
CA VAL C 318 -17.71 30.99 23.31
C VAL C 318 -16.65 32.03 23.67
N ALA C 319 -15.39 31.71 23.47
CA ALA C 319 -14.28 32.58 23.93
C ALA C 319 -14.36 33.92 23.20
N LYS C 320 -14.60 33.87 21.90
CA LYS C 320 -14.70 35.09 21.06
C LYS C 320 -15.93 35.91 21.51
N SER C 321 -17.05 35.25 21.83
CA SER C 321 -18.27 35.93 22.32
C SER C 321 -17.96 36.68 23.63
N LEU C 322 -17.21 36.08 24.55
CA LEU C 322 -16.88 36.70 25.86
C LEU C 322 -15.99 37.92 25.63
N VAL C 323 -15.01 37.84 24.74
CA VAL C 323 -14.08 38.98 24.50
C VAL C 323 -14.82 40.08 23.73
N LYS C 324 -15.57 39.75 22.68
CA LYS C 324 -16.28 40.80 21.90
C LYS C 324 -17.42 41.39 22.73
N GLY C 325 -17.93 40.65 23.72
CA GLY C 325 -18.98 41.12 24.63
C GLY C 325 -18.41 42.06 25.69
N GLY C 326 -17.08 42.24 25.75
CA GLY C 326 -16.41 43.13 26.70
C GLY C 326 -16.29 42.52 28.09
N LEU C 327 -16.45 41.22 28.27
CA LEU C 327 -16.41 40.60 29.62
C LEU C 327 -14.98 40.26 30.04
N CYS C 328 -14.05 40.19 29.10
N CYS C 328 -14.10 40.02 29.07
CA CYS C 328 -12.63 39.91 29.37
CA CYS C 328 -12.66 39.66 29.22
C CYS C 328 -11.83 40.29 28.13
C CYS C 328 -11.86 40.43 28.15
N ARG C 329 -10.54 40.54 28.32
CA ARG C 329 -9.66 40.98 27.23
C ARG C 329 -9.09 39.73 26.55
N ARG C 330 -8.87 38.66 27.32
CA ARG C 330 -8.42 37.34 26.81
C ARG C 330 -9.13 36.28 27.64
N VAL C 331 -9.40 35.12 27.07
CA VAL C 331 -10.08 34.05 27.82
C VAL C 331 -9.80 32.71 27.18
N LEU C 332 -9.74 31.68 28.03
CA LEU C 332 -9.56 30.27 27.66
C LEU C 332 -10.76 29.51 28.21
N VAL C 333 -11.32 28.61 27.41
CA VAL C 333 -12.49 27.78 27.78
C VAL C 333 -12.06 26.33 27.57
N GLN C 334 -12.19 25.48 28.56
CA GLN C 334 -12.08 24.01 28.40
C GLN C 334 -13.49 23.42 28.42
N VAL C 335 -13.72 22.42 27.58
CA VAL C 335 -14.89 21.53 27.66
CA VAL C 335 -14.89 21.53 27.69
C VAL C 335 -14.38 20.09 27.53
N SER C 336 -15.10 19.11 28.06
CA SER C 336 -14.73 17.69 27.92
C SER C 336 -15.99 16.84 27.78
N TYR C 337 -15.84 15.65 27.17
CA TYR C 337 -16.97 14.74 26.88
C TYR C 337 -16.60 13.30 27.25
N ALA C 338 -17.62 12.47 27.35
CA ALA C 338 -17.51 11.01 27.34
C ALA C 338 -18.29 10.47 26.15
N ILE C 339 -17.75 9.40 25.57
CA ILE C 339 -18.40 8.73 24.41
C ILE C 339 -19.79 8.30 24.86
N GLY C 340 -20.79 8.61 24.05
CA GLY C 340 -22.20 8.24 24.28
C GLY C 340 -22.92 9.14 25.26
N VAL C 341 -22.32 10.22 25.77
CA VAL C 341 -22.97 11.18 26.72
C VAL C 341 -23.13 12.53 26.01
N SER C 342 -24.31 13.15 26.09
CA SER C 342 -24.60 14.43 25.38
C SER C 342 -23.98 15.63 26.12
N HIS C 343 -24.23 15.75 27.41
CA HIS C 343 -23.80 16.93 28.19
C HIS C 343 -22.30 16.84 28.41
N PRO C 344 -21.55 17.95 28.27
CA PRO C 344 -20.16 18.00 28.67
C PRO C 344 -19.96 17.51 30.09
N LEU C 345 -18.84 16.83 30.30
CA LEU C 345 -18.44 16.32 31.62
C LEU C 345 -17.94 17.49 32.46
N SER C 346 -17.28 18.47 31.83
CA SER C 346 -16.71 19.64 32.54
C SER C 346 -16.68 20.84 31.61
N ILE C 347 -16.78 22.04 32.20
CA ILE C 347 -16.58 23.33 31.47
C ILE C 347 -15.79 24.19 32.44
N SER C 348 -14.76 24.86 31.95
CA SER C 348 -13.84 25.65 32.79
C SER C 348 -13.43 26.92 32.05
N ILE C 349 -13.19 27.98 32.83
CA ILE C 349 -12.81 29.31 32.28
C ILE C 349 -11.54 29.77 32.95
N PHE C 350 -10.63 30.34 32.17
CA PHE C 350 -9.43 31.04 32.68
C PHE C 350 -9.37 32.40 31.98
N HIS C 351 -9.43 33.51 32.71
CA HIS C 351 -9.54 34.86 32.07
C HIS C 351 -8.21 35.60 32.17
N TYR C 352 -7.14 34.95 32.64
CA TYR C 352 -5.75 35.51 32.63
C TYR C 352 -5.66 36.79 33.49
N GLY C 353 -6.61 37.01 34.41
CA GLY C 353 -6.74 38.22 35.25
C GLY C 353 -7.27 39.43 34.47
N THR C 354 -7.97 39.22 33.33
CA THR C 354 -8.34 40.32 32.39
C THR C 354 -9.83 40.68 32.50
N SER C 355 -10.56 40.11 33.46
CA SER C 355 -11.99 40.41 33.71
C SER C 355 -12.16 41.03 35.09
N GLN C 356 -13.13 41.92 35.26
CA GLN C 356 -13.59 42.37 36.60
C GLN C 356 -14.50 41.29 37.20
N LYS C 357 -15.01 40.36 36.40
CA LYS C 357 -15.83 39.22 36.89
C LYS C 357 -14.96 38.02 37.24
N SER C 358 -15.39 37.20 38.20
CA SER C 358 -14.69 35.94 38.56
C SER C 358 -14.85 34.94 37.42
N GLU C 359 -13.98 33.96 37.39
CA GLU C 359 -14.09 32.83 36.42
C GLU C 359 -15.40 32.09 36.69
N ARG C 360 -15.84 31.98 37.94
CA ARG C 360 -17.13 31.37 38.29
C ARG C 360 -18.26 32.12 37.60
N GLU C 361 -18.27 33.45 37.68
N GLU C 361 -18.29 33.45 37.67
CA GLU C 361 -19.31 34.33 37.06
CA GLU C 361 -19.39 34.24 37.08
C GLU C 361 -19.32 34.09 35.55
C GLU C 361 -19.34 34.09 35.55
N LEU C 362 -18.15 34.13 34.92
CA LEU C 362 -18.02 33.92 33.46
C LEU C 362 -18.55 32.54 33.08
N LEU C 363 -18.24 31.52 33.88
CA LEU C 363 -18.74 30.13 33.63
C LEU C 363 -20.27 30.12 33.66
N GLU C 364 -20.90 30.82 34.62
CA GLU C 364 -22.39 30.88 34.73
C GLU C 364 -22.97 31.55 33.49
N ILE C 365 -22.32 32.60 32.99
CA ILE C 365 -22.77 33.35 31.79
C ILE C 365 -22.65 32.39 30.59
N VAL C 366 -21.56 31.64 30.48
CA VAL C 366 -21.40 30.64 29.38
C VAL C 366 -22.54 29.62 29.44
N LYS C 367 -22.82 29.07 30.61
CA LYS C 367 -23.82 27.98 30.76
C LYS C 367 -25.22 28.53 30.51
N LYS C 368 -25.45 29.82 30.78
CA LYS C 368 -26.77 30.46 30.51
C LYS C 368 -26.92 30.75 29.01
N ASN C 369 -25.83 31.00 28.29
CA ASN C 369 -25.92 31.48 26.89
C ASN C 369 -25.60 30.36 25.87
N PHE C 370 -24.96 29.26 26.26
CA PHE C 370 -24.48 28.23 25.30
C PHE C 370 -24.93 26.84 25.71
N ASP C 371 -25.28 26.01 24.72
CA ASP C 371 -25.65 24.59 24.88
C ASP C 371 -24.58 23.79 24.12
N LEU C 372 -23.63 23.20 24.85
CA LEU C 372 -22.44 22.56 24.25
C LEU C 372 -22.65 21.06 24.10
N ARG C 373 -23.89 20.64 24.01
CA ARG C 373 -24.22 19.28 23.51
C ARG C 373 -23.89 19.20 22.03
N PRO C 374 -23.21 18.12 21.56
CA PRO C 374 -22.73 18.06 20.18
C PRO C 374 -23.88 18.21 19.15
N GLY C 375 -25.05 17.65 19.41
CA GLY C 375 -26.19 17.76 18.48
C GLY C 375 -26.75 19.17 18.42
N VAL C 376 -26.52 20.00 19.44
CA VAL C 376 -26.99 21.41 19.45
C VAL C 376 -25.92 22.27 18.78
N ILE C 377 -24.65 22.00 19.04
CA ILE C 377 -23.53 22.71 18.38
C ILE C 377 -23.71 22.60 16.86
N VAL C 378 -24.05 21.42 16.36
CA VAL C 378 -24.13 21.16 14.90
C VAL C 378 -25.21 22.06 14.30
N ARG C 379 -26.33 22.23 15.00
CA ARG C 379 -27.45 23.10 14.55
C ARG C 379 -26.97 24.56 14.63
N ASP C 380 -26.40 24.99 15.74
CA ASP C 380 -26.08 26.42 15.99
C ASP C 380 -24.95 26.88 15.05
N LEU C 381 -24.01 26.02 14.69
CA LEU C 381 -22.87 26.39 13.81
C LEU C 381 -23.02 25.84 12.37
N ASP C 382 -24.17 25.25 12.02
CA ASP C 382 -24.48 24.80 10.63
C ASP C 382 -23.38 23.87 10.12
N LEU C 383 -23.01 22.85 10.89
CA LEU C 383 -21.77 22.09 10.63
C LEU C 383 -21.96 20.98 9.59
N LYS C 384 -23.15 20.77 9.04
CA LYS C 384 -23.35 19.71 7.99
C LYS C 384 -22.92 20.23 6.60
N LYS C 385 -22.55 21.50 6.48
CA LYS C 385 -22.23 22.11 5.18
C LYS C 385 -20.82 21.72 4.77
N PRO C 386 -20.58 21.48 3.48
CA PRO C 386 -19.23 21.12 3.00
C PRO C 386 -18.33 22.36 2.89
N ILE C 387 -17.89 22.88 4.02
CA ILE C 387 -17.08 24.13 4.10
C ILE C 387 -15.70 23.77 4.63
N TYR C 388 -15.37 22.50 4.83
CA TYR C 388 -14.20 22.13 5.67
C TYR C 388 -12.86 22.28 4.92
N GLN C 389 -12.81 22.06 3.62
CA GLN C 389 -11.51 22.17 2.90
C GLN C 389 -10.93 23.59 3.08
N ARG C 390 -11.78 24.61 3.14
CA ARG C 390 -11.36 26.02 3.39
C ARG C 390 -10.62 26.17 4.73
N THR C 391 -10.92 25.36 5.74
CA THR C 391 -10.32 25.43 7.09
C THR C 391 -8.94 24.81 7.14
N ALA C 392 -8.56 23.99 6.14
CA ALA C 392 -7.45 23.02 6.29
C ALA C 392 -6.08 23.69 6.02
N ALA C 393 -6.05 24.96 5.60
CA ALA C 393 -4.82 25.78 5.56
C ALA C 393 -5.12 27.19 6.08
N TYR C 394 -4.12 27.84 6.69
CA TYR C 394 -4.15 29.25 7.17
C TYR C 394 -4.98 29.38 8.45
N GLY C 395 -5.29 28.29 9.17
CA GLY C 395 -5.88 28.32 10.50
C GLY C 395 -7.39 28.12 10.45
N HIS C 396 -7.91 27.46 11.44
CA HIS C 396 -9.39 27.22 11.55
C HIS C 396 -10.06 28.44 12.19
N PHE C 397 -9.30 29.34 12.80
CA PHE C 397 -9.84 30.45 13.62
C PHE C 397 -9.34 31.80 13.11
N GLY C 398 -10.11 32.84 13.33
CA GLY C 398 -9.73 34.22 13.03
C GLY C 398 -10.16 34.64 11.64
N ARG C 399 -10.90 33.82 10.90
CA ARG C 399 -11.17 34.12 9.48
C ARG C 399 -12.65 34.37 9.26
N ASP C 400 -12.90 35.04 8.15
CA ASP C 400 -14.21 35.54 7.71
C ASP C 400 -15.10 34.36 7.32
N SER C 401 -16.38 34.49 7.61
CA SER C 401 -17.47 33.69 7.01
C SER C 401 -17.45 32.26 7.55
N PHE C 402 -16.87 32.02 8.74
CA PHE C 402 -17.12 30.77 9.49
C PHE C 402 -18.10 31.08 10.61
N PRO C 403 -19.15 30.26 10.83
CA PRO C 403 -20.14 30.55 11.86
C PRO C 403 -19.57 30.68 13.29
N TRP C 404 -18.48 29.97 13.61
CA TRP C 404 -17.84 30.01 14.95
C TRP C 404 -17.07 31.34 15.17
N GLU C 405 -16.98 32.19 14.15
CA GLU C 405 -16.31 33.51 14.22
C GLU C 405 -17.33 34.63 14.36
N VAL C 406 -18.63 34.33 14.34
CA VAL C 406 -19.71 35.33 14.52
C VAL C 406 -20.05 35.37 16.02
N PRO C 407 -19.64 36.40 16.79
CA PRO C 407 -19.90 36.41 18.23
C PRO C 407 -21.40 36.34 18.51
N LYS C 408 -21.78 35.60 19.53
CA LYS C 408 -23.16 35.58 20.04
C LYS C 408 -23.32 36.78 20.98
N LYS C 409 -24.41 37.51 20.81
CA LYS C 409 -24.84 38.58 21.75
C LYS C 409 -25.28 37.89 23.06
N LEU C 410 -24.63 38.20 24.18
CA LEU C 410 -24.83 37.49 25.47
C LEU C 410 -25.90 38.19 26.32
N LYS C 411 -26.69 37.41 27.06
CA LYS C 411 -27.69 37.88 28.05
C LYS C 411 -27.13 37.52 29.43
N TYR C 412 -27.04 38.46 30.37
CA TYR C 412 -26.54 38.21 31.74
C TYR C 412 -26.93 39.36 32.68
N HIS D 26 -21.19 27.59 52.63
CA HIS D 26 -20.07 26.73 52.10
C HIS D 26 -20.23 26.51 50.58
N GLU D 27 -21.45 26.30 50.08
CA GLU D 27 -21.70 26.01 48.64
C GLU D 27 -21.20 27.19 47.79
N ALA D 28 -21.50 28.42 48.21
CA ALA D 28 -21.04 29.66 47.56
C ALA D 28 -19.51 29.67 47.52
N PHE D 29 -18.84 29.35 48.62
CA PHE D 29 -17.34 29.42 48.68
C PHE D 29 -16.76 28.37 47.73
N ILE D 30 -17.35 27.18 47.68
CA ILE D 30 -16.89 26.06 46.81
C ILE D 30 -16.99 26.53 45.35
N GLU D 31 -18.15 27.03 44.91
CA GLU D 31 -18.36 27.44 43.50
C GLU D 31 -17.29 28.46 43.08
N GLU D 32 -17.09 29.46 43.94
CA GLU D 32 -16.18 30.59 43.62
C GLU D 32 -14.75 30.13 43.78
N GLY D 33 -14.48 29.28 44.77
CA GLY D 33 -13.11 28.96 45.19
C GLY D 33 -12.52 27.80 44.42
N THR D 34 -13.31 27.07 43.62
CA THR D 34 -12.81 25.84 42.94
C THR D 34 -13.02 25.89 41.43
N PHE D 35 -12.36 24.99 40.70
CA PHE D 35 -12.56 24.84 39.25
C PHE D 35 -12.24 23.40 38.89
N LEU D 36 -12.76 23.00 37.74
CA LEU D 36 -12.48 21.66 37.16
C LEU D 36 -11.37 21.77 36.12
N PHE D 37 -10.59 20.70 35.98
CA PHE D 37 -9.74 20.53 34.77
C PHE D 37 -9.72 19.07 34.40
N THR D 38 -9.70 18.83 33.09
CA THR D 38 -9.81 17.46 32.55
C THR D 38 -8.59 17.12 31.67
N SER D 39 -8.01 15.92 31.88
CA SER D 39 -6.93 15.34 31.04
C SER D 39 -7.30 13.91 30.65
N GLU D 40 -6.75 13.47 29.53
CA GLU D 40 -6.99 12.07 29.06
C GLU D 40 -5.66 11.36 28.85
N SER D 41 -5.74 10.04 28.82
CA SER D 41 -4.62 9.16 28.44
C SER D 41 -5.17 8.02 27.64
N VAL D 42 -4.27 7.32 26.93
CA VAL D 42 -4.67 6.10 26.20
C VAL D 42 -3.67 5.00 26.49
N GLY D 43 -4.10 3.76 26.28
CA GLY D 43 -3.27 2.59 26.58
C GLY D 43 -2.43 2.22 25.37
N GLU D 44 -1.58 1.25 25.58
CA GLU D 44 -0.61 0.79 24.57
C GLU D 44 -1.29 0.30 23.30
N GLY D 45 -2.51 -0.24 23.38
CA GLY D 45 -3.23 -0.80 22.24
C GLY D 45 -4.11 0.23 21.54
N HIS D 46 -4.17 1.46 22.01
CA HIS D 46 -4.84 2.54 21.27
C HIS D 46 -4.08 2.68 19.94
N PRO D 47 -4.76 2.75 18.80
CA PRO D 47 -4.07 2.70 17.52
C PRO D 47 -3.04 3.82 17.29
N ASP D 48 -3.29 5.02 17.80
CA ASP D 48 -2.30 6.13 17.68
C ASP D 48 -1.08 5.77 18.52
N LYS D 49 -1.30 5.21 19.72
CA LYS D 49 -0.16 4.82 20.59
C LYS D 49 0.61 3.63 20.04
N ILE D 50 -0.07 2.69 19.37
CA ILE D 50 0.65 1.59 18.68
C ILE D 50 1.69 2.21 17.75
N CYS D 51 1.27 3.20 16.97
CA CYS D 51 2.14 3.89 15.99
C CYS D 51 3.34 4.55 16.69
N ASP D 52 3.08 5.27 17.80
CA ASP D 52 4.18 5.90 18.55
C ASP D 52 5.18 4.86 19.02
N GLN D 53 4.70 3.76 19.58
N GLN D 53 4.70 3.75 19.57
CA GLN D 53 5.57 2.70 20.13
CA GLN D 53 5.56 2.68 20.13
C GLN D 53 6.39 2.06 19.00
C GLN D 53 6.39 2.04 19.01
N ILE D 54 5.76 1.77 17.85
CA ILE D 54 6.48 1.16 16.71
C ILE D 54 7.54 2.14 16.17
N SER D 55 7.18 3.41 16.02
CA SER D 55 8.10 4.48 15.54
C SER D 55 9.34 4.51 16.47
N ASP D 56 9.15 4.46 17.78
CA ASP D 56 10.28 4.51 18.75
C ASP D 56 10.99 3.15 18.84
N ALA D 57 10.31 2.03 18.61
CA ALA D 57 10.98 0.71 18.51
C ALA D 57 11.98 0.74 17.34
N VAL D 58 11.57 1.35 16.22
CA VAL D 58 12.45 1.52 15.02
C VAL D 58 13.62 2.43 15.37
N LEU D 59 13.35 3.56 16.03
CA LEU D 59 14.41 4.52 16.40
C LEU D 59 15.42 3.78 17.29
N ASP D 60 14.93 3.06 18.29
CA ASP D 60 15.85 2.35 19.25
C ASP D 60 16.69 1.29 18.49
N ALA D 61 16.08 0.57 17.56
CA ALA D 61 16.74 -0.48 16.76
C ALA D 61 17.92 0.14 16.00
N HIS D 62 17.72 1.33 15.41
CA HIS D 62 18.80 2.08 14.73
C HIS D 62 19.87 2.50 15.73
N LEU D 63 19.49 3.18 16.81
CA LEU D 63 20.46 3.76 17.77
C LEU D 63 21.28 2.67 18.47
N GLN D 64 20.72 1.48 18.66
CA GLN D 64 21.46 0.33 19.25
C GLN D 64 22.69 0.04 18.39
N GLN D 65 22.59 0.14 17.06
CA GLN D 65 23.71 -0.22 16.13
C GLN D 65 24.50 1.05 15.72
N ASP D 66 23.81 2.18 15.54
CA ASP D 66 24.43 3.43 15.05
C ASP D 66 23.91 4.57 15.94
N PRO D 67 24.66 4.94 16.99
CA PRO D 67 24.25 6.05 17.87
C PRO D 67 24.05 7.38 17.13
N ASP D 68 24.60 7.55 15.92
CA ASP D 68 24.47 8.80 15.09
C ASP D 68 23.38 8.65 14.03
N ALA D 69 22.53 7.61 14.10
CA ALA D 69 21.42 7.42 13.16
C ALA D 69 20.52 8.66 13.13
N LYS D 70 20.15 9.09 11.92
CA LYS D 70 19.05 10.06 11.68
C LYS D 70 17.79 9.26 11.37
N VAL D 71 16.74 9.45 12.15
CA VAL D 71 15.45 8.72 12.01
C VAL D 71 14.28 9.71 12.04
N ALA D 72 13.39 9.61 11.06
CA ALA D 72 12.09 10.32 11.04
C ALA D 72 11.07 9.29 10.56
N CYS D 73 10.72 8.35 11.43
CA CYS D 73 9.87 7.17 11.13
C CYS D 73 8.42 7.44 11.55
N GLU D 74 7.54 7.65 10.58
CA GLU D 74 6.07 7.71 10.81
C GLU D 74 5.47 6.31 10.62
N THR D 75 4.57 5.92 11.50
CA THR D 75 3.84 4.64 11.44
C THR D 75 2.35 4.95 11.24
N VAL D 76 1.72 4.20 10.36
CA VAL D 76 0.26 4.24 10.11
C VAL D 76 -0.29 2.86 10.38
N ALA D 77 -1.39 2.77 11.11
CA ALA D 77 -2.01 1.47 11.47
C ALA D 77 -3.47 1.52 11.09
N LYS D 78 -3.92 0.52 10.34
CA LYS D 78 -5.35 0.35 10.04
C LYS D 78 -5.56 -1.17 9.95
N THR D 79 -6.79 -1.62 9.82
CA THR D 79 -7.14 -3.06 9.74
C THR D 79 -6.04 -3.84 9.00
N GLY D 80 -5.31 -4.70 9.70
CA GLY D 80 -4.38 -5.66 9.10
C GLY D 80 -3.09 -5.04 8.60
N MET D 81 -2.85 -3.74 8.84
CA MET D 81 -1.72 -3.02 8.19
C MET D 81 -0.93 -2.20 9.20
N ILE D 82 0.38 -2.33 9.15
CA ILE D 82 1.37 -1.34 9.68
C ILE D 82 2.16 -0.86 8.47
N LEU D 83 2.15 0.43 8.21
CA LEU D 83 2.98 1.09 7.19
C LEU D 83 3.99 1.99 7.88
N LEU D 84 5.25 1.83 7.52
CA LEU D 84 6.34 2.74 7.96
C LEU D 84 6.69 3.67 6.81
N ALA D 85 6.74 4.96 7.06
CA ALA D 85 7.10 5.98 6.06
C ALA D 85 8.04 6.99 6.69
N GLY D 86 8.94 7.56 5.92
CA GLY D 86 9.86 8.61 6.39
C GLY D 86 11.25 8.40 5.87
N GLU D 87 12.21 8.99 6.56
CA GLU D 87 13.61 9.10 6.09
C GLU D 87 14.50 8.58 7.21
N ILE D 88 15.45 7.72 6.85
CA ILE D 88 16.47 7.23 7.81
C ILE D 88 17.84 7.35 7.14
N THR D 89 18.80 7.90 7.86
CA THR D 89 20.25 7.86 7.50
C THR D 89 20.97 7.12 8.60
N SER D 90 21.40 5.90 8.34
CA SER D 90 21.88 4.97 9.39
C SER D 90 22.84 3.95 8.79
N ARG D 91 23.87 3.58 9.54
CA ARG D 91 24.74 2.44 9.25
C ARG D 91 24.09 1.15 9.76
N ALA D 92 22.99 1.22 10.50
CA ALA D 92 22.34 0.03 11.10
C ALA D 92 21.72 -0.85 10.00
N ALA D 93 21.65 -2.15 10.26
CA ALA D 93 20.89 -3.12 9.44
C ALA D 93 19.71 -3.55 10.30
N VAL D 94 18.53 -3.02 9.99
CA VAL D 94 17.35 -3.19 10.87
C VAL D 94 16.37 -4.10 10.14
N ASP D 95 15.88 -5.11 10.86
CA ASP D 95 14.87 -6.05 10.32
C ASP D 95 13.52 -5.46 10.72
N TYR D 96 12.90 -4.68 9.81
CA TYR D 96 11.69 -3.90 10.12
C TYR D 96 10.53 -4.86 10.40
N GLN D 97 10.43 -5.96 9.67
CA GLN D 97 9.37 -6.98 9.90
C GLN D 97 9.42 -7.47 11.35
N LYS D 98 10.61 -7.81 11.85
CA LYS D 98 10.82 -8.37 13.19
C LYS D 98 10.52 -7.28 14.22
N VAL D 99 11.05 -6.08 14.02
CA VAL D 99 10.87 -4.98 15.02
C VAL D 99 9.37 -4.65 15.15
N VAL D 100 8.66 -4.54 14.04
CA VAL D 100 7.21 -4.19 14.05
C VAL D 100 6.45 -5.33 14.73
N ARG D 101 6.68 -6.55 14.30
CA ARG D 101 5.89 -7.70 14.79
C ARG D 101 6.17 -7.91 16.28
N GLU D 102 7.39 -7.75 16.75
CA GLU D 102 7.73 -7.93 18.18
C GLU D 102 7.01 -6.83 19.00
N ALA D 103 6.92 -5.59 18.49
CA ALA D 103 6.25 -4.48 19.19
C ALA D 103 4.75 -4.81 19.31
N VAL D 104 4.14 -5.28 18.22
CA VAL D 104 2.69 -5.58 18.22
C VAL D 104 2.42 -6.80 19.13
N LYS D 105 3.29 -7.78 19.12
CA LYS D 105 3.23 -8.93 20.06
C LYS D 105 3.23 -8.40 21.50
N HIS D 106 4.19 -7.57 21.85
CA HIS D 106 4.32 -7.02 23.23
C HIS D 106 3.05 -6.28 23.66
N ILE D 107 2.47 -5.50 22.77
CA ILE D 107 1.24 -4.70 23.05
C ILE D 107 0.10 -5.67 23.36
N GLY D 108 0.07 -6.83 22.72
CA GLY D 108 -0.86 -7.94 23.02
C GLY D 108 -1.79 -8.31 21.87
N TYR D 109 -1.55 -7.83 20.64
CA TYR D 109 -2.39 -8.14 19.47
C TYR D 109 -1.82 -9.39 18.79
N ASP D 110 -2.32 -10.56 19.18
CA ASP D 110 -1.75 -11.89 18.80
C ASP D 110 -2.85 -12.82 18.30
N ASP D 111 -3.97 -12.31 17.81
CA ASP D 111 -5.06 -13.19 17.33
C ASP D 111 -6.12 -12.37 16.60
N SER D 112 -6.69 -12.95 15.54
CA SER D 112 -7.76 -12.26 14.77
C SER D 112 -9.00 -12.03 15.66
N SER D 113 -9.20 -12.79 16.74
CA SER D 113 -10.32 -12.55 17.70
C SER D 113 -10.19 -11.17 18.37
N LYS D 114 -8.99 -10.62 18.44
CA LYS D 114 -8.66 -9.32 19.09
C LYS D 114 -8.65 -8.23 18.04
N GLY D 115 -8.83 -8.56 16.75
CA GLY D 115 -8.92 -7.55 15.68
C GLY D 115 -7.60 -7.33 14.96
N PHE D 116 -6.52 -7.91 15.47
CA PHE D 116 -5.15 -7.63 14.95
C PHE D 116 -4.21 -8.72 15.46
N ASP D 117 -3.30 -9.18 14.62
CA ASP D 117 -2.36 -10.27 14.97
C ASP D 117 -1.01 -9.94 14.37
N TYR D 118 0.02 -9.84 15.21
CA TYR D 118 1.41 -9.57 14.77
C TYR D 118 1.88 -10.68 13.81
N LYS D 119 1.38 -11.91 13.95
CA LYS D 119 1.81 -13.07 13.13
C LYS D 119 1.40 -12.87 11.66
N THR D 120 0.23 -12.29 11.41
CA THR D 120 -0.44 -12.40 10.10
C THR D 120 -0.73 -11.03 9.50
N CYS D 121 -0.42 -9.94 10.18
CA CYS D 121 -0.65 -8.58 9.65
C CYS D 121 0.34 -8.26 8.51
N ASN D 122 -0.06 -7.33 7.64
CA ASN D 122 0.76 -6.75 6.56
C ASN D 122 1.68 -5.71 7.19
N VAL D 123 2.98 -5.81 6.98
CA VAL D 123 3.96 -4.73 7.32
C VAL D 123 4.52 -4.21 6.00
N LEU D 124 4.24 -2.95 5.66
CA LEU D 124 4.67 -2.29 4.42
C LEU D 124 5.76 -1.28 4.80
N VAL D 125 6.85 -1.27 4.07
CA VAL D 125 8.01 -0.37 4.42
C VAL D 125 8.23 0.61 3.29
N ALA D 126 8.01 1.90 3.55
CA ALA D 126 8.23 2.96 2.55
C ALA D 126 9.32 3.92 3.02
N LEU D 127 10.18 3.51 3.94
CA LEU D 127 11.34 4.28 4.46
C LEU D 127 12.38 4.52 3.36
N GLU D 128 12.85 5.75 3.20
CA GLU D 128 13.97 6.12 2.32
C GLU D 128 15.21 6.15 3.22
N GLN D 129 15.99 5.05 3.19
CA GLN D 129 17.21 4.91 4.03
C GLN D 129 18.40 5.22 3.15
N GLN D 130 19.40 5.92 3.70
CA GLN D 130 20.67 6.26 3.00
C GLN D 130 21.88 6.12 3.94
N SER D 131 23.07 5.88 3.37
CA SER D 131 24.38 6.03 4.05
C SER D 131 24.53 7.49 4.49
N ASN D 143 32.50 23.06 17.82
CA ASN D 143 31.94 22.54 16.54
C ASN D 143 30.66 21.74 16.84
N GLU D 144 30.80 20.58 17.51
CA GLU D 144 29.66 19.68 17.90
C GLU D 144 28.59 20.51 18.64
N GLU D 145 29.01 21.34 19.60
CA GLU D 145 28.12 22.16 20.45
C GLU D 145 27.27 23.11 19.59
N ASP D 146 27.81 23.57 18.47
CA ASP D 146 27.27 24.69 17.65
C ASP D 146 26.56 24.16 16.40
N ILE D 147 26.20 22.87 16.31
CA ILE D 147 25.30 22.40 15.20
C ILE D 147 23.98 23.21 15.22
N GLY D 148 23.48 23.61 14.04
CA GLY D 148 22.19 24.29 13.91
C GLY D 148 21.04 23.35 14.20
N ALA D 149 19.89 23.89 14.61
CA ALA D 149 18.62 23.14 14.67
C ALA D 149 18.36 22.52 13.30
N GLY D 150 17.74 21.34 13.27
CA GLY D 150 17.39 20.65 12.01
C GLY D 150 16.11 21.20 11.45
N ASP D 151 15.39 22.06 12.19
CA ASP D 151 14.10 22.63 11.72
C ASP D 151 13.78 23.87 12.51
N GLN D 152 12.77 24.64 12.06
CA GLN D 152 12.18 25.72 12.87
C GLN D 152 11.23 25.03 13.85
N GLY D 153 10.62 25.79 14.74
CA GLY D 153 9.58 25.28 15.63
C GLY D 153 9.66 25.93 16.99
N LEU D 154 8.58 25.76 17.72
CA LEU D 154 8.46 26.20 19.12
C LEU D 154 8.17 24.97 19.98
N MET D 155 8.61 25.04 21.22
CA MET D 155 8.53 23.91 22.17
C MET D 155 8.29 24.50 23.56
N PHE D 156 7.53 23.79 24.39
CA PHE D 156 7.31 24.29 25.76
C PHE D 156 7.69 23.20 26.75
N GLY D 157 8.06 23.64 27.95
CA GLY D 157 8.21 22.78 29.13
C GLY D 157 7.38 23.32 30.27
N TYR D 158 6.86 22.42 31.11
CA TYR D 158 6.00 22.77 32.23
C TYR D 158 6.34 21.89 33.44
N ALA D 159 6.12 22.46 34.61
CA ALA D 159 6.23 21.73 35.88
C ALA D 159 5.28 22.39 36.87
N THR D 160 4.76 21.57 37.77
CA THR D 160 3.80 21.95 38.80
C THR D 160 4.15 21.17 40.07
N ASP D 161 4.19 21.84 41.22
CA ASP D 161 4.51 21.25 42.54
C ASP D 161 3.33 20.43 43.09
N GLU D 162 2.22 20.33 42.37
CA GLU D 162 1.00 19.65 42.89
C GLU D 162 1.20 18.14 43.07
N THR D 163 2.20 17.53 42.43
CA THR D 163 2.61 16.11 42.64
C THR D 163 4.14 16.05 42.81
N GLU D 164 4.62 14.98 43.44
CA GLU D 164 6.07 14.70 43.61
C GLU D 164 6.76 14.61 42.24
N GLU D 165 6.08 14.09 41.23
CA GLU D 165 6.65 13.96 39.85
C GLU D 165 6.59 15.32 39.12
N CYS D 166 6.06 16.37 39.74
CA CYS D 166 6.06 17.72 39.15
C CYS D 166 5.17 17.76 37.91
N MET D 167 4.09 16.97 37.94
CA MET D 167 3.12 16.86 36.85
C MET D 167 1.70 17.10 37.34
N PRO D 168 0.79 17.52 36.44
CA PRO D 168 -0.61 17.71 36.83
C PRO D 168 -1.21 16.39 37.29
N LEU D 169 -2.00 16.43 38.36
CA LEU D 169 -2.60 15.17 38.88
C LEU D 169 -3.51 14.54 37.82
N THR D 170 -4.22 15.35 37.04
CA THR D 170 -5.20 14.88 36.02
C THR D 170 -4.48 13.88 35.07
N ILE D 171 -3.32 14.25 34.53
CA ILE D 171 -2.65 13.42 33.50
C ILE D 171 -1.93 12.26 34.21
N VAL D 172 -1.38 12.46 35.39
CA VAL D 172 -0.69 11.37 36.15
C VAL D 172 -1.73 10.25 36.39
N LEU D 173 -2.90 10.60 36.91
CA LEU D 173 -3.93 9.56 37.22
C LEU D 173 -4.43 8.90 35.90
N ALA D 174 -4.66 9.67 34.85
CA ALA D 174 -5.14 9.13 33.56
C ALA D 174 -4.11 8.11 33.04
N HIS D 175 -2.82 8.42 33.07
CA HIS D 175 -1.77 7.48 32.60
C HIS D 175 -1.81 6.25 33.49
N LYS D 176 -1.84 6.43 34.81
CA LYS D 176 -1.69 5.32 35.76
C LYS D 176 -2.91 4.36 35.62
N LEU D 177 -4.08 4.87 35.27
CA LEU D 177 -5.27 4.00 35.06
C LEU D 177 -5.02 3.10 33.82
N ASN D 178 -4.46 3.63 32.72
CA ASN D 178 -4.11 2.78 31.54
C ASN D 178 -3.04 1.76 31.92
N ALA D 179 -2.02 2.17 32.69
CA ALA D 179 -0.93 1.26 33.14
C ALA D 179 -1.52 0.11 33.95
N LYS D 180 -2.48 0.40 34.81
CA LYS D 180 -3.10 -0.61 35.71
C LYS D 180 -3.89 -1.62 34.84
N LEU D 181 -4.66 -1.13 33.87
CA LEU D 181 -5.37 -2.02 32.92
C LEU D 181 -4.37 -2.97 32.25
N ALA D 182 -3.22 -2.48 31.75
CA ALA D 182 -2.23 -3.31 31.06
C ALA D 182 -1.65 -4.32 32.06
N GLU D 183 -1.45 -3.89 33.31
CA GLU D 183 -0.88 -4.79 34.34
C GLU D 183 -1.81 -5.97 34.62
N LEU D 184 -3.09 -5.69 34.78
CA LEU D 184 -4.09 -6.71 35.17
C LEU D 184 -4.46 -7.55 33.94
N ARG D 185 -4.32 -7.01 32.74
CA ARG D 185 -4.44 -7.79 31.49
C ARG D 185 -3.27 -8.80 31.44
N ARG D 186 -2.05 -8.31 31.56
CA ARG D 186 -0.85 -9.14 31.36
C ARG D 186 -0.69 -10.17 32.47
N ASN D 187 -1.16 -9.94 33.70
CA ASN D 187 -0.94 -10.94 34.79
C ASN D 187 -2.15 -11.88 34.87
N GLY D 188 -3.14 -11.72 34.00
CA GLY D 188 -4.26 -12.68 33.90
C GLY D 188 -5.32 -12.49 34.96
N THR D 189 -5.27 -11.44 35.81
CA THR D 189 -6.29 -11.26 36.86
C THR D 189 -7.59 -10.75 36.21
N LEU D 190 -7.51 -9.99 35.11
CA LEU D 190 -8.72 -9.57 34.36
C LEU D 190 -8.54 -10.02 32.90
N PRO D 191 -8.73 -11.32 32.62
CA PRO D 191 -8.30 -11.90 31.33
C PRO D 191 -9.22 -11.50 30.16
N TRP D 192 -10.35 -10.86 30.44
CA TRP D 192 -11.29 -10.33 29.42
C TRP D 192 -10.77 -9.02 28.83
N LEU D 193 -9.77 -8.40 29.43
CA LEU D 193 -9.20 -7.11 28.94
C LEU D 193 -8.46 -7.35 27.62
N ARG D 194 -8.56 -6.35 26.75
CA ARG D 194 -7.85 -6.30 25.45
C ARG D 194 -7.02 -5.04 25.45
N PRO D 195 -6.05 -4.89 24.51
CA PRO D 195 -5.03 -3.82 24.64
C PRO D 195 -5.49 -2.36 24.48
N ASP D 196 -6.59 -2.11 23.75
CA ASP D 196 -7.04 -0.73 23.40
C ASP D 196 -7.82 -0.15 24.60
N SER D 197 -7.37 1.00 25.09
CA SER D 197 -7.99 1.68 26.26
C SER D 197 -7.85 3.20 26.13
N LYS D 198 -8.81 3.88 26.76
CA LYS D 198 -8.80 5.34 26.94
C LYS D 198 -9.30 5.63 28.34
N THR D 199 -8.70 6.65 28.96
CA THR D 199 -9.12 7.10 30.31
C THR D 199 -9.20 8.61 30.26
N GLN D 200 -9.99 9.17 31.18
CA GLN D 200 -10.13 10.63 31.27
C GLN D 200 -10.48 10.97 32.71
N VAL D 201 -9.75 11.93 33.26
CA VAL D 201 -9.86 12.27 34.71
C VAL D 201 -10.11 13.78 34.82
N THR D 202 -11.20 14.14 35.48
CA THR D 202 -11.57 15.52 35.84
C THR D 202 -11.32 15.69 37.34
N VAL D 203 -10.43 16.62 37.68
CA VAL D 203 -10.08 16.94 39.08
C VAL D 203 -10.69 18.31 39.40
N GLN D 204 -11.24 18.40 40.60
CA GLN D 204 -11.71 19.67 41.20
C GLN D 204 -10.54 20.24 41.99
N TYR D 205 -10.11 21.43 41.59
CA TYR D 205 -8.94 22.10 42.20
C TYR D 205 -9.38 23.35 42.97
N MET D 206 -8.54 23.79 43.89
CA MET D 206 -8.53 25.20 44.35
C MET D 206 -7.16 25.80 44.02
N GLN D 207 -7.10 27.11 44.00
CA GLN D 207 -5.84 27.89 43.79
C GLN D 207 -5.22 28.27 45.13
N ASP D 208 -3.89 28.36 45.21
CA ASP D 208 -3.14 29.13 46.23
C ASP D 208 -2.20 30.05 45.47
N ARG D 209 -2.64 31.26 45.15
CA ARG D 209 -1.79 32.33 44.56
C ARG D 209 -1.05 31.77 43.34
N GLY D 210 -1.85 31.24 42.42
CA GLY D 210 -1.40 30.74 41.13
C GLY D 210 -0.96 29.28 41.12
N ALA D 211 -0.61 28.69 42.29
CA ALA D 211 -0.41 27.23 42.44
C ALA D 211 -1.77 26.55 42.40
N VAL D 212 -1.84 25.29 42.01
CA VAL D 212 -3.15 24.60 42.01
C VAL D 212 -3.08 23.43 43.00
N LEU D 213 -4.17 23.23 43.72
CA LEU D 213 -4.28 22.27 44.84
C LEU D 213 -5.41 21.33 44.50
N PRO D 214 -5.12 20.05 44.22
CA PRO D 214 -6.20 19.09 43.97
C PRO D 214 -7.01 18.84 45.23
N ILE D 215 -8.33 18.88 45.12
CA ILE D 215 -9.26 18.57 46.23
C ILE D 215 -9.78 17.12 46.07
N ARG D 216 -10.34 16.81 44.92
CA ARG D 216 -11.08 15.53 44.72
C ARG D 216 -11.12 15.22 43.24
N VAL D 217 -11.27 13.94 42.94
CA VAL D 217 -11.60 13.51 41.57
C VAL D 217 -13.11 13.70 41.37
N HIS D 218 -13.46 14.51 40.38
CA HIS D 218 -14.87 14.89 40.06
C HIS D 218 -15.52 13.84 39.14
N THR D 219 -14.82 13.46 38.07
CA THR D 219 -15.34 12.54 37.02
C THR D 219 -14.19 11.65 36.51
N ILE D 220 -14.47 10.37 36.30
CA ILE D 220 -13.52 9.43 35.64
C ILE D 220 -14.26 8.73 34.50
N VAL D 221 -13.61 8.67 33.35
CA VAL D 221 -14.04 7.85 32.20
C VAL D 221 -13.01 6.74 32.05
N ILE D 222 -13.46 5.51 31.85
CA ILE D 222 -12.62 4.42 31.34
C ILE D 222 -13.41 3.70 30.25
N SER D 223 -12.79 3.55 29.09
CA SER D 223 -13.25 2.71 27.96
C SER D 223 -12.12 1.73 27.69
N VAL D 224 -12.38 0.42 27.75
CA VAL D 224 -11.32 -0.56 27.46
C VAL D 224 -11.92 -1.69 26.64
N GLN D 225 -11.20 -2.05 25.59
CA GLN D 225 -11.56 -3.18 24.70
C GLN D 225 -11.63 -4.46 25.52
N HIS D 226 -12.59 -5.31 25.20
CA HIS D 226 -12.88 -6.52 26.02
C HIS D 226 -13.34 -7.67 25.12
N ASP D 227 -13.38 -8.86 25.72
CA ASP D 227 -13.79 -10.10 25.01
C ASP D 227 -15.32 -10.13 24.93
N GLU D 228 -15.83 -11.11 24.18
CA GLU D 228 -17.28 -11.23 23.89
C GLU D 228 -18.02 -11.92 25.03
N GLU D 229 -17.31 -12.47 26.02
CA GLU D 229 -17.91 -13.36 27.05
C GLU D 229 -18.35 -12.51 28.26
N VAL D 230 -17.53 -11.57 28.69
CA VAL D 230 -17.73 -10.86 30.01
C VAL D 230 -18.97 -9.94 29.94
N CSO D 231 -19.70 -9.88 31.04
CA CSO D 231 -20.91 -9.04 31.21
CB CSO D 231 -21.82 -9.60 32.30
SG CSO D 231 -22.31 -11.33 32.04
C CSO D 231 -20.49 -7.59 31.51
O CSO D 231 -19.46 -7.35 32.13
OD CSO D 231 -23.00 -11.31 30.53
N LEU D 232 -21.27 -6.65 31.02
CA LEU D 232 -21.11 -5.21 31.21
C LEU D 232 -21.02 -4.85 32.71
N ASP D 233 -21.92 -5.37 33.54
CA ASP D 233 -21.92 -5.01 35.01
C ASP D 233 -20.64 -5.55 35.67
N GLU D 234 -20.17 -6.72 35.27
CA GLU D 234 -18.92 -7.28 35.84
C GLU D 234 -17.73 -6.40 35.44
N MET D 235 -17.66 -5.94 34.19
CA MET D 235 -16.56 -5.06 33.74
C MET D 235 -16.58 -3.76 34.56
N ARG D 236 -17.77 -3.15 34.68
CA ARG D 236 -17.91 -1.84 35.39
C ARG D 236 -17.48 -2.00 36.84
N ASP D 237 -17.89 -3.07 37.51
N ASP D 237 -17.88 -3.08 37.51
CA ASP D 237 -17.49 -3.34 38.92
CA ASP D 237 -17.49 -3.38 38.92
C ASP D 237 -15.97 -3.50 39.02
C ASP D 237 -15.96 -3.51 39.03
N ALA D 238 -15.34 -4.25 38.12
CA ALA D 238 -13.88 -4.49 38.11
C ALA D 238 -13.12 -3.19 37.86
N LEU D 239 -13.63 -2.34 36.98
CA LEU D 239 -12.95 -1.07 36.64
C LEU D 239 -12.96 -0.15 37.87
N LYS D 240 -14.04 -0.16 38.64
CA LYS D 240 -14.12 0.68 39.85
C LYS D 240 -13.22 0.07 40.94
N GLU D 241 -13.40 -1.20 41.24
CA GLU D 241 -12.84 -1.84 42.46
C GLU D 241 -11.39 -2.23 42.25
N LYS D 242 -11.01 -2.76 41.08
CA LYS D 242 -9.64 -3.33 40.89
C LYS D 242 -8.74 -2.34 40.16
N VAL D 243 -9.31 -1.38 39.45
CA VAL D 243 -8.48 -0.44 38.65
C VAL D 243 -8.47 0.92 39.38
N ILE D 244 -9.60 1.62 39.37
CA ILE D 244 -9.69 2.99 39.95
C ILE D 244 -9.22 2.99 41.41
N LYS D 245 -9.74 2.09 42.25
CA LYS D 245 -9.44 2.12 43.70
C LYS D 245 -7.99 1.67 43.96
N ALA D 246 -7.35 0.98 43.02
CA ALA D 246 -5.94 0.55 43.17
C ALA D 246 -5.00 1.68 42.75
N VAL D 247 -5.49 2.67 42.00
CA VAL D 247 -4.65 3.75 41.39
C VAL D 247 -4.90 5.07 42.12
N VAL D 248 -6.15 5.46 42.30
CA VAL D 248 -6.52 6.82 42.81
C VAL D 248 -6.46 6.80 44.34
N PRO D 249 -5.65 7.63 45.00
CA PRO D 249 -5.67 7.76 46.46
C PRO D 249 -7.11 7.94 46.97
N ALA D 250 -7.51 7.14 47.95
CA ALA D 250 -8.89 7.08 48.51
C ALA D 250 -9.36 8.50 48.90
N LYS D 251 -8.47 9.36 49.37
CA LYS D 251 -8.88 10.72 49.84
C LYS D 251 -9.51 11.52 48.68
N TYR D 252 -9.17 11.22 47.42
CA TYR D 252 -9.69 11.98 46.25
C TYR D 252 -11.04 11.44 45.75
N LEU D 253 -11.51 10.29 46.23
CA LEU D 253 -12.75 9.63 45.74
C LEU D 253 -13.80 9.78 46.83
N ASP D 254 -15.06 10.07 46.47
CA ASP D 254 -16.13 10.26 47.48
C ASP D 254 -17.46 9.86 46.84
N GLU D 255 -18.56 9.98 47.56
CA GLU D 255 -19.88 9.46 47.09
C GLU D 255 -20.39 10.29 45.91
N ASP D 256 -19.84 11.48 45.65
CA ASP D 256 -20.27 12.34 44.52
C ASP D 256 -19.41 12.11 43.27
N THR D 257 -18.27 11.42 43.35
CA THR D 257 -17.40 11.12 42.18
C THR D 257 -18.26 10.47 41.08
N ILE D 258 -18.21 11.02 39.88
CA ILE D 258 -19.01 10.53 38.72
C ILE D 258 -18.15 9.51 37.96
N TYR D 259 -18.72 8.35 37.66
CA TYR D 259 -18.02 7.26 36.93
C TYR D 259 -18.72 7.03 35.60
N HIS D 260 -17.98 7.12 34.51
CA HIS D 260 -18.39 6.72 33.14
C HIS D 260 -17.48 5.56 32.73
N LEU D 261 -17.91 4.35 33.02
CA LEU D 261 -17.11 3.12 32.81
C LEU D 261 -17.79 2.30 31.71
N GLN D 262 -17.03 1.94 30.69
CA GLN D 262 -17.58 1.32 29.46
C GLN D 262 -18.77 2.13 28.99
N PRO D 263 -18.64 3.46 28.86
CA PRO D 263 -19.79 4.30 28.53
C PRO D 263 -20.46 4.00 27.18
N SER D 264 -19.74 3.45 26.21
CA SER D 264 -20.33 3.08 24.88
C SER D 264 -21.23 1.83 25.02
N GLY D 265 -21.03 1.02 26.07
CA GLY D 265 -21.78 -0.22 26.31
C GLY D 265 -21.14 -1.44 25.67
N ARG D 266 -20.36 -1.28 24.61
CA ARG D 266 -19.73 -2.44 23.90
C ARG D 266 -18.48 -1.95 23.19
N PHE D 267 -17.36 -2.56 23.51
CA PHE D 267 -16.04 -2.23 22.95
C PHE D 267 -15.30 -3.57 22.66
N VAL D 268 -15.84 -4.32 21.73
CA VAL D 268 -15.21 -5.59 21.28
C VAL D 268 -14.27 -5.28 20.12
N ILE D 269 -14.77 -4.51 19.14
CA ILE D 269 -13.96 -4.00 18.00
C ILE D 269 -13.07 -2.89 18.52
N GLY D 270 -11.76 -3.02 18.33
CA GLY D 270 -10.82 -1.98 18.77
C GLY D 270 -9.52 -2.13 18.06
N GLY D 271 -8.50 -1.47 18.59
CA GLY D 271 -7.20 -1.42 17.91
C GLY D 271 -7.36 -0.79 16.54
N PRO D 272 -6.42 -1.05 15.60
CA PRO D 272 -6.47 -0.46 14.27
C PRO D 272 -7.73 -0.81 13.45
N GLN D 273 -8.35 -1.95 13.72
CA GLN D 273 -9.62 -2.31 13.08
C GLN D 273 -10.69 -1.24 13.36
N GLY D 274 -10.77 -0.77 14.60
CA GLY D 274 -11.78 0.20 15.07
C GLY D 274 -11.50 1.60 14.56
N ASP D 275 -10.23 1.96 14.40
CA ASP D 275 -9.84 3.37 14.20
C ASP D 275 -8.41 3.39 13.65
N ALA D 276 -8.19 4.09 12.54
CA ALA D 276 -6.83 4.31 11.99
C ALA D 276 -5.96 4.95 13.06
N GLY D 277 -4.72 4.50 13.18
CA GLY D 277 -3.74 5.13 14.06
C GLY D 277 -2.65 5.77 13.23
N LEU D 278 -2.08 6.84 13.75
CA LEU D 278 -0.90 7.49 13.14
C LEU D 278 0.06 7.91 14.27
N THR D 279 1.35 7.95 13.94
CA THR D 279 2.35 8.49 14.88
C THR D 279 2.03 9.96 15.17
N GLY D 280 2.23 10.41 16.39
CA GLY D 280 2.16 11.85 16.73
C GLY D 280 0.76 12.43 16.74
N ARG D 281 -0.24 11.61 17.08
CA ARG D 281 -1.65 12.07 17.18
C ARG D 281 -2.13 12.06 18.64
N LYS D 282 -1.22 11.89 19.59
CA LYS D 282 -1.49 11.91 21.05
C LYS D 282 -0.49 12.83 21.75
N ILE D 283 -0.20 14.00 21.16
CA ILE D 283 0.93 14.85 21.64
C ILE D 283 0.56 15.49 22.98
N ILE D 284 -0.73 15.64 23.29
CA ILE D 284 -1.20 16.26 24.56
C ILE D 284 -1.22 15.17 25.66
N VAL D 285 -1.57 13.94 25.30
CA VAL D 285 -1.40 12.74 26.19
C VAL D 285 0.08 12.57 26.52
N ASP D 286 0.96 12.79 25.53
CA ASP D 286 2.41 12.58 25.69
C ASP D 286 3.06 13.60 26.62
N THR D 287 2.40 14.72 26.89
CA THR D 287 3.00 15.88 27.59
C THR D 287 2.23 16.13 28.90
N TYR D 288 1.38 17.14 28.94
CA TYR D 288 0.88 17.70 30.21
C TYR D 288 -0.65 17.59 30.28
N GLY D 289 -1.30 16.84 29.40
CA GLY D 289 -2.77 16.64 29.49
C GLY D 289 -3.56 17.94 29.34
N GLY D 290 -3.04 18.92 28.60
CA GLY D 290 -3.71 20.18 28.30
C GLY D 290 -3.21 21.34 29.15
N TRP D 291 -2.53 21.06 30.27
CA TRP D 291 -1.89 22.08 31.13
C TRP D 291 -0.63 22.59 30.40
N GLY D 292 -0.02 23.67 30.87
CA GLY D 292 1.19 24.17 30.25
C GLY D 292 0.88 24.63 28.84
N ALA D 293 1.63 24.13 27.84
CA ALA D 293 1.45 24.52 26.44
C ALA D 293 2.18 23.49 25.57
N HIS D 294 1.94 23.55 24.27
CA HIS D 294 2.55 22.64 23.28
C HIS D 294 2.85 23.40 22.01
N GLY D 295 4.04 23.13 21.43
CA GLY D 295 4.43 23.77 20.14
C GLY D 295 4.00 23.01 18.91
N GLY D 296 3.38 21.83 19.06
CA GLY D 296 2.78 21.06 17.95
C GLY D 296 3.61 19.91 17.42
N GLY D 297 4.89 19.83 17.81
CA GLY D 297 5.79 18.77 17.35
C GLY D 297 5.52 17.46 18.08
N ALA D 298 5.44 16.38 17.32
CA ALA D 298 5.32 15.02 17.87
C ALA D 298 6.72 14.58 18.30
N PHE D 299 6.81 13.63 19.21
CA PHE D 299 8.10 13.11 19.70
C PHE D 299 8.51 11.81 18.99
N SER D 300 7.58 10.85 18.87
CA SER D 300 7.94 9.46 18.54
C SER D 300 8.45 9.36 17.10
N GLY D 301 9.45 8.51 16.90
CA GLY D 301 10.06 8.24 15.61
C GLY D 301 11.12 9.25 15.22
N LYS D 302 11.46 10.18 16.12
CA LYS D 302 12.43 11.26 15.82
C LYS D 302 13.66 11.13 16.69
N ASP D 303 14.82 11.14 16.06
CA ASP D 303 16.09 11.06 16.81
C ASP D 303 16.32 12.41 17.50
N TYR D 304 17.35 12.41 18.33
CA TYR D 304 17.71 13.54 19.23
C TYR D 304 18.07 14.81 18.45
N THR D 305 18.37 14.77 17.15
CA THR D 305 18.67 16.00 16.37
C THR D 305 17.38 16.75 16.01
N LYS D 306 16.20 16.17 16.20
CA LYS D 306 14.92 16.87 15.97
C LYS D 306 14.57 17.69 17.23
N VAL D 307 14.63 19.02 17.16
CA VAL D 307 14.35 19.90 18.32
C VAL D 307 12.91 19.73 18.83
N ASP D 308 11.96 19.28 17.99
CA ASP D 308 10.58 19.01 18.45
C ASP D 308 10.66 18.10 19.68
N ARG D 309 11.63 17.18 19.70
CA ARG D 309 11.80 16.22 20.82
C ARG D 309 12.83 16.77 21.81
N SER D 310 14.04 17.05 21.35
CA SER D 310 15.16 17.33 22.27
C SER D 310 14.91 18.62 23.07
N ALA D 311 14.36 19.66 22.43
CA ALA D 311 14.09 20.95 23.08
C ALA D 311 12.89 20.86 24.00
N ALA D 312 11.86 20.06 23.69
CA ALA D 312 10.74 19.82 24.60
C ALA D 312 11.27 19.11 25.85
N TYR D 313 12.18 18.14 25.70
CA TYR D 313 12.75 17.43 26.87
C TYR D 313 13.56 18.42 27.69
N ALA D 314 14.38 19.23 27.04
CA ALA D 314 15.22 20.21 27.73
C ALA D 314 14.32 21.24 28.45
N ALA D 315 13.25 21.69 27.82
CA ALA D 315 12.34 22.68 28.40
C ALA D 315 11.66 22.09 29.65
N ARG D 316 11.25 20.82 29.59
CA ARG D 316 10.74 20.12 30.80
C ARG D 316 11.81 20.14 31.90
N TRP D 317 13.05 19.82 31.55
CA TRP D 317 14.21 19.79 32.47
C TRP D 317 14.37 21.15 33.15
N VAL D 318 14.28 22.21 32.37
CA VAL D 318 14.38 23.60 32.88
C VAL D 318 13.21 23.84 33.85
N ALA D 319 11.98 23.55 33.43
CA ALA D 319 10.78 23.88 34.22
C ALA D 319 10.86 23.13 35.56
N LYS D 320 11.17 21.83 35.50
CA LYS D 320 11.25 21.00 36.70
C LYS D 320 12.39 21.48 37.61
N SER D 321 13.52 21.92 37.06
CA SER D 321 14.65 22.46 37.83
C SER D 321 14.20 23.72 38.61
N LEU D 322 13.44 24.61 37.96
CA LEU D 322 12.98 25.89 38.58
C LEU D 322 12.02 25.57 39.72
N VAL D 323 11.13 24.59 39.55
CA VAL D 323 10.15 24.20 40.59
C VAL D 323 10.86 23.50 41.76
N LYS D 324 11.65 22.47 41.49
CA LYS D 324 12.31 21.68 42.57
C LYS D 324 13.36 22.55 43.26
N GLY D 325 13.89 23.57 42.58
CA GLY D 325 14.84 24.53 43.17
C GLY D 325 14.14 25.57 44.04
N GLY D 326 12.80 25.57 44.08
CA GLY D 326 12.01 26.46 44.94
C GLY D 326 11.85 27.87 44.38
N LEU D 327 12.13 28.11 43.11
CA LEU D 327 11.98 29.45 42.49
C LEU D 327 10.53 29.73 42.07
N CYS D 328 9.73 28.69 41.85
N CYS D 328 9.80 28.67 41.70
CA CYS D 328 8.30 28.86 41.53
CA CYS D 328 8.39 28.69 41.21
C CYS D 328 7.58 27.56 41.79
C CYS D 328 7.61 27.54 41.87
N ARG D 329 6.28 27.66 42.00
CA ARG D 329 5.41 26.51 42.33
C ARG D 329 4.95 25.85 41.03
N ARG D 330 4.76 26.65 39.98
CA ARG D 330 4.40 26.17 38.62
C ARG D 330 5.14 27.06 37.64
N VAL D 331 5.56 26.55 36.53
CA VAL D 331 6.21 27.40 35.50
C VAL D 331 6.05 26.78 34.11
N LEU D 332 6.03 27.64 33.11
CA LEU D 332 5.98 27.31 31.68
C LEU D 332 7.16 28.02 31.03
N VAL D 333 7.86 27.30 30.15
CA VAL D 333 9.05 27.77 29.40
C VAL D 333 8.75 27.56 27.91
N GLN D 334 8.86 28.60 27.10
CA GLN D 334 8.87 28.48 25.64
C GLN D 334 10.29 28.67 25.12
N VAL D 335 10.63 27.87 24.11
N VAL D 335 10.67 27.83 24.14
CA VAL D 335 11.85 28.07 23.28
CA VAL D 335 11.88 28.06 23.28
C VAL D 335 11.44 27.93 21.82
C VAL D 335 11.46 27.89 21.82
N SER D 336 12.17 28.57 20.92
CA SER D 336 11.99 28.42 19.47
C SER D 336 13.33 28.40 18.74
N TYR D 337 13.34 27.83 17.54
CA TYR D 337 14.54 27.63 16.69
C TYR D 337 14.26 28.04 15.25
N ALA D 338 15.31 28.25 14.50
CA ALA D 338 15.29 28.22 13.01
C ALA D 338 16.28 27.17 12.50
N ILE D 339 15.94 26.58 11.36
CA ILE D 339 16.82 25.57 10.70
C ILE D 339 18.18 26.22 10.46
N GLY D 340 19.24 25.54 10.86
CA GLY D 340 20.64 25.94 10.65
C GLY D 340 21.15 26.96 11.63
N VAL D 341 20.37 27.31 12.67
CA VAL D 341 20.78 28.25 13.74
C VAL D 341 20.89 27.46 15.05
N SER D 342 22.00 27.61 15.77
CA SER D 342 22.25 26.85 17.02
C SER D 342 21.49 27.50 18.18
N HIS D 343 21.64 28.80 18.37
CA HIS D 343 21.02 29.50 19.51
C HIS D 343 19.52 29.59 19.28
N PRO D 344 18.70 29.31 20.32
CA PRO D 344 17.28 29.56 20.24
C PRO D 344 16.96 31.00 19.79
N LEU D 345 15.91 31.14 19.00
CA LEU D 345 15.47 32.47 18.48
C LEU D 345 14.78 33.24 19.62
N SER D 346 14.09 32.54 20.51
CA SER D 346 13.37 33.14 21.65
C SER D 346 13.38 32.17 22.81
N ILE D 347 13.40 32.71 24.02
CA ILE D 347 13.14 31.92 25.26
C ILE D 347 12.19 32.79 26.08
N SER D 348 11.17 32.20 26.68
CA SER D 348 10.12 32.92 27.45
C SER D 348 9.72 32.12 28.67
N ILE D 349 9.30 32.82 29.75
CA ILE D 349 8.90 32.19 31.03
C ILE D 349 7.56 32.78 31.45
N PHE D 350 6.66 31.92 31.90
CA PHE D 350 5.40 32.31 32.56
C PHE D 350 5.34 31.57 33.90
N HIS D 351 5.29 32.30 35.03
CA HIS D 351 5.40 31.64 36.36
C HIS D 351 4.03 31.59 37.04
N TYR D 352 2.95 31.99 36.36
CA TYR D 352 1.56 31.86 36.87
C TYR D 352 1.33 32.63 38.17
N GLY D 353 2.19 33.61 38.46
CA GLY D 353 2.20 34.40 39.72
C GLY D 353 2.73 33.59 40.91
N THR D 354 3.54 32.55 40.69
CA THR D 354 3.98 31.63 41.77
C THR D 354 5.44 31.84 42.15
N SER D 355 6.05 32.95 41.75
CA SER D 355 7.47 33.26 42.09
C SER D 355 7.57 34.63 42.76
N GLN D 356 8.51 34.77 43.68
CA GLN D 356 8.92 36.09 44.23
C GLN D 356 9.73 36.84 43.17
N LYS D 357 10.36 36.12 42.23
CA LYS D 357 11.15 36.74 41.13
C LYS D 357 10.24 37.05 39.94
N SER D 358 10.58 38.10 39.21
CA SER D 358 9.93 38.44 37.93
C SER D 358 10.27 37.36 36.90
N GLU D 359 9.47 37.31 35.85
CA GLU D 359 9.72 36.44 34.67
C GLU D 359 11.07 36.84 34.06
N ARG D 360 11.40 38.13 34.03
CA ARG D 360 12.70 38.61 33.49
C ARG D 360 13.85 37.98 34.32
N GLU D 361 13.75 38.01 35.65
CA GLU D 361 14.80 37.48 36.55
C GLU D 361 14.89 35.96 36.35
N LEU D 362 13.77 35.25 36.28
CA LEU D 362 13.78 33.77 36.03
C LEU D 362 14.45 33.47 34.69
N LEU D 363 14.16 34.25 33.66
CA LEU D 363 14.78 34.08 32.33
C LEU D 363 16.29 34.27 32.42
N GLU D 364 16.78 35.23 33.19
CA GLU D 364 18.25 35.44 33.41
C GLU D 364 18.85 34.21 34.10
N ILE D 365 18.14 33.63 35.08
CA ILE D 365 18.61 32.42 35.82
C ILE D 365 18.73 31.25 34.82
N VAL D 366 17.73 31.09 33.98
CA VAL D 366 17.70 30.01 32.94
C VAL D 366 18.90 30.19 32.00
N LYS D 367 19.12 31.42 31.52
CA LYS D 367 20.17 31.70 30.51
C LYS D 367 21.55 31.49 31.15
N LYS D 368 21.67 31.74 32.46
CA LYS D 368 22.93 31.54 33.20
C LYS D 368 23.17 30.04 33.47
N ASN D 369 22.13 29.22 33.57
CA ASN D 369 22.27 27.81 34.02
C ASN D 369 22.16 26.79 32.88
N PHE D 370 21.53 27.14 31.76
CA PHE D 370 21.21 26.19 30.68
C PHE D 370 21.76 26.71 29.35
N ASP D 371 22.23 25.78 28.53
CA ASP D 371 22.66 26.03 27.13
C ASP D 371 21.69 25.21 26.26
N LEU D 372 20.71 25.86 25.65
CA LEU D 372 19.61 25.19 24.91
C LEU D 372 19.92 25.09 23.41
N ARG D 373 21.20 25.15 23.05
CA ARG D 373 21.64 24.74 21.69
C ARG D 373 21.43 23.23 21.53
N PRO D 374 20.92 22.76 20.36
CA PRO D 374 20.55 21.36 20.20
C PRO D 374 21.72 20.40 20.44
N GLY D 375 22.93 20.77 20.04
CA GLY D 375 24.14 19.93 20.21
C GLY D 375 24.48 19.78 21.68
N VAL D 376 24.16 20.78 22.49
CA VAL D 376 24.51 20.78 23.94
C VAL D 376 23.45 19.99 24.68
N ILE D 377 22.19 20.15 24.30
CA ILE D 377 21.07 19.37 24.91
C ILE D 377 21.38 17.89 24.80
N VAL D 378 21.79 17.43 23.62
CA VAL D 378 22.03 16.01 23.34
C VAL D 378 23.09 15.47 24.30
N ARG D 379 24.15 16.23 24.52
CA ARG D 379 25.25 15.86 25.45
C ARG D 379 24.72 15.86 26.89
N ASP D 380 24.03 16.93 27.31
CA ASP D 380 23.62 17.09 28.74
C ASP D 380 22.58 16.04 29.13
N LEU D 381 21.68 15.65 28.22
CA LEU D 381 20.61 14.68 28.51
C LEU D 381 20.90 13.29 27.91
N ASP D 382 22.11 13.04 27.40
CA ASP D 382 22.59 11.70 26.97
C ASP D 382 21.60 11.10 25.96
N LEU D 383 21.24 11.84 24.91
CA LEU D 383 20.07 11.48 24.09
C LEU D 383 20.42 10.49 22.95
N LYS D 384 21.67 10.04 22.83
CA LYS D 384 22.02 9.04 21.79
C LYS D 384 21.64 7.62 22.23
N LYS D 385 21.20 7.43 23.48
CA LYS D 385 20.89 6.10 24.05
C LYS D 385 19.54 5.61 23.49
N PRO D 386 19.41 4.30 23.22
CA PRO D 386 18.10 3.75 22.78
C PRO D 386 17.11 3.55 23.95
N ILE D 387 16.59 4.65 24.46
CA ILE D 387 15.67 4.67 25.64
C ILE D 387 14.27 5.10 25.18
N TYR D 388 14.03 5.25 23.88
CA TYR D 388 12.85 6.02 23.39
C TYR D 388 11.57 5.18 23.41
N GLN D 389 11.62 3.88 23.17
CA GLN D 389 10.37 3.07 23.17
C GLN D 389 9.67 3.21 24.54
N ARG D 390 10.43 3.30 25.63
CA ARG D 390 9.89 3.45 27.01
C ARG D 390 9.03 4.74 27.14
N THR D 391 9.34 5.80 26.38
CA THR D 391 8.64 7.09 26.44
C THR D 391 7.29 7.05 25.69
N ALA D 392 7.05 6.05 24.83
CA ALA D 392 6.02 6.12 23.77
C ALA D 392 4.65 5.73 24.32
N ALA D 393 4.56 5.23 25.55
CA ALA D 393 3.26 5.13 26.26
C ALA D 393 3.43 5.61 27.71
N TYR D 394 2.34 6.12 28.27
CA TYR D 394 2.24 6.57 29.69
C TYR D 394 2.96 7.89 29.94
N GLY D 395 3.29 8.66 28.89
CA GLY D 395 3.78 10.02 28.97
C GLY D 395 5.30 10.07 28.88
N HIS D 396 5.81 11.16 28.32
CA HIS D 396 7.27 11.39 28.23
C HIS D 396 7.82 11.98 29.53
N PHE D 397 6.93 12.53 30.37
CA PHE D 397 7.31 13.36 31.54
C PHE D 397 6.76 12.79 32.84
N GLY D 398 7.46 13.07 33.94
CA GLY D 398 7.07 12.69 35.31
C GLY D 398 7.44 11.28 35.66
N ARG D 399 8.29 10.62 34.88
CA ARG D 399 8.63 9.22 35.19
C ARG D 399 10.09 9.08 35.60
N ASP D 400 10.37 7.93 36.21
CA ASP D 400 11.70 7.58 36.77
C ASP D 400 12.70 7.40 35.62
N SER D 401 13.94 7.81 35.87
CA SER D 401 15.13 7.33 35.15
C SER D 401 15.18 7.90 33.73
N PHE D 402 14.54 9.06 33.47
CA PHE D 402 14.81 9.83 32.25
C PHE D 402 15.70 11.00 32.66
N PRO D 403 16.79 11.31 31.93
CA PRO D 403 17.69 12.41 32.31
C PRO D 403 17.03 13.78 32.44
N TRP D 404 15.96 14.04 31.68
CA TRP D 404 15.23 15.34 31.72
C TRP D 404 14.36 15.45 32.98
N GLU D 405 14.26 14.38 33.77
CA GLU D 405 13.48 14.33 35.04
C GLU D 405 14.41 14.48 36.24
N VAL D 406 15.73 14.64 36.04
CA VAL D 406 16.67 14.89 37.16
C VAL D 406 16.88 16.39 37.22
N PRO D 407 16.35 17.10 38.23
CA PRO D 407 16.50 18.55 38.29
C PRO D 407 17.98 18.93 38.36
N LYS D 408 18.36 20.00 37.67
CA LYS D 408 19.69 20.64 37.81
C LYS D 408 19.66 21.55 39.03
N LYS D 409 20.68 21.48 39.87
CA LYS D 409 20.96 22.48 40.93
C LYS D 409 21.35 23.81 40.24
N LEU D 410 20.62 24.89 40.55
CA LEU D 410 20.77 26.18 39.85
C LEU D 410 21.66 27.13 40.68
N LYS D 411 22.47 27.94 39.98
CA LYS D 411 23.34 28.99 40.55
C LYS D 411 22.72 30.34 40.22
N TYR D 412 22.51 31.20 41.21
CA TYR D 412 21.92 32.55 41.03
C TYR D 412 22.12 33.39 42.29
C2 UM6 E . 5.28 -34.13 -25.33
C3 UM6 E . 4.37 -33.35 -25.95
C4 UM6 E . 3.36 -33.89 -26.73
C6 UM6 E . 1.22 -33.65 -27.83
C11 UM6 E . 4.25 -36.09 -26.17
C12 UM6 E . 5.26 -35.52 -25.48
N13 UM6 E . 2.16 -37.05 -28.34
C15 UM6 E . 1.56 -38.85 -29.83
C15 UM6 E . 2.84 -39.00 -29.56
C17 UM6 E . 3.09 -38.81 -29.72
C17 UM6 E . 1.30 -39.00 -29.56
C18 UM6 E . 3.23 -38.09 -28.33
C18 UM6 E . 1.08 -37.47 -29.26
C19 UM6 E . 2.38 -31.72 -27.14
C21 UM6 E . 2.95 -29.69 -28.32
C23 UM6 E . 2.07 -29.67 -26.09
C24 UM6 E . 1.96 -31.04 -26.03
CL1 UM6 E . 6.60 -33.43 -24.49
N5 UM6 E . 2.33 -33.12 -27.27
O7 UM6 E . 0.28 -32.93 -28.21
N8 UM6 E . 1.21 -34.98 -28.11
C9 UM6 E . 2.17 -35.81 -27.72
C10 UM6 E . 3.26 -35.31 -26.85
C14 UM6 E . 1.16 -37.43 -29.35
C14 UM6 E . 3.16 -38.14 -28.32
F16 UM6 E . 1.07 -39.76 -28.90
F16 UM6 E . 3.32 -38.32 -30.68
C20 UM6 E . 2.85 -31.07 -28.27
C22 UM6 E . 2.53 -29.00 -27.20
C1 GOL F . -20.14 -18.10 -34.43
O1 GOL F . -18.86 -17.48 -34.50
C2 GOL F . -21.14 -17.49 -35.40
O2 GOL F . -21.14 -16.06 -35.33
C3 GOL F . -22.55 -17.99 -35.17
O3 GOL F . -23.41 -17.63 -36.25
C1 GOL G . -12.67 -38.68 -15.04
O1 GOL G . -13.06 -38.79 -13.67
C2 GOL G . -13.77 -38.06 -15.86
O2 GOL G . -14.13 -36.79 -15.31
C3 GOL G . -13.40 -37.88 -17.32
O3 GOL G . -14.53 -37.93 -18.17
C1 GOL H . -5.61 7.37 -17.19
O1 GOL H . -4.39 7.96 -16.75
C2 GOL H . -5.62 5.88 -16.93
O2 GOL H . -4.71 5.21 -17.80
C3 GOL H . -5.31 5.52 -15.50
O3 GOL H . -5.60 4.15 -15.21
C1 GOL I . 6.35 -51.88 -8.96
O1 GOL I . 6.48 -50.56 -9.47
C2 GOL I . 7.34 -52.16 -7.84
O2 GOL I . 8.66 -51.80 -8.24
C3 GOL I . 6.98 -51.45 -6.57
O3 GOL I . 6.92 -50.03 -6.74
MG MG J . -1.51 -5.13 -17.28
N SAM K . -5.74 -2.89 -19.12
CA SAM K . -6.15 -2.27 -20.44
C SAM K . -7.57 -1.71 -20.35
O SAM K . -8.36 -1.75 -21.33
OXT SAM K . -7.95 -1.16 -19.29
CB SAM K . -6.06 -3.30 -21.58
CG SAM K . -4.65 -3.77 -21.86
SD SAM K . -3.53 -2.49 -22.53
CE SAM K . -4.15 -2.30 -24.21
C5' SAM K . -2.15 -3.67 -22.66
C4' SAM K . -0.88 -3.07 -23.21
O4' SAM K . -1.21 -2.42 -24.45
C3' SAM K . -0.22 -1.99 -22.36
O3' SAM K . 0.61 -2.60 -21.37
C2' SAM K . 0.58 -1.24 -23.43
O2' SAM K . 1.79 -1.86 -23.79
C1' SAM K . -0.39 -1.27 -24.61
N9 SAM K . -1.22 -0.07 -24.72
C8 SAM K . -1.61 0.79 -23.73
N7 SAM K . -2.29 1.82 -24.16
C5 SAM K . -2.32 1.66 -25.53
C6 SAM K . -2.90 2.43 -26.56
N6 SAM K . -3.52 3.61 -26.35
N1 SAM K . -2.77 1.98 -27.83
C2 SAM K . -2.12 0.82 -28.02
N3 SAM K . -1.55 0.00 -27.14
C4 SAM K . -1.68 0.48 -25.89
C2 UM6 L . -0.96 -24.28 -35.24
C3 UM6 L . -0.06 -24.89 -34.42
C4 UM6 L . 1.06 -25.56 -34.91
C6 UM6 L . 3.25 -26.55 -34.60
C11 UM6 L . 0.28 -24.97 -37.14
C12 UM6 L . -0.82 -24.35 -36.62
N13 UM6 L . 2.49 -26.93 -38.05
C15 UM6 L . 3.26 -28.40 -39.78
C17 UM6 L . 1.75 -28.40 -39.84
C18 UM6 L . 1.48 -27.01 -39.13
C19 UM6 L . 1.91 -26.01 -32.69
C21 UM6 L . 1.25 -27.31 -30.71
C23 UM6 L . 2.01 -25.05 -30.53
C24 UM6 L . 2.20 -24.91 -31.90
CL1 UM6 L . -2.35 -23.53 -34.58
N5 UM6 L . 2.06 -26.08 -34.09
O7 UM6 L . 4.16 -26.92 -33.83
N8 UM6 L . 3.35 -26.76 -35.92
C9 UM6 L . 2.41 -26.38 -36.80
C10 UM6 L . 1.25 -25.59 -36.32
C14 UM6 L . 3.59 -27.84 -38.39
F16 UM6 L . 3.75 -27.52 -40.70
C20 UM6 L . 1.44 -27.19 -32.08
C22 UM6 L . 1.57 -26.20 -29.93
CL CL M . -0.32 -6.72 -22.13
C1 GOL N . 17.29 -14.76 -37.98
O1 GOL N . 18.26 -15.64 -37.41
C2 GOL N . 17.67 -13.31 -37.81
O2 GOL N . 18.13 -13.09 -36.46
C3 GOL N . 16.55 -12.35 -38.14
O3 GOL N . 15.92 -12.67 -39.38
C2 UM6 O . 4.85 32.20 28.07
C3 UM6 O . 3.53 31.87 28.08
C4 UM6 O . 2.53 32.83 28.31
C6 UM6 O . 0.26 33.57 28.16
C11 UM6 O . 4.32 34.47 28.48
C12 UM6 O . 5.26 33.49 28.31
N13 UM6 O . 2.06 36.38 29.40
C15 UM6 O . 1.50 38.34 30.68
C17 UM6 O . 2.75 37.74 31.31
C18 UM6 O . 3.28 36.92 30.05
C19 UM6 O . 0.75 31.27 27.96
C21 UM6 O . -0.06 29.25 29.05
C23 UM6 O . 0.23 29.36 26.66
C24 UM6 O . 0.70 30.66 26.71
CL1 UM6 O . 6.07 30.98 27.89
N5 UM6 O . 1.18 32.58 28.19
O7 UM6 O . -0.93 33.31 27.97
N8 UM6 O . 0.60 34.85 28.50
C9 UM6 O . 1.87 35.18 28.74
C10 UM6 O . 2.94 34.19 28.50
C14 UM6 O . 0.91 37.21 29.82
F16 UM6 O . 1.85 39.36 29.80
C20 UM6 O . 0.39 30.56 29.13
C22 UM6 O . -0.15 28.66 27.78
C1 GOL P . -2.44 41.78 10.55
O1 GOL P . -1.64 42.67 11.31
C2 GOL P . -3.92 42.00 10.79
O2 GOL P . -4.68 41.05 10.06
C3 GOL P . -4.29 41.93 12.27
O3 GOL P . -5.61 42.40 12.52
N SAM Q . -12.60 7.22 14.08
CA SAM Q . -13.78 6.76 14.88
C SAM Q . -15.04 6.81 14.00
O SAM Q . -15.04 6.43 12.82
OXT SAM Q . -16.08 7.25 14.52
CB SAM Q . -13.98 7.65 16.10
CG SAM Q . -12.78 7.70 17.02
SD SAM Q . -12.59 6.16 17.95
CE SAM Q . -13.94 6.31 19.11
C5' SAM Q . -11.19 6.74 18.92
C4' SAM Q . -10.72 5.72 19.93
O4' SAM Q . -11.85 5.35 20.75
C3' SAM Q . -10.21 4.40 19.40
O3' SAM Q . -8.85 4.50 18.99
C2' SAM Q . -10.37 3.50 20.63
O2' SAM Q . -9.36 3.62 21.61
C1' SAM Q . -11.66 4.03 21.23
N9 SAM Q . -12.80 3.23 20.86
C8 SAM Q . -12.97 2.49 19.72
N7 SAM Q . -14.11 1.83 19.69
C5 SAM Q . -14.72 2.16 20.90
C6 SAM Q . -15.94 1.79 21.49
N6 SAM Q . -16.81 0.95 20.93
N1 SAM Q . -16.23 2.30 22.70
C2 SAM Q . -15.34 3.12 23.28
N3 SAM Q . -14.18 3.55 22.83
C4 SAM Q . -13.91 3.02 21.63
MG MG R . -7.65 7.34 14.62
C2 UM6 S . -8.58 26.59 32.47
C3 UM6 S . -7.22 26.70 32.28
C4 UM6 S . -6.34 26.91 33.34
C6 UM6 S . -4.15 27.00 34.27
C11 UM6 S . -8.30 27.07 34.79
C12 UM6 S . -9.12 26.83 33.73
N13 UM6 S . -6.28 28.03 36.93
C15 UM6 S . -5.95 29.23 38.99
C17 UM6 S . -7.20 29.76 38.29
C18 UM6 S . -7.59 28.54 37.37
C19 UM6 S . -4.40 26.78 31.92
C21 UM6 S . -3.53 28.03 30.02
C23 UM6 S . -3.67 25.64 29.98
C24 UM6 S . -4.22 25.60 31.27
CL1 UM6 S . -9.67 26.38 31.15
N5 UM6 S . -4.97 26.93 33.22
O7 UM6 S . -2.95 26.92 34.09
N8 UM6 S . -4.62 27.31 35.51
C9 UM6 S . -5.94 27.43 35.73
C10 UM6 S . -6.90 27.14 34.66
C14 UM6 S . -5.23 28.46 37.87
F16 UM6 S . -6.20 28.25 39.92
C20 UM6 S . -4.07 27.99 31.27
C22 UM6 S . -3.32 26.83 29.36
C1 GOL T . 0.69 11.30 42.35
O1 GOL T . 1.97 11.70 42.83
C2 GOL T . 0.15 10.14 43.16
O2 GOL T . 1.16 9.15 43.31
C3 GOL T . -1.10 9.52 42.57
O3 GOL T . -0.81 8.68 41.45
CL CL U . -8.49 9.12 19.49
#